data_8RU0
#
_entry.id   8RU0
#
_cell.length_a   1.00
_cell.length_b   1.00
_cell.length_c   1.00
_cell.angle_alpha   90.00
_cell.angle_beta   90.00
_cell.angle_gamma   90.00
#
_symmetry.space_group_name_H-M   'P 1'
#
loop_
_entity.id
_entity.type
_entity.pdbx_description
1 polymer 'Actin, alpha skeletal muscle'
2 non-polymer "ADENOSINE-5'-DIPHOSPHATE"
3 non-polymer 'MAGNESIUM ION'
4 non-polymer 'PHOSPHATE ION'
5 non-polymer "ADENOSINE-5'-TRIPHOSPHATE"
#
_entity_poly.entity_id   1
_entity_poly.type   'polypeptide(L)'
_entity_poly.pdbx_seq_one_letter_code
;DEDETTALVCDNGSGLVKAGFAGDDAPRAVFPSIVGRPRHQGVMVGMGQKDSYVGDEAQSKRGILTLKYPIE(HIC)GII
TNWDDMEKIWHHTFYNELRVAPEEHPTLLTEAPLNPKANREKMTQIMFETFNVPAMYVAIQAVLSLYASGRTTGIVLDSG
DGVTHNVPIYEGYALPHAIMRLDLAGRDLTDYLMKILTERGYSFVTTAEREIVRDIKEKLCYVALDFENEMATAASSSSL
EKSYELPDGQVITIGNERFRCPETLFQPSFIGMESAGIHETTYNSIMKCDIDIRKDLYANNVMSGGTTMYPGIADRMQKE
ITALAPSTMKIKIIAPPERKYSVWIGGSILASLSTFQQMWITKQEYDEAGPSIVHRKCF
;
_entity_poly.pdbx_strand_id   B,A,C,D
#
loop_
_chem_comp.id
_chem_comp.type
_chem_comp.name
_chem_comp.formula
ADP non-polymer ADENOSINE-5'-DIPHOSPHATE 'C10 H15 N5 O10 P2'
ATP non-polymer ADENOSINE-5'-TRIPHOSPHATE 'C10 H16 N5 O13 P3'
MG non-polymer 'MAGNESIUM ION' 'Mg 2'
PO4 non-polymer 'PHOSPHATE ION' 'O4 P -3'
#
# COMPACT_ATOMS: atom_id res chain seq x y z
N THR A 5 -16.28 6.19 -39.77
CA THR A 5 -16.07 4.84 -40.27
C THR A 5 -15.46 3.94 -39.20
N THR A 6 -14.36 3.28 -39.55
CA THR A 6 -13.68 2.41 -38.60
C THR A 6 -13.06 3.23 -37.48
N ALA A 7 -13.20 2.74 -36.25
CA ALA A 7 -12.70 3.44 -35.08
C ALA A 7 -11.24 3.07 -34.84
N LEU A 8 -10.37 4.08 -34.75
CA LEU A 8 -8.97 3.85 -34.52
C LEU A 8 -8.71 3.47 -33.07
N VAL A 9 -7.64 2.71 -32.84
CA VAL A 9 -7.19 2.33 -31.51
C VAL A 9 -5.72 2.69 -31.40
N CYS A 10 -5.37 3.51 -30.42
CA CYS A 10 -4.00 3.96 -30.20
C CYS A 10 -3.61 3.64 -28.76
N ASP A 11 -2.76 2.63 -28.59
CA ASP A 11 -2.29 2.22 -27.27
C ASP A 11 -0.92 2.85 -27.00
N ASN A 12 -0.92 4.17 -26.88
CA ASN A 12 0.30 4.90 -26.58
C ASN A 12 0.78 4.56 -25.17
N GLY A 13 2.09 4.29 -25.04
CA GLY A 13 2.67 3.90 -23.77
C GLY A 13 4.02 4.54 -23.56
N SER A 14 4.60 4.23 -22.40
CA SER A 14 5.92 4.77 -22.06
C SER A 14 6.99 4.25 -23.02
N GLY A 15 6.91 2.99 -23.39
CA GLY A 15 7.88 2.39 -24.30
C GLY A 15 7.39 2.30 -25.72
N LEU A 16 6.97 1.11 -26.14
CA LEU A 16 6.45 0.91 -27.49
C LEU A 16 5.08 1.55 -27.63
N VAL A 17 4.81 2.08 -28.82
CA VAL A 17 3.51 2.66 -29.17
C VAL A 17 2.82 1.72 -30.13
N LYS A 18 1.60 1.31 -29.77
CA LYS A 18 0.82 0.39 -30.57
C LYS A 18 -0.40 1.11 -31.14
N ALA A 19 -0.59 1.00 -32.45
CA ALA A 19 -1.71 1.63 -33.12
C ALA A 19 -2.24 0.71 -34.21
N GLY A 20 -3.49 0.94 -34.60
CA GLY A 20 -4.11 0.12 -35.61
C GLY A 20 -5.60 0.40 -35.71
N PHE A 21 -6.32 -0.55 -36.29
CA PHE A 21 -7.76 -0.46 -36.44
C PHE A 21 -8.45 -1.52 -35.58
N ALA A 22 -9.67 -1.19 -35.15
CA ALA A 22 -10.42 -2.13 -34.33
C ALA A 22 -10.90 -3.30 -35.17
N GLY A 23 -10.90 -4.49 -34.56
CA GLY A 23 -11.32 -5.71 -35.22
C GLY A 23 -10.20 -6.60 -35.69
N ASP A 24 -8.98 -6.08 -35.78
CA ASP A 24 -7.84 -6.88 -36.20
C ASP A 24 -7.30 -7.69 -35.03
N ASP A 25 -6.24 -8.45 -35.29
CA ASP A 25 -5.61 -9.29 -34.27
C ASP A 25 -4.33 -8.70 -33.72
N ALA A 26 -3.55 -8.00 -34.54
CA ALA A 26 -2.29 -7.43 -34.12
C ALA A 26 -2.22 -5.96 -34.53
N PRO A 27 -1.49 -5.14 -33.77
CA PRO A 27 -1.35 -3.72 -34.14
C PRO A 27 -0.69 -3.57 -35.50
N ARG A 28 -1.14 -2.55 -36.24
CA ARG A 28 -0.57 -2.29 -37.56
C ARG A 28 0.84 -1.75 -37.46
N ALA A 29 1.07 -0.80 -36.55
CA ALA A 29 2.38 -0.17 -36.39
C ALA A 29 2.79 -0.22 -34.93
N VAL A 30 4.00 -0.72 -34.68
CA VAL A 30 4.58 -0.77 -33.34
C VAL A 30 5.98 -0.21 -33.44
N PHE A 31 6.18 1.00 -32.90
CA PHE A 31 7.45 1.69 -32.96
C PHE A 31 7.74 2.32 -31.62
N PRO A 32 9.02 2.53 -31.29
CA PRO A 32 9.37 3.15 -30.01
C PRO A 32 8.85 4.58 -29.92
N SER A 33 8.55 5.01 -28.69
CA SER A 33 8.06 6.35 -28.43
C SER A 33 9.22 7.26 -28.01
N ILE A 34 10.03 7.61 -29.01
CA ILE A 34 11.17 8.50 -28.80
C ILE A 34 11.15 9.58 -29.87
N VAL A 35 11.76 10.71 -29.53
CA VAL A 35 11.98 11.81 -30.47
C VAL A 35 13.44 12.21 -30.38
N GLY A 36 14.12 12.25 -31.52
CA GLY A 36 15.54 12.54 -31.57
C GLY A 36 15.81 13.86 -32.27
N ARG A 37 16.82 14.58 -31.78
CA ARG A 37 17.25 15.85 -32.35
C ARG A 37 18.76 15.86 -32.50
N PRO A 38 19.29 16.54 -33.51
CA PRO A 38 20.74 16.54 -33.72
C PRO A 38 21.48 17.20 -32.58
N ARG A 39 22.66 16.67 -32.29
CA ARG A 39 23.52 17.23 -31.25
C ARG A 39 24.91 17.57 -31.76
N HIS A 40 25.19 17.39 -33.04
CA HIS A 40 26.47 17.72 -33.64
C HIS A 40 26.29 18.84 -34.66
N GLN A 41 27.37 19.19 -35.34
CA GLN A 41 27.38 20.28 -36.31
C GLN A 41 27.34 19.71 -37.72
N GLY A 42 26.35 20.13 -38.50
CA GLY A 42 26.27 19.69 -39.88
C GLY A 42 27.34 20.34 -40.74
N VAL A 43 27.93 19.54 -41.63
CA VAL A 43 29.02 20.01 -42.48
C VAL A 43 28.61 19.88 -43.94
N MET A 44 27.76 18.90 -44.24
CA MET A 44 27.34 18.63 -45.62
C MET A 44 25.97 19.29 -45.84
N VAL A 45 25.98 20.39 -46.58
CA VAL A 45 24.74 21.11 -46.87
C VAL A 45 24.00 20.42 -48.01
N GLY A 46 22.69 20.63 -48.04
CA GLY A 46 21.86 20.02 -49.07
C GLY A 46 21.78 18.51 -49.00
N MET A 47 21.80 17.94 -47.79
CA MET A 47 21.72 16.50 -47.60
C MET A 47 20.34 16.04 -47.15
N GLY A 48 19.33 16.91 -47.26
CA GLY A 48 17.96 16.61 -46.81
C GLY A 48 17.97 16.21 -45.33
N GLN A 49 18.68 17.00 -44.53
CA GLN A 49 18.82 16.73 -43.10
C GLN A 49 17.55 17.18 -42.39
N LYS A 50 16.75 16.22 -41.93
CA LYS A 50 15.51 16.55 -41.21
C LYS A 50 15.83 17.11 -39.84
N ASP A 51 14.89 17.91 -39.32
CA ASP A 51 15.09 18.56 -38.03
C ASP A 51 14.97 17.55 -36.90
N SER A 52 13.83 16.86 -36.80
CA SER A 52 13.58 15.91 -35.74
C SER A 52 13.13 14.57 -36.33
N TYR A 53 13.43 13.50 -35.61
CA TYR A 53 13.09 12.15 -36.03
C TYR A 53 12.32 11.45 -34.92
N VAL A 54 11.36 10.62 -35.31
CA VAL A 54 10.51 9.89 -34.39
C VAL A 54 10.43 8.44 -34.83
N GLY A 55 10.05 7.57 -33.90
CA GLY A 55 9.85 6.17 -34.24
C GLY A 55 11.14 5.47 -34.58
N ASP A 56 11.05 4.53 -35.54
CA ASP A 56 12.22 3.75 -35.94
C ASP A 56 13.24 4.61 -36.67
N GLU A 57 12.83 5.76 -37.19
CA GLU A 57 13.78 6.66 -37.85
C GLU A 57 14.84 7.16 -36.87
N ALA A 58 14.41 7.53 -35.66
CA ALA A 58 15.37 7.95 -34.64
C ALA A 58 16.23 6.79 -34.18
N GLN A 59 15.66 5.60 -34.06
CA GLN A 59 16.42 4.44 -33.60
C GLN A 59 17.51 4.06 -34.59
N SER A 60 17.24 4.14 -35.90
CA SER A 60 18.25 3.80 -36.89
C SER A 60 19.42 4.77 -36.86
N LYS A 61 19.13 6.06 -36.68
CA LYS A 61 20.16 7.10 -36.63
C LYS A 61 20.40 7.60 -35.20
N ARG A 62 20.35 6.69 -34.22
CA ARG A 62 20.51 7.09 -32.83
C ARG A 62 21.93 7.53 -32.49
N GLY A 63 22.89 7.29 -33.39
CA GLY A 63 24.27 7.60 -33.08
C GLY A 63 24.59 9.08 -33.05
N ILE A 64 23.76 9.91 -33.68
CA ILE A 64 24.02 11.34 -33.75
C ILE A 64 22.87 12.13 -33.12
N LEU A 65 21.99 11.43 -32.40
CA LEU A 65 20.82 12.07 -31.80
C LEU A 65 20.80 11.77 -30.30
N THR A 66 19.92 12.49 -29.61
CA THR A 66 19.65 12.26 -28.20
C THR A 66 18.21 11.80 -28.08
N LEU A 67 18.02 10.51 -27.79
CA LEU A 67 16.67 9.95 -27.72
C LEU A 67 15.99 10.40 -26.44
N LYS A 68 14.80 10.98 -26.58
CA LYS A 68 14.03 11.52 -25.47
C LYS A 68 12.64 10.90 -25.47
N TYR A 69 12.26 10.32 -24.33
CA TYR A 69 10.93 9.74 -24.19
C TYR A 69 9.95 10.80 -23.70
N PRO A 70 8.89 11.10 -24.44
CA PRO A 70 7.92 12.11 -23.99
C PRO A 70 6.93 11.61 -22.96
N ILE A 71 6.95 10.32 -22.62
CA ILE A 71 6.06 9.75 -21.60
C ILE A 71 6.92 9.09 -20.54
N GLU A 72 6.77 9.52 -19.30
CA GLU A 72 7.53 8.95 -18.19
C GLU A 72 6.59 8.49 -17.08
N HIC A 73 6.70 7.21 -16.71
CA HIC A 73 5.89 6.60 -15.66
C HIC A 73 4.39 6.74 -15.94
O HIC A 73 3.59 6.93 -15.02
CB HIC A 73 6.22 7.21 -14.30
CG HIC A 73 7.57 6.82 -13.81
ND1 HIC A 73 7.93 5.51 -13.64
CD2 HIC A 73 8.62 7.63 -13.47
CE1 HIC A 73 9.17 5.54 -13.20
NE2 HIC A 73 9.63 6.80 -13.09
CZ HIC A 73 10.95 7.19 -12.64
N GLY A 74 4.02 6.65 -17.22
CA GLY A 74 2.62 6.71 -17.61
C GLY A 74 2.08 8.12 -17.80
N ILE A 75 2.72 9.09 -17.17
CA ILE A 75 2.30 10.48 -17.24
C ILE A 75 3.02 11.16 -18.40
N ILE A 76 2.25 11.83 -19.27
CA ILE A 76 2.84 12.52 -20.40
C ILE A 76 3.57 13.76 -19.91
N THR A 77 4.85 13.88 -20.26
CA THR A 77 5.70 14.96 -19.77
C THR A 77 5.77 16.12 -20.77
N ASN A 78 6.13 15.84 -22.02
CA ASN A 78 6.28 16.86 -23.06
C ASN A 78 5.06 16.78 -23.96
N TRP A 79 4.32 17.89 -24.04
CA TRP A 79 3.11 17.95 -24.86
C TRP A 79 3.36 18.47 -26.26
N ASP A 80 4.62 18.76 -26.61
CA ASP A 80 4.98 19.10 -27.98
C ASP A 80 5.52 17.87 -28.71
N ASP A 81 6.38 17.09 -28.05
CA ASP A 81 6.88 15.87 -28.65
C ASP A 81 5.76 14.83 -28.80
N MET A 82 4.82 14.83 -27.85
CA MET A 82 3.69 13.90 -27.94
C MET A 82 2.82 14.20 -29.15
N GLU A 83 2.59 15.49 -29.44
CA GLU A 83 1.82 15.84 -30.62
C GLU A 83 2.56 15.42 -31.90
N LYS A 84 3.89 15.50 -31.88
CA LYS A 84 4.68 15.02 -33.02
C LYS A 84 4.50 13.52 -33.22
N ILE A 85 4.48 12.75 -32.12
CA ILE A 85 4.33 11.31 -32.24
C ILE A 85 2.95 10.94 -32.79
N TRP A 86 1.90 11.59 -32.26
CA TRP A 86 0.56 11.30 -32.75
C TRP A 86 0.38 11.70 -34.20
N HIS A 87 0.95 12.83 -34.60
CA HIS A 87 0.89 13.24 -36.00
C HIS A 87 1.60 12.24 -36.90
N HIS A 88 2.76 11.76 -36.47
CA HIS A 88 3.45 10.71 -37.22
C HIS A 88 2.66 9.41 -37.21
N THR A 89 2.04 9.09 -36.07
CA THR A 89 1.27 7.85 -35.97
C THR A 89 0.06 7.85 -36.89
N PHE A 90 -0.54 9.02 -37.12
CA PHE A 90 -1.77 9.10 -37.88
C PHE A 90 -1.55 9.29 -39.38
N TYR A 91 -0.57 10.12 -39.76
CA TYR A 91 -0.37 10.47 -41.16
C TYR A 91 0.73 9.65 -41.84
N ASN A 92 1.61 8.99 -41.07
CA ASN A 92 2.70 8.23 -41.65
C ASN A 92 2.61 6.74 -41.38
N GLU A 93 2.47 6.34 -40.11
CA GLU A 93 2.41 4.93 -39.79
C GLU A 93 1.08 4.31 -40.22
N LEU A 94 -0.02 5.02 -39.97
CA LEU A 94 -1.34 4.52 -40.35
C LEU A 94 -1.84 5.07 -41.68
N ARG A 95 -1.34 6.24 -42.10
CA ARG A 95 -1.73 6.86 -43.38
C ARG A 95 -3.23 7.06 -43.46
N VAL A 96 -3.84 7.55 -42.38
CA VAL A 96 -5.27 7.78 -42.32
C VAL A 96 -5.52 9.22 -41.87
N ALA A 97 -6.72 9.71 -42.17
CA ALA A 97 -7.11 11.06 -41.79
C ALA A 97 -7.83 11.02 -40.46
N PRO A 98 -7.31 11.65 -39.41
CA PRO A 98 -7.99 11.62 -38.10
C PRO A 98 -9.35 12.30 -38.11
N GLU A 99 -9.63 13.14 -39.11
CA GLU A 99 -10.89 13.86 -39.17
C GLU A 99 -12.09 12.94 -39.39
N GLU A 100 -11.86 11.71 -39.85
CA GLU A 100 -12.95 10.81 -40.21
C GLU A 100 -13.02 9.55 -39.36
N HIS A 101 -12.14 9.38 -38.38
CA HIS A 101 -12.12 8.17 -37.56
C HIS A 101 -12.12 8.53 -36.08
N PRO A 102 -13.07 8.03 -35.30
CA PRO A 102 -12.97 8.14 -33.85
C PRO A 102 -11.77 7.36 -33.33
N THR A 103 -11.18 7.85 -32.24
CA THR A 103 -9.96 7.27 -31.70
C THR A 103 -10.22 6.82 -30.26
N LEU A 104 -9.89 5.57 -29.97
CA LEU A 104 -10.00 5.03 -28.62
C LEU A 104 -8.61 5.05 -27.99
N LEU A 105 -8.42 5.93 -27.00
CA LEU A 105 -7.14 6.06 -26.33
C LEU A 105 -7.11 5.19 -25.08
N THR A 106 -5.96 5.17 -24.41
CA THR A 106 -5.77 4.29 -23.27
C THR A 106 -4.87 4.98 -22.25
N GLU A 107 -5.24 4.89 -20.97
CA GLU A 107 -4.51 5.56 -19.91
C GLU A 107 -4.40 4.65 -18.70
N ALA A 108 -3.35 4.82 -17.93
CA ALA A 108 -3.09 4.03 -16.74
C ALA A 108 -3.95 4.49 -15.57
N PRO A 109 -4.25 3.60 -14.63
CA PRO A 109 -5.00 4.01 -13.43
C PRO A 109 -4.17 4.88 -12.52
N LEU A 110 -4.88 5.66 -11.70
CA LEU A 110 -4.26 6.58 -10.73
C LEU A 110 -3.34 7.57 -11.45
N ASN A 111 -3.93 8.38 -12.30
CA ASN A 111 -3.24 9.35 -13.13
C ASN A 111 -3.84 10.73 -12.92
N PRO A 112 -3.06 11.79 -13.16
CA PRO A 112 -3.60 13.14 -13.00
C PRO A 112 -4.79 13.40 -13.92
N LYS A 113 -5.75 14.17 -13.42
CA LYS A 113 -6.92 14.50 -14.22
C LYS A 113 -6.57 15.38 -15.40
N ALA A 114 -5.48 16.15 -15.32
CA ALA A 114 -5.08 17.01 -16.42
C ALA A 114 -4.49 16.20 -17.56
N ASN A 115 -4.13 14.93 -17.31
CA ASN A 115 -3.57 14.09 -18.36
C ASN A 115 -4.60 13.79 -19.44
N ARG A 116 -5.79 13.34 -19.04
CA ARG A 116 -6.83 13.02 -20.00
C ARG A 116 -7.57 14.26 -20.48
N GLU A 117 -7.57 15.34 -19.70
CA GLU A 117 -8.15 16.60 -20.17
C GLU A 117 -7.36 17.17 -21.34
N LYS A 118 -6.02 17.08 -21.27
CA LYS A 118 -5.21 17.55 -22.38
C LYS A 118 -5.26 16.60 -23.57
N MET A 119 -5.43 15.30 -23.30
CA MET A 119 -5.61 14.35 -24.40
C MET A 119 -6.91 14.64 -25.15
N THR A 120 -7.98 14.93 -24.41
CA THR A 120 -9.25 15.27 -25.05
C THR A 120 -9.14 16.57 -25.84
N GLN A 121 -8.48 17.58 -25.26
CA GLN A 121 -8.36 18.86 -25.94
C GLN A 121 -7.51 18.76 -27.20
N ILE A 122 -6.44 17.97 -27.14
CA ILE A 122 -5.54 17.86 -28.30
C ILE A 122 -6.25 17.16 -29.46
N MET A 123 -6.96 16.07 -29.17
CA MET A 123 -7.59 15.29 -30.23
C MET A 123 -8.80 15.99 -30.85
N PHE A 124 -9.44 16.90 -30.12
CA PHE A 124 -10.64 17.57 -30.64
C PHE A 124 -10.33 18.88 -31.35
N GLU A 125 -9.24 19.55 -30.98
CA GLU A 125 -8.93 20.85 -31.55
C GLU A 125 -7.83 20.80 -32.61
N THR A 126 -6.87 19.88 -32.48
CA THR A 126 -5.78 19.78 -33.45
C THR A 126 -6.10 18.77 -34.55
N PHE A 127 -6.33 17.52 -34.17
CA PHE A 127 -6.61 16.47 -35.14
C PHE A 127 -8.07 16.45 -35.59
N ASN A 128 -8.96 17.10 -34.84
CA ASN A 128 -10.37 17.25 -35.22
C ASN A 128 -11.05 15.90 -35.44
N VAL A 129 -10.95 15.04 -34.42
CA VAL A 129 -11.56 13.71 -34.48
C VAL A 129 -13.06 13.84 -34.28
N PRO A 130 -13.87 12.89 -34.78
CA PRO A 130 -15.33 12.97 -34.57
C PRO A 130 -15.72 12.61 -33.14
N ALA A 131 -15.02 11.64 -32.55
CA ALA A 131 -15.31 11.20 -31.20
C ALA A 131 -14.06 10.52 -30.64
N MET A 132 -14.06 10.31 -29.33
CA MET A 132 -12.93 9.68 -28.67
C MET A 132 -13.40 9.07 -27.35
N TYR A 133 -12.48 8.36 -26.69
CA TYR A 133 -12.76 7.66 -25.44
C TYR A 133 -11.43 7.26 -24.82
N VAL A 134 -11.40 7.21 -23.49
CA VAL A 134 -10.22 6.81 -22.73
C VAL A 134 -10.58 5.57 -21.91
N ALA A 135 -9.75 4.54 -22.02
CA ALA A 135 -9.98 3.27 -21.33
C ALA A 135 -8.79 2.94 -20.45
N ILE A 136 -9.00 1.99 -19.54
CA ILE A 136 -7.99 1.55 -18.59
C ILE A 136 -7.27 0.34 -19.15
N GLN A 137 -5.94 0.32 -19.02
CA GLN A 137 -5.15 -0.76 -19.61
C GLN A 137 -5.50 -2.11 -19.01
N ALA A 138 -5.66 -2.18 -17.69
CA ALA A 138 -5.92 -3.47 -17.05
C ALA A 138 -7.31 -4.00 -17.40
N VAL A 139 -8.29 -3.12 -17.58
CA VAL A 139 -9.62 -3.56 -18.00
C VAL A 139 -9.57 -4.15 -19.39
N LEU A 140 -8.83 -3.51 -20.31
CA LEU A 140 -8.72 -4.01 -21.66
C LEU A 140 -7.96 -5.33 -21.70
N SER A 141 -7.06 -5.56 -20.73
CA SER A 141 -6.34 -6.82 -20.68
C SER A 141 -7.29 -7.98 -20.40
N LEU A 142 -8.27 -7.77 -19.54
CA LEU A 142 -9.23 -8.83 -19.24
C LEU A 142 -10.21 -9.04 -20.39
N TYR A 143 -10.43 -8.02 -21.21
CA TYR A 143 -11.28 -8.18 -22.40
C TYR A 143 -10.69 -9.18 -23.36
N ALA A 144 -9.37 -9.10 -23.59
CA ALA A 144 -8.72 -10.01 -24.52
C ALA A 144 -8.66 -11.44 -23.98
N SER A 145 -8.53 -11.59 -22.66
CA SER A 145 -8.46 -12.91 -22.05
C SER A 145 -9.78 -13.67 -22.14
N GLY A 146 -10.87 -13.00 -22.49
CA GLY A 146 -12.15 -13.68 -22.63
C GLY A 146 -12.87 -13.98 -21.35
N ARG A 147 -12.53 -13.30 -20.25
CA ARG A 147 -13.18 -13.52 -18.97
C ARG A 147 -13.52 -12.17 -18.35
N THR A 148 -14.49 -12.20 -17.44
CA THR A 148 -14.94 -11.00 -16.74
C THR A 148 -14.63 -11.05 -15.25
N THR A 149 -13.66 -11.88 -14.85
CA THR A 149 -13.27 -11.99 -13.45
C THR A 149 -11.78 -12.28 -13.36
N GLY A 150 -11.18 -11.85 -12.25
CA GLY A 150 -9.77 -12.07 -11.99
C GLY A 150 -9.07 -10.78 -11.65
N ILE A 151 -7.77 -10.92 -11.38
CA ILE A 151 -6.90 -9.79 -11.06
C ILE A 151 -5.78 -9.74 -12.10
N VAL A 152 -5.56 -8.56 -12.65
CA VAL A 152 -4.64 -8.37 -13.78
C VAL A 152 -3.36 -7.73 -13.28
N LEU A 153 -2.23 -8.31 -13.65
CA LEU A 153 -0.91 -7.75 -13.38
C LEU A 153 -0.36 -7.25 -14.71
N ASP A 154 -0.36 -5.92 -14.87
CA ASP A 154 0.06 -5.29 -16.12
C ASP A 154 1.38 -4.56 -15.83
N SER A 155 2.49 -5.22 -16.09
CA SER A 155 3.82 -4.65 -15.94
C SER A 155 4.36 -4.30 -17.31
N GLY A 156 4.62 -3.02 -17.55
CA GLY A 156 5.09 -2.57 -18.85
C GLY A 156 6.46 -1.95 -18.82
N ASP A 157 6.56 -0.68 -19.21
CA ASP A 157 7.82 0.03 -19.26
C ASP A 157 7.91 1.20 -18.29
N GLY A 158 6.77 1.74 -17.83
CA GLY A 158 6.81 2.85 -16.91
C GLY A 158 6.08 2.62 -15.60
N VAL A 159 5.11 1.71 -15.59
CA VAL A 159 4.25 1.54 -14.42
C VAL A 159 3.73 0.11 -14.40
N THR A 160 3.64 -0.45 -13.19
CA THR A 160 3.03 -1.76 -12.96
C THR A 160 1.83 -1.57 -12.03
N HIS A 161 0.66 -2.03 -12.45
CA HIS A 161 -0.55 -1.84 -11.68
C HIS A 161 -1.36 -3.14 -11.64
N ASN A 162 -2.16 -3.28 -10.60
CA ASN A 162 -3.06 -4.41 -10.42
C ASN A 162 -4.48 -3.91 -10.25
N VAL A 163 -5.40 -4.47 -11.02
CA VAL A 163 -6.81 -4.09 -10.94
C VAL A 163 -7.66 -5.34 -10.80
N PRO A 164 -8.27 -5.57 -9.64
CA PRO A 164 -9.14 -6.74 -9.48
C PRO A 164 -10.56 -6.47 -9.95
N ILE A 165 -11.05 -7.30 -10.88
CA ILE A 165 -12.40 -7.18 -11.43
C ILE A 165 -13.14 -8.47 -11.15
N TYR A 166 -14.35 -8.34 -10.61
CA TYR A 166 -15.20 -9.49 -10.30
C TYR A 166 -16.55 -9.31 -11.00
N GLU A 167 -16.83 -10.19 -11.96
CA GLU A 167 -18.11 -10.19 -12.68
C GLU A 167 -18.40 -8.85 -13.34
N GLY A 168 -17.36 -8.17 -13.85
CA GLY A 168 -17.53 -6.91 -14.51
C GLY A 168 -17.63 -5.70 -13.61
N TYR A 169 -17.50 -5.87 -12.30
CA TYR A 169 -17.57 -4.78 -11.34
C TYR A 169 -16.18 -4.56 -10.76
N ALA A 170 -15.50 -3.52 -11.22
CA ALA A 170 -14.16 -3.23 -10.73
C ALA A 170 -14.21 -2.74 -9.30
N LEU A 171 -13.11 -2.95 -8.58
CA LEU A 171 -12.97 -2.53 -7.19
C LEU A 171 -11.93 -1.43 -7.11
N PRO A 172 -12.33 -0.15 -7.16
CA PRO A 172 -11.35 0.94 -7.16
C PRO A 172 -10.53 1.04 -5.89
N HIS A 173 -11.01 0.48 -4.77
CA HIS A 173 -10.29 0.58 -3.52
C HIS A 173 -9.18 -0.46 -3.36
N ALA A 174 -9.08 -1.41 -4.29
CA ALA A 174 -8.08 -2.47 -4.23
C ALA A 174 -7.11 -2.39 -5.40
N ILE A 175 -6.95 -1.21 -5.99
CA ILE A 175 -6.03 -1.01 -7.11
C ILE A 175 -4.68 -0.59 -6.54
N MET A 176 -3.65 -1.35 -6.87
CA MET A 176 -2.28 -1.09 -6.41
C MET A 176 -1.43 -0.73 -7.63
N ARG A 177 -0.97 0.52 -7.68
CA ARG A 177 -0.15 1.01 -8.78
C ARG A 177 1.29 1.16 -8.29
N LEU A 178 2.20 0.41 -8.91
CA LEU A 178 3.62 0.48 -8.57
C LEU A 178 4.37 1.15 -9.72
N ASP A 179 5.46 1.85 -9.37
CA ASP A 179 6.23 2.63 -10.32
C ASP A 179 7.58 1.99 -10.62
N LEU A 180 7.61 0.67 -10.71
CA LEU A 180 8.81 -0.07 -11.08
C LEU A 180 8.48 -0.93 -12.29
N ALA A 181 9.24 -0.75 -13.37
CA ALA A 181 8.93 -1.41 -14.63
C ALA A 181 10.24 -1.65 -15.37
N GLY A 182 10.14 -1.94 -16.67
CA GLY A 182 11.31 -2.31 -17.44
C GLY A 182 12.34 -1.20 -17.56
N ARG A 183 11.90 0.06 -17.50
CA ARG A 183 12.85 1.17 -17.57
C ARG A 183 13.80 1.16 -16.38
N ASP A 184 13.26 0.89 -15.19
CA ASP A 184 14.10 0.82 -13.99
C ASP A 184 14.98 -0.41 -14.01
N LEU A 185 14.48 -1.52 -14.56
CA LEU A 185 15.29 -2.73 -14.68
C LEU A 185 16.46 -2.51 -15.63
N THR A 186 16.23 -1.77 -16.71
CA THR A 186 17.32 -1.46 -17.65
C THR A 186 18.39 -0.62 -16.98
N ASP A 187 17.98 0.37 -16.19
CA ASP A 187 18.96 1.22 -15.50
C ASP A 187 19.72 0.42 -14.45
N TYR A 188 19.05 -0.48 -13.74
CA TYR A 188 19.74 -1.31 -12.76
C TYR A 188 20.76 -2.23 -13.43
N LEU A 189 20.42 -2.77 -14.59
CA LEU A 189 21.38 -3.62 -15.31
C LEU A 189 22.62 -2.84 -15.72
N MET A 190 22.46 -1.53 -15.98
CA MET A 190 23.62 -0.69 -16.30
C MET A 190 24.59 -0.62 -15.13
N LYS A 191 24.07 -0.46 -13.92
CA LYS A 191 24.94 -0.32 -12.75
C LYS A 191 25.69 -1.61 -12.47
N ILE A 192 25.02 -2.76 -12.58
CA ILE A 192 25.69 -4.04 -12.33
C ILE A 192 26.50 -4.52 -13.52
N LEU A 193 26.34 -3.90 -14.69
CA LEU A 193 27.22 -4.21 -15.81
C LEU A 193 28.58 -3.54 -15.65
N THR A 194 28.61 -2.37 -15.00
CA THR A 194 29.89 -1.73 -14.67
C THR A 194 30.70 -2.58 -13.70
N GLU A 195 30.03 -3.47 -12.96
CA GLU A 195 30.74 -4.35 -12.02
C GLU A 195 31.74 -5.24 -12.74
N ARG A 196 31.45 -5.65 -13.98
CA ARG A 196 32.36 -6.49 -14.74
C ARG A 196 33.31 -5.71 -15.63
N GLY A 197 33.17 -4.39 -15.72
CA GLY A 197 34.06 -3.57 -16.51
C GLY A 197 33.48 -3.01 -17.80
N TYR A 198 32.17 -3.06 -17.99
CA TYR A 198 31.52 -2.54 -19.18
C TYR A 198 30.79 -1.25 -18.84
N SER A 199 31.04 -0.20 -19.61
CA SER A 199 30.49 1.12 -19.37
C SER A 199 29.60 1.52 -20.54
N PHE A 200 28.32 1.80 -20.24
CA PHE A 200 27.34 2.25 -21.23
C PHE A 200 26.55 3.39 -20.58
N VAL A 201 26.99 4.63 -20.79
CA VAL A 201 26.30 5.80 -20.24
C VAL A 201 26.05 6.77 -21.39
N THR A 202 24.90 6.63 -22.05
CA THR A 202 24.36 7.54 -23.04
C THR A 202 22.91 7.16 -23.27
N THR A 203 22.19 7.99 -24.03
CA THR A 203 20.84 7.62 -24.44
C THR A 203 20.87 6.52 -25.50
N ALA A 204 21.85 6.57 -26.42
CA ALA A 204 21.96 5.54 -27.43
C ALA A 204 22.34 4.20 -26.84
N GLU A 205 23.31 4.18 -25.92
CA GLU A 205 23.73 2.93 -25.30
C GLU A 205 22.69 2.40 -24.31
N ARG A 206 21.70 3.21 -23.94
CA ARG A 206 20.58 2.69 -23.16
C ARG A 206 19.80 1.67 -23.97
N GLU A 207 19.62 1.91 -25.26
CA GLU A 207 18.94 0.95 -26.12
C GLU A 207 19.77 -0.32 -26.28
N ILE A 208 21.10 -0.18 -26.34
CA ILE A 208 21.97 -1.35 -26.46
C ILE A 208 21.83 -2.23 -25.21
N VAL A 209 21.83 -1.62 -24.03
CA VAL A 209 21.67 -2.38 -22.79
C VAL A 209 20.28 -3.00 -22.73
N ARG A 210 19.27 -2.28 -23.22
CA ARG A 210 17.90 -2.82 -23.20
C ARG A 210 17.79 -4.07 -24.06
N ASP A 211 18.45 -4.08 -25.22
CA ASP A 211 18.44 -5.28 -26.06
C ASP A 211 19.14 -6.44 -25.37
N ILE A 212 20.19 -6.15 -24.59
CA ILE A 212 20.87 -7.21 -23.85
C ILE A 212 19.94 -7.83 -22.81
N LYS A 213 19.15 -7.00 -22.13
CA LYS A 213 18.27 -7.49 -21.08
C LYS A 213 17.22 -8.45 -21.65
N GLU A 214 16.63 -8.09 -22.80
CA GLU A 214 15.59 -8.93 -23.38
C GLU A 214 16.13 -10.30 -23.79
N LYS A 215 17.32 -10.34 -24.39
CA LYS A 215 17.83 -11.56 -24.97
C LYS A 215 18.37 -12.54 -23.94
N LEU A 216 18.87 -12.05 -22.81
CA LEU A 216 19.66 -12.88 -21.91
C LEU A 216 19.07 -13.04 -20.52
N CYS A 217 18.38 -12.04 -19.98
CA CYS A 217 17.92 -12.10 -18.60
C CYS A 217 16.79 -13.10 -18.43
N TYR A 218 16.69 -13.65 -17.22
CA TYR A 218 15.64 -14.61 -16.88
C TYR A 218 15.46 -14.59 -15.36
N VAL A 219 14.49 -15.35 -14.89
CA VAL A 219 14.13 -15.40 -13.47
C VAL A 219 14.46 -16.77 -12.91
N ALA A 220 15.12 -16.79 -11.75
CA ALA A 220 15.51 -18.02 -11.08
C ALA A 220 14.52 -18.35 -9.97
N LEU A 221 14.16 -19.64 -9.87
CA LEU A 221 13.19 -20.06 -8.86
C LEU A 221 13.71 -19.81 -7.45
N ASP A 222 14.97 -20.17 -7.21
CA ASP A 222 15.61 -19.99 -5.89
C ASP A 222 16.82 -19.10 -6.07
N PHE A 223 16.71 -17.85 -5.59
CA PHE A 223 17.77 -16.87 -5.81
C PHE A 223 19.07 -17.27 -5.11
N GLU A 224 18.99 -17.74 -3.87
CA GLU A 224 20.20 -18.06 -3.12
C GLU A 224 20.91 -19.28 -3.72
N ASN A 225 20.14 -20.30 -4.13
CA ASN A 225 20.75 -21.46 -4.77
C ASN A 225 21.39 -21.08 -6.10
N GLU A 226 20.73 -20.21 -6.88
CA GLU A 226 21.30 -19.78 -8.15
C GLU A 226 22.59 -18.99 -7.96
N MET A 227 22.69 -18.28 -6.84
CA MET A 227 23.95 -17.62 -6.49
C MET A 227 25.07 -18.65 -6.31
N ALA A 228 24.77 -19.78 -5.67
CA ALA A 228 25.78 -20.80 -5.42
C ALA A 228 26.28 -21.41 -6.72
N THR A 229 25.37 -21.73 -7.65
CA THR A 229 25.78 -22.35 -8.89
C THR A 229 26.63 -21.40 -9.75
N ALA A 230 26.26 -20.12 -9.77
CA ALA A 230 27.02 -19.15 -10.56
C ALA A 230 28.45 -19.02 -10.03
N ALA A 231 28.62 -19.01 -8.71
CA ALA A 231 29.96 -18.91 -8.15
C ALA A 231 30.72 -20.22 -8.25
N SER A 232 30.01 -21.36 -8.24
CA SER A 232 30.68 -22.65 -8.25
C SER A 232 31.33 -22.93 -9.60
N SER A 233 30.60 -22.70 -10.69
CA SER A 233 31.09 -23.01 -12.02
C SER A 233 30.65 -21.91 -12.99
N SER A 234 31.09 -22.02 -14.25
CA SER A 234 30.77 -21.06 -15.29
C SER A 234 29.68 -21.55 -16.23
N SER A 235 28.85 -22.49 -15.79
CA SER A 235 27.76 -22.98 -16.63
C SER A 235 26.72 -21.91 -16.90
N LEU A 236 26.56 -20.97 -15.97
CA LEU A 236 25.58 -19.88 -16.12
C LEU A 236 26.28 -18.63 -16.65
N GLU A 237 26.60 -18.68 -17.95
CA GLU A 237 27.29 -17.57 -18.60
C GLU A 237 26.98 -17.61 -20.08
N LYS A 238 26.57 -16.47 -20.63
CA LYS A 238 26.27 -16.34 -22.05
C LYS A 238 26.97 -15.11 -22.62
N SER A 239 27.29 -15.17 -23.89
CA SER A 239 28.01 -14.10 -24.57
C SER A 239 27.08 -13.29 -25.47
N TYR A 240 27.45 -12.04 -25.71
CA TYR A 240 26.69 -11.13 -26.53
C TYR A 240 27.65 -10.25 -27.32
N GLU A 241 27.29 -9.94 -28.55
CA GLU A 241 28.13 -9.16 -29.45
C GLU A 241 27.59 -7.75 -29.59
N LEU A 242 28.46 -6.77 -29.34
CA LEU A 242 28.08 -5.36 -29.39
C LEU A 242 27.91 -4.90 -30.84
N PRO A 243 27.19 -3.80 -31.06
CA PRO A 243 27.00 -3.29 -32.43
C PRO A 243 28.28 -2.81 -33.10
N ASP A 244 29.43 -2.88 -32.44
CA ASP A 244 30.69 -2.48 -33.04
C ASP A 244 31.70 -3.62 -33.10
N GLY A 245 31.29 -4.85 -32.77
CA GLY A 245 32.14 -6.01 -32.88
C GLY A 245 32.68 -6.54 -31.57
N GLN A 246 32.56 -5.78 -30.47
CA GLN A 246 33.06 -6.25 -29.19
C GLN A 246 32.19 -7.37 -28.65
N VAL A 247 32.81 -8.24 -27.85
CA VAL A 247 32.13 -9.38 -27.24
C VAL A 247 32.14 -9.20 -25.73
N ILE A 248 30.97 -9.29 -25.12
CA ILE A 248 30.83 -9.18 -23.68
C ILE A 248 30.15 -10.45 -23.15
N THR A 249 30.61 -10.91 -21.99
CA THR A 249 30.05 -12.09 -21.34
C THR A 249 29.57 -11.70 -19.95
N ILE A 250 28.37 -12.13 -19.59
CA ILE A 250 27.79 -11.84 -18.29
C ILE A 250 27.48 -13.14 -17.57
N GLY A 251 27.54 -13.09 -16.25
CA GLY A 251 27.34 -14.27 -15.43
C GLY A 251 26.04 -14.24 -14.64
N ASN A 252 26.14 -13.90 -13.35
CA ASN A 252 24.96 -13.85 -12.49
C ASN A 252 24.13 -12.59 -12.70
N GLU A 253 24.57 -11.66 -13.54
CA GLU A 253 23.76 -10.49 -13.85
C GLU A 253 22.53 -10.87 -14.66
N ARG A 254 22.51 -12.08 -15.23
CA ARG A 254 21.37 -12.51 -16.05
C ARG A 254 20.11 -12.62 -15.20
N PHE A 255 20.19 -13.30 -14.06
CA PHE A 255 19.04 -13.48 -13.19
C PHE A 255 19.04 -12.52 -12.01
N ARG A 256 19.91 -11.53 -11.99
CA ARG A 256 19.91 -10.51 -10.94
C ARG A 256 19.08 -9.29 -11.31
N CYS A 257 19.09 -8.90 -12.58
CA CYS A 257 18.27 -7.77 -13.02
C CYS A 257 16.78 -8.01 -12.85
N PRO A 258 16.20 -9.14 -13.29
CA PRO A 258 14.76 -9.36 -13.07
C PRO A 258 14.39 -9.56 -11.61
N GLU A 259 15.35 -9.83 -10.73
CA GLU A 259 15.04 -10.03 -9.32
C GLU A 259 14.59 -8.75 -8.63
N THR A 260 14.86 -7.59 -9.22
CA THR A 260 14.40 -6.34 -8.63
C THR A 260 12.88 -6.24 -8.60
N LEU A 261 12.20 -6.98 -9.48
CA LEU A 261 10.74 -7.01 -9.43
C LEU A 261 10.23 -7.62 -8.13
N PHE A 262 10.87 -8.70 -7.67
CA PHE A 262 10.46 -9.36 -6.44
C PHE A 262 11.18 -8.83 -5.21
N GLN A 263 12.31 -8.14 -5.39
CA GLN A 263 13.06 -7.53 -4.29
C GLN A 263 13.35 -6.09 -4.68
N PRO A 264 12.36 -5.20 -4.53
CA PRO A 264 12.55 -3.80 -4.97
C PRO A 264 13.60 -3.05 -4.18
N SER A 265 14.11 -3.60 -3.07
CA SER A 265 15.15 -2.94 -2.31
C SER A 265 16.48 -2.87 -3.04
N PHE A 266 16.62 -3.60 -4.16
CA PHE A 266 17.87 -3.56 -4.93
C PHE A 266 18.11 -2.16 -5.48
N ILE A 267 17.05 -1.48 -5.92
CA ILE A 267 17.16 -0.12 -6.44
C ILE A 267 16.76 0.91 -5.39
N GLY A 268 16.82 0.54 -4.11
CA GLY A 268 16.47 1.47 -3.04
C GLY A 268 15.02 1.87 -2.99
N MET A 269 14.10 0.91 -3.14
CA MET A 269 12.67 1.16 -3.04
C MET A 269 12.12 0.44 -1.82
N GLU A 270 11.30 1.14 -1.04
CA GLU A 270 10.72 0.57 0.16
C GLU A 270 9.51 -0.32 -0.13
N SER A 271 8.95 -0.22 -1.33
CA SER A 271 7.74 -0.96 -1.66
C SER A 271 8.03 -2.46 -1.74
N ALA A 272 6.96 -3.24 -1.74
CA ALA A 272 7.06 -4.69 -1.79
C ALA A 272 7.11 -5.17 -3.25
N GLY A 273 7.43 -6.44 -3.42
CA GLY A 273 7.53 -7.02 -4.74
C GLY A 273 6.19 -7.20 -5.40
N ILE A 274 6.24 -7.68 -6.65
CA ILE A 274 5.01 -7.87 -7.41
C ILE A 274 4.17 -8.99 -6.80
N HIS A 275 4.83 -10.03 -6.25
CA HIS A 275 4.09 -11.11 -5.64
C HIS A 275 3.36 -10.65 -4.38
N GLU A 276 4.01 -9.79 -3.58
CA GLU A 276 3.35 -9.28 -2.38
C GLU A 276 2.25 -8.28 -2.73
N THR A 277 2.47 -7.47 -3.77
CA THR A 277 1.46 -6.49 -4.17
C THR A 277 0.18 -7.17 -4.63
N THR A 278 0.31 -8.24 -5.42
CA THR A 278 -0.86 -8.97 -5.89
C THR A 278 -1.59 -9.63 -4.71
N TYR A 279 -0.83 -10.24 -3.79
CA TYR A 279 -1.44 -10.88 -2.64
C TYR A 279 -2.16 -9.87 -1.75
N ASN A 280 -1.54 -8.70 -1.53
CA ASN A 280 -2.18 -7.66 -0.74
C ASN A 280 -3.45 -7.14 -1.42
N SER A 281 -3.42 -7.00 -2.74
CA SER A 281 -4.61 -6.53 -3.46
C SER A 281 -5.75 -7.54 -3.36
N ILE A 282 -5.43 -8.84 -3.44
CA ILE A 282 -6.46 -9.86 -3.35
C ILE A 282 -7.12 -9.86 -1.98
N MET A 283 -6.33 -9.75 -0.92
CA MET A 283 -6.87 -9.77 0.44
C MET A 283 -7.47 -8.44 0.85
N LYS A 284 -7.36 -7.40 0.03
CA LYS A 284 -8.09 -6.15 0.28
C LYS A 284 -9.49 -6.17 -0.32
N CYS A 285 -9.86 -7.24 -1.00
CA CYS A 285 -11.18 -7.38 -1.60
C CYS A 285 -12.10 -8.10 -0.60
N ASP A 286 -13.28 -8.48 -1.06
CA ASP A 286 -14.21 -9.23 -0.21
C ASP A 286 -13.73 -10.67 -0.04
N ILE A 287 -14.13 -11.27 1.09
CA ILE A 287 -13.71 -12.63 1.38
C ILE A 287 -14.39 -13.64 0.45
N ASP A 288 -15.56 -13.30 -0.09
CA ASP A 288 -16.33 -14.22 -0.92
C ASP A 288 -15.87 -14.24 -2.38
N ILE A 289 -14.94 -13.37 -2.75
CA ILE A 289 -14.42 -13.32 -4.11
C ILE A 289 -12.94 -13.65 -4.19
N ARG A 290 -12.28 -13.88 -3.06
CA ARG A 290 -10.84 -14.14 -3.06
C ARG A 290 -10.52 -15.46 -3.75
N LYS A 291 -11.37 -16.47 -3.58
CA LYS A 291 -11.11 -17.76 -4.20
C LYS A 291 -11.16 -17.66 -5.73
N ASP A 292 -12.09 -16.86 -6.27
CA ASP A 292 -12.15 -16.67 -7.71
C ASP A 292 -11.01 -15.80 -8.21
N LEU A 293 -10.49 -14.91 -7.37
CA LEU A 293 -9.35 -14.09 -7.77
C LEU A 293 -8.06 -14.90 -7.77
N TYR A 294 -7.91 -15.84 -6.84
CA TYR A 294 -6.71 -16.66 -6.78
C TYR A 294 -6.58 -17.53 -8.02
N ALA A 295 -7.69 -18.10 -8.49
CA ALA A 295 -7.64 -18.99 -9.64
C ALA A 295 -7.29 -18.24 -10.92
N ASN A 296 -7.76 -17.00 -11.06
CA ASN A 296 -7.56 -16.20 -12.27
C ASN A 296 -6.51 -15.12 -11.97
N ASN A 297 -5.26 -15.42 -12.29
CA ASN A 297 -4.16 -14.45 -12.18
C ASN A 297 -3.66 -14.16 -13.59
N VAL A 298 -3.97 -12.97 -14.09
CA VAL A 298 -3.67 -12.59 -15.47
C VAL A 298 -2.41 -11.73 -15.48
N MET A 299 -1.43 -12.12 -16.29
CA MET A 299 -0.23 -11.34 -16.53
C MET A 299 -0.24 -10.87 -17.97
N SER A 300 -0.13 -9.55 -18.17
CA SER A 300 -0.20 -8.99 -19.52
C SER A 300 0.73 -7.77 -19.55
N GLY A 301 1.89 -7.93 -20.17
CA GLY A 301 2.82 -6.83 -20.31
C GLY A 301 4.17 -7.25 -20.86
N GLY A 302 4.94 -6.27 -21.35
CA GLY A 302 6.26 -6.58 -21.88
C GLY A 302 7.23 -7.05 -20.82
N THR A 303 7.12 -6.49 -19.60
CA THR A 303 8.05 -6.85 -18.54
C THR A 303 7.87 -8.29 -18.10
N THR A 304 6.65 -8.81 -18.16
CA THR A 304 6.34 -10.15 -17.66
C THR A 304 6.72 -11.26 -18.64
N MET A 305 7.60 -11.00 -19.60
CA MET A 305 8.00 -11.98 -20.61
C MET A 305 9.28 -12.71 -20.25
N TYR A 306 9.70 -12.67 -18.98
CA TYR A 306 10.91 -13.37 -18.59
C TYR A 306 10.67 -14.88 -18.55
N PRO A 307 11.69 -15.68 -18.89
CA PRO A 307 11.55 -17.15 -18.87
C PRO A 307 11.60 -17.75 -17.46
N GLY A 308 10.46 -17.72 -16.79
CA GLY A 308 10.35 -18.30 -15.46
C GLY A 308 9.60 -17.45 -14.47
N ILE A 309 9.12 -16.29 -14.91
CA ILE A 309 8.39 -15.40 -14.00
C ILE A 309 7.06 -16.01 -13.59
N ALA A 310 6.43 -16.80 -14.47
CA ALA A 310 5.18 -17.46 -14.11
C ALA A 310 5.39 -18.47 -12.99
N ASP A 311 6.47 -19.25 -13.07
CA ASP A 311 6.76 -20.21 -12.02
C ASP A 311 7.15 -19.53 -10.72
N ARG A 312 7.94 -18.45 -10.81
CA ARG A 312 8.33 -17.73 -9.60
C ARG A 312 7.11 -17.09 -8.93
N MET A 313 6.21 -16.52 -9.72
CA MET A 313 5.00 -15.93 -9.15
C MET A 313 4.12 -16.98 -8.50
N GLN A 314 4.01 -18.16 -9.12
CA GLN A 314 3.20 -19.22 -8.55
C GLN A 314 3.74 -19.68 -7.20
N LYS A 315 5.07 -19.82 -7.10
CA LYS A 315 5.67 -20.27 -5.86
C LYS A 315 5.52 -19.25 -4.75
N GLU A 316 5.74 -17.97 -5.06
CA GLU A 316 5.67 -16.93 -4.03
C GLU A 316 4.24 -16.77 -3.52
N ILE A 317 3.27 -16.75 -4.42
CA ILE A 317 1.87 -16.60 -4.00
C ILE A 317 1.39 -17.84 -3.25
N THR A 318 1.87 -19.02 -3.63
CA THR A 318 1.44 -20.25 -2.96
C THR A 318 1.82 -20.23 -1.49
N ALA A 319 3.04 -19.78 -1.17
CA ALA A 319 3.45 -19.69 0.23
C ALA A 319 2.62 -18.67 0.99
N LEU A 320 2.32 -17.53 0.37
CA LEU A 320 1.52 -16.51 1.05
C LEU A 320 0.09 -16.97 1.27
N ALA A 321 -0.51 -17.61 0.27
CA ALA A 321 -1.88 -18.07 0.38
C ALA A 321 -1.97 -19.33 1.24
N PRO A 322 -3.14 -19.62 1.81
CA PRO A 322 -3.32 -20.85 2.58
C PRO A 322 -3.14 -22.08 1.71
N SER A 323 -2.90 -23.21 2.37
CA SER A 323 -2.62 -24.46 1.66
C SER A 323 -3.83 -24.96 0.87
N THR A 324 -5.04 -24.73 1.39
CA THR A 324 -6.23 -25.21 0.71
C THR A 324 -6.44 -24.53 -0.63
N MET A 325 -6.14 -23.24 -0.71
CA MET A 325 -6.35 -22.50 -1.94
C MET A 325 -5.47 -23.02 -3.05
N LYS A 326 -6.01 -23.04 -4.27
CA LYS A 326 -5.28 -23.45 -5.47
C LYS A 326 -4.96 -22.21 -6.29
N ILE A 327 -3.68 -22.01 -6.58
CA ILE A 327 -3.21 -20.82 -7.27
C ILE A 327 -2.89 -21.19 -8.72
N LYS A 328 -3.43 -20.42 -9.66
CA LYS A 328 -3.18 -20.59 -11.07
C LYS A 328 -2.79 -19.26 -11.68
N ILE A 329 -1.70 -19.25 -12.44
CA ILE A 329 -1.19 -18.05 -13.09
C ILE A 329 -1.41 -18.18 -14.58
N ILE A 330 -2.12 -17.22 -15.17
CA ILE A 330 -2.43 -17.24 -16.59
C ILE A 330 -1.37 -16.42 -17.33
N ALA A 331 -0.64 -17.07 -18.22
CA ALA A 331 0.43 -16.44 -18.99
C ALA A 331 0.25 -16.76 -20.46
N PRO A 332 -0.60 -16.03 -21.16
CA PRO A 332 -0.76 -16.22 -22.61
C PRO A 332 0.54 -15.93 -23.33
N PRO A 333 0.86 -16.69 -24.38
CA PRO A 333 2.11 -16.44 -25.12
C PRO A 333 2.15 -15.10 -25.83
N GLU A 334 1.00 -14.46 -26.04
CA GLU A 334 0.91 -13.21 -26.77
C GLU A 334 0.47 -12.05 -25.87
N ARG A 335 1.00 -12.01 -24.65
CA ARG A 335 0.58 -11.02 -23.67
C ARG A 335 1.26 -9.67 -23.85
N LYS A 336 2.19 -9.53 -24.79
CA LYS A 336 2.85 -8.25 -25.00
C LYS A 336 1.93 -7.21 -25.62
N TYR A 337 0.83 -7.64 -26.27
CA TYR A 337 -0.12 -6.73 -26.88
C TYR A 337 -1.54 -7.01 -26.39
N SER A 338 -1.67 -7.55 -25.18
CA SER A 338 -2.99 -7.89 -24.66
C SER A 338 -3.85 -6.65 -24.46
N VAL A 339 -3.23 -5.52 -24.10
CA VAL A 339 -3.98 -4.29 -23.89
C VAL A 339 -4.60 -3.83 -25.21
N TRP A 340 -3.83 -3.86 -26.29
CA TRP A 340 -4.36 -3.43 -27.58
C TRP A 340 -5.40 -4.41 -28.11
N ILE A 341 -5.19 -5.71 -27.90
CA ILE A 341 -6.13 -6.72 -28.39
C ILE A 341 -7.48 -6.54 -27.73
N GLY A 342 -7.48 -6.31 -26.41
CA GLY A 342 -8.73 -6.06 -25.71
C GLY A 342 -9.39 -4.77 -26.16
N GLY A 343 -8.59 -3.73 -26.42
CA GLY A 343 -9.15 -2.49 -26.91
C GLY A 343 -9.78 -2.63 -28.28
N SER A 344 -9.19 -3.49 -29.13
CA SER A 344 -9.78 -3.76 -30.43
C SER A 344 -11.15 -4.43 -30.27
N ILE A 345 -11.26 -5.37 -29.32
CA ILE A 345 -12.54 -6.04 -29.09
C ILE A 345 -13.57 -5.05 -28.56
N LEU A 346 -13.17 -4.21 -27.61
CA LEU A 346 -14.11 -3.27 -26.99
C LEU A 346 -14.67 -2.30 -28.01
N ALA A 347 -13.83 -1.75 -28.88
CA ALA A 347 -14.30 -0.78 -29.86
C ALA A 347 -15.23 -1.42 -30.89
N SER A 348 -15.03 -2.70 -31.19
CA SER A 348 -15.86 -3.37 -32.20
C SER A 348 -17.25 -3.68 -31.66
N LEU A 349 -17.41 -3.75 -30.33
CA LEU A 349 -18.71 -4.08 -29.75
C LEU A 349 -19.73 -2.99 -30.05
N SER A 350 -20.97 -3.41 -30.31
CA SER A 350 -22.04 -2.46 -30.60
C SER A 350 -22.43 -1.64 -29.37
N THR A 351 -22.31 -2.21 -28.17
CA THR A 351 -22.65 -1.47 -26.96
C THR A 351 -21.71 -0.28 -26.77
N PHE A 352 -20.42 -0.47 -27.02
CA PHE A 352 -19.48 0.63 -26.86
C PHE A 352 -19.66 1.70 -27.93
N GLN A 353 -20.31 1.36 -29.04
CA GLN A 353 -20.52 2.33 -30.11
C GLN A 353 -21.47 3.45 -29.68
N GLN A 354 -22.17 3.29 -28.56
CA GLN A 354 -23.06 4.32 -28.05
C GLN A 354 -22.45 5.11 -26.90
N MET A 355 -21.29 4.69 -26.39
CA MET A 355 -20.66 5.35 -25.24
C MET A 355 -19.51 6.27 -25.64
N TRP A 356 -19.37 6.58 -26.93
CA TRP A 356 -18.34 7.50 -27.37
C TRP A 356 -18.63 8.92 -26.87
N ILE A 357 -17.60 9.75 -26.91
CA ILE A 357 -17.72 11.16 -26.56
C ILE A 357 -17.71 11.94 -27.87
N THR A 358 -18.89 12.30 -28.34
CA THR A 358 -19.00 12.96 -29.64
C THR A 358 -18.49 14.40 -29.57
N LYS A 359 -18.28 14.99 -30.74
CA LYS A 359 -17.70 16.33 -30.82
C LYS A 359 -18.65 17.38 -30.26
N GLN A 360 -19.97 17.20 -30.47
CA GLN A 360 -20.93 18.21 -30.03
C GLN A 360 -20.94 18.34 -28.52
N GLU A 361 -20.84 17.22 -27.79
CA GLU A 361 -20.83 17.27 -26.33
C GLU A 361 -19.61 18.04 -25.82
N TYR A 362 -18.45 17.83 -26.44
CA TYR A 362 -17.26 18.58 -26.05
C TYR A 362 -17.43 20.07 -26.29
N ASP A 363 -18.02 20.45 -27.42
CA ASP A 363 -18.15 21.85 -27.79
C ASP A 363 -19.15 22.62 -26.94
N GLU A 364 -19.95 21.93 -26.13
CA GLU A 364 -20.89 22.59 -25.23
C GLU A 364 -20.61 22.33 -23.76
N ALA A 365 -19.57 21.57 -23.43
CA ALA A 365 -19.25 21.29 -22.05
C ALA A 365 -17.76 21.35 -21.74
N GLY A 366 -16.91 21.68 -22.70
CA GLY A 366 -15.49 21.79 -22.47
C GLY A 366 -14.81 20.45 -22.36
N PRO A 367 -13.50 20.46 -22.10
CA PRO A 367 -12.75 19.20 -21.95
C PRO A 367 -12.98 18.47 -20.63
N SER A 368 -13.83 19.00 -19.75
CA SER A 368 -14.11 18.34 -18.48
C SER A 368 -15.09 17.18 -18.60
N ILE A 369 -15.66 16.96 -19.80
CA ILE A 369 -16.62 15.90 -19.98
C ILE A 369 -15.98 14.52 -19.94
N VAL A 370 -14.64 14.44 -20.03
CA VAL A 370 -13.97 13.14 -20.07
C VAL A 370 -14.02 12.45 -18.72
N HIS A 371 -14.19 13.22 -17.63
CA HIS A 371 -14.26 12.62 -16.31
C HIS A 371 -15.63 12.02 -16.01
N ARG A 372 -16.70 12.63 -16.52
CA ARG A 372 -18.05 12.15 -16.23
C ARG A 372 -18.46 10.99 -17.13
N LYS A 373 -17.69 10.69 -18.16
CA LYS A 373 -18.01 9.61 -19.09
C LYS A 373 -17.03 8.45 -19.04
N CYS A 374 -15.73 8.73 -19.11
CA CYS A 374 -14.74 7.67 -19.12
C CYS A 374 -14.48 7.17 -17.70
N PHE A 375 -13.81 6.03 -17.62
CA PHE A 375 -13.47 5.41 -16.35
C PHE A 375 -12.00 5.62 -16.03
N THR B 6 51.69 0.86 13.92
CA THR B 6 51.16 1.88 13.01
C THR B 6 50.84 1.28 11.65
N ALA B 7 50.00 1.97 10.88
CA ALA B 7 49.54 1.49 9.59
C ALA B 7 49.74 2.55 8.52
N LEU B 8 49.89 2.09 7.28
CA LEU B 8 50.09 2.97 6.14
C LEU B 8 48.76 3.36 5.50
N VAL B 9 48.75 4.51 4.84
CA VAL B 9 47.59 5.01 4.12
C VAL B 9 48.05 5.43 2.73
N CYS B 10 47.60 4.70 1.70
CA CYS B 10 47.96 4.98 0.33
C CYS B 10 46.74 5.52 -0.42
N ASP B 11 46.95 6.60 -1.16
CA ASP B 11 45.87 7.23 -1.92
C ASP B 11 46.19 7.25 -3.40
N ASN B 12 46.62 6.11 -3.94
CA ASN B 12 47.03 6.02 -5.33
C ASN B 12 45.88 6.39 -6.27
N GLY B 13 46.02 7.51 -6.97
CA GLY B 13 45.04 7.98 -7.91
C GLY B 13 45.53 7.89 -9.35
N SER B 14 44.73 8.47 -10.25
CA SER B 14 45.09 8.48 -11.66
C SER B 14 46.35 9.30 -11.91
N GLY B 15 46.45 10.47 -11.29
CA GLY B 15 47.56 11.36 -11.54
C GLY B 15 48.64 11.40 -10.48
N LEU B 16 48.23 11.42 -9.21
CA LEU B 16 49.16 11.59 -8.10
C LEU B 16 49.05 10.42 -7.14
N VAL B 17 50.19 10.07 -6.54
CA VAL B 17 50.25 9.05 -5.50
C VAL B 17 50.52 9.77 -4.17
N LYS B 18 49.62 9.57 -3.21
CA LYS B 18 49.71 10.20 -1.90
C LYS B 18 49.78 9.11 -0.84
N ALA B 19 50.96 8.94 -0.25
CA ALA B 19 51.19 7.92 0.76
C ALA B 19 51.77 8.54 2.01
N GLY B 20 51.68 7.80 3.11
CA GLY B 20 52.17 8.30 4.38
C GLY B 20 51.81 7.36 5.51
N PHE B 21 51.86 7.88 6.72
CA PHE B 21 51.54 7.13 7.93
C PHE B 21 50.25 7.63 8.54
N ALA B 22 49.46 6.72 9.11
CA ALA B 22 48.21 7.09 9.73
C ALA B 22 48.47 7.93 10.98
N GLY B 23 47.60 8.92 11.21
CA GLY B 23 47.71 9.81 12.34
C GLY B 23 48.35 11.15 12.03
N ASP B 24 49.03 11.28 10.89
CA ASP B 24 49.65 12.53 10.51
C ASP B 24 48.61 13.46 9.91
N ASP B 25 49.04 14.63 9.44
CA ASP B 25 48.15 15.61 8.82
C ASP B 25 48.28 15.69 7.31
N ALA B 26 49.49 15.52 6.77
CA ALA B 26 49.74 15.61 5.35
C ALA B 26 50.51 14.38 4.89
N PRO B 27 50.33 13.96 3.64
CA PRO B 27 51.08 12.80 3.14
C PRO B 27 52.58 13.06 3.16
N ARG B 28 53.34 12.02 3.49
CA ARG B 28 54.80 12.16 3.57
C ARG B 28 55.41 12.30 2.18
N ALA B 29 54.92 11.55 1.20
CA ALA B 29 55.47 11.54 -0.14
C ALA B 29 54.35 11.68 -1.16
N VAL B 30 54.40 12.73 -1.96
CA VAL B 30 53.44 12.96 -3.04
C VAL B 30 54.24 13.14 -4.33
N PHE B 31 54.07 12.22 -5.26
CA PHE B 31 54.78 12.24 -6.53
C PHE B 31 53.83 11.81 -7.64
N PRO B 32 54.07 12.24 -8.87
CA PRO B 32 53.20 11.83 -9.98
C PRO B 32 53.25 10.32 -10.19
N SER B 33 52.11 9.78 -10.61
CA SER B 33 51.97 8.34 -10.85
C SER B 33 52.22 8.04 -12.32
N ILE B 34 53.49 8.16 -12.71
CA ILE B 34 53.92 7.90 -14.08
C ILE B 34 55.14 7.00 -14.07
N VAL B 35 55.33 6.26 -15.16
CA VAL B 35 56.50 5.43 -15.37
C VAL B 35 57.06 5.77 -16.75
N GLY B 36 58.36 6.06 -16.80
CA GLY B 36 59.00 6.46 -18.03
C GLY B 36 60.10 5.48 -18.44
N ARG B 37 60.22 5.28 -19.75
CA ARG B 37 61.26 4.44 -20.32
C ARG B 37 61.93 5.16 -21.48
N PRO B 38 63.25 5.02 -21.62
CA PRO B 38 63.94 5.72 -22.72
C PRO B 38 63.47 5.24 -24.08
N ARG B 39 63.41 6.19 -25.02
CA ARG B 39 63.07 5.87 -26.40
C ARG B 39 64.20 6.11 -27.38
N HIS B 40 65.20 6.90 -27.01
CA HIS B 40 66.35 7.16 -27.87
C HIS B 40 67.38 6.05 -27.69
N GLN B 41 68.58 6.25 -28.22
CA GLN B 41 69.66 5.29 -28.11
C GLN B 41 70.73 5.81 -27.16
N GLY B 42 71.35 4.88 -26.43
CA GLY B 42 72.38 5.23 -25.47
C GLY B 42 73.78 5.23 -26.05
N VAL B 43 74.28 6.41 -26.41
CA VAL B 43 75.62 6.50 -26.99
C VAL B 43 76.68 6.20 -25.93
N MET B 44 76.43 6.61 -24.68
CA MET B 44 77.35 6.36 -23.57
C MET B 44 76.75 5.28 -22.68
N VAL B 45 77.03 4.03 -23.02
CA VAL B 45 76.54 2.89 -22.26
C VAL B 45 77.27 2.70 -20.94
N GLY B 46 78.38 3.42 -20.73
CA GLY B 46 79.11 3.27 -19.48
C GLY B 46 78.38 3.83 -18.28
N MET B 47 77.45 4.76 -18.51
CA MET B 47 76.68 5.33 -17.42
C MET B 47 75.67 4.31 -16.88
N GLY B 48 75.03 4.68 -15.77
CA GLY B 48 74.02 3.83 -15.16
C GLY B 48 72.87 3.53 -16.08
N GLN B 49 72.08 4.55 -16.42
CA GLN B 49 70.97 4.44 -17.36
C GLN B 49 70.00 3.33 -16.94
N LYS B 50 69.38 3.55 -15.79
CA LYS B 50 68.39 2.60 -15.28
C LYS B 50 67.27 2.44 -16.29
N ASP B 51 66.79 1.20 -16.44
CA ASP B 51 65.86 0.87 -17.52
C ASP B 51 64.57 1.67 -17.39
N SER B 52 64.03 1.78 -16.18
CA SER B 52 62.76 2.45 -15.95
C SER B 52 62.88 3.46 -14.82
N TYR B 53 62.18 4.58 -14.96
CA TYR B 53 62.16 5.64 -13.96
C TYR B 53 60.72 5.87 -13.52
N VAL B 54 60.54 6.02 -12.20
CA VAL B 54 59.22 6.15 -11.60
C VAL B 54 59.19 7.40 -10.74
N GLY B 55 58.13 8.19 -10.88
CA GLY B 55 57.93 9.34 -10.03
C GLY B 55 58.61 10.61 -10.50
N ASP B 56 59.12 11.40 -9.56
CA ASP B 56 59.75 12.68 -9.91
C ASP B 56 61.03 12.46 -10.71
N GLU B 57 61.63 11.28 -10.63
CA GLU B 57 62.79 10.98 -11.46
C GLU B 57 62.42 10.98 -12.94
N ALA B 58 61.26 10.40 -13.27
CA ALA B 58 60.79 10.41 -14.64
C ALA B 58 60.42 11.83 -15.09
N GLN B 59 59.81 12.61 -14.20
CA GLN B 59 59.42 13.97 -14.56
C GLN B 59 60.64 14.84 -14.86
N SER B 60 61.70 14.71 -14.06
CA SER B 60 62.91 15.49 -14.29
C SER B 60 63.55 15.15 -15.64
N LYS B 61 63.61 13.86 -15.97
CA LYS B 61 64.20 13.39 -17.21
C LYS B 61 63.17 13.18 -18.31
N ARG B 62 62.04 13.90 -18.27
CA ARG B 62 60.97 13.70 -19.24
C ARG B 62 61.33 14.15 -20.64
N GLY B 63 62.46 14.85 -20.82
CA GLY B 63 62.83 15.31 -22.14
C GLY B 63 63.13 14.17 -23.09
N ILE B 64 63.85 13.16 -22.62
CA ILE B 64 64.23 12.01 -23.44
C ILE B 64 63.44 10.76 -23.06
N LEU B 65 62.35 10.91 -22.32
CA LEU B 65 61.53 9.79 -21.89
C LEU B 65 60.15 9.86 -22.55
N THR B 66 59.40 8.78 -22.38
CA THR B 66 57.98 8.74 -22.72
C THR B 66 57.20 8.38 -21.47
N LEU B 67 56.12 9.13 -21.21
CA LEU B 67 55.38 9.00 -19.97
C LEU B 67 54.14 8.15 -20.17
N LYS B 68 53.99 7.13 -19.33
CA LYS B 68 52.85 6.20 -19.40
C LYS B 68 52.20 6.12 -18.03
N TYR B 69 50.89 6.34 -17.99
CA TYR B 69 50.13 6.28 -16.74
C TYR B 69 49.62 4.86 -16.50
N PRO B 70 49.97 4.23 -15.38
CA PRO B 70 49.46 2.88 -15.10
C PRO B 70 47.99 2.86 -14.69
N ILE B 71 47.40 3.98 -14.32
CA ILE B 71 46.01 4.07 -13.92
C ILE B 71 45.28 5.02 -14.85
N GLU B 72 44.17 4.58 -15.41
CA GLU B 72 43.37 5.43 -16.29
C GLU B 72 41.90 5.38 -15.88
N HIC B 73 41.30 6.55 -15.71
CA HIC B 73 39.90 6.70 -15.32
C HIC B 73 39.59 5.99 -14.00
O HIC B 73 38.48 5.50 -13.79
CB HIC B 73 38.97 6.16 -16.43
CG HIC B 73 38.89 7.07 -17.60
ND1 HIC B 73 38.33 8.32 -17.52
CD2 HIC B 73 39.33 6.85 -18.88
CE1 HIC B 73 38.43 8.83 -18.73
NE2 HIC B 73 39.02 7.98 -19.59
CZ HIC B 73 39.29 8.21 -20.99
N GLY B 74 40.57 5.93 -13.12
CA GLY B 74 40.40 5.31 -11.81
C GLY B 74 40.47 3.79 -11.83
N ILE B 75 40.84 3.23 -12.98
CA ILE B 75 40.96 1.79 -13.16
C ILE B 75 42.40 1.48 -13.55
N ILE B 76 43.01 0.54 -12.85
CA ILE B 76 44.39 0.17 -13.13
C ILE B 76 44.45 -0.56 -14.47
N THR B 77 45.21 -0.01 -15.41
CA THR B 77 45.34 -0.57 -16.75
C THR B 77 46.56 -1.48 -16.88
N ASN B 78 47.73 -0.99 -16.52
CA ASN B 78 48.96 -1.77 -16.56
C ASN B 78 49.27 -2.29 -15.17
N TRP B 79 49.30 -3.61 -15.02
CA TRP B 79 49.46 -4.23 -13.71
C TRP B 79 50.93 -4.53 -13.37
N ASP B 80 51.85 -4.24 -14.29
CA ASP B 80 53.28 -4.38 -14.01
C ASP B 80 53.91 -3.06 -13.60
N ASP B 81 53.50 -1.95 -14.21
CA ASP B 81 53.98 -0.65 -13.77
C ASP B 81 53.37 -0.27 -12.42
N MET B 82 52.17 -0.74 -12.13
CA MET B 82 51.55 -0.47 -10.83
C MET B 82 52.35 -1.10 -9.70
N GLU B 83 52.82 -2.34 -9.90
CA GLU B 83 53.64 -2.98 -8.88
C GLU B 83 54.96 -2.25 -8.69
N LYS B 84 55.54 -1.75 -9.79
CA LYS B 84 56.77 -0.97 -9.70
C LYS B 84 56.55 0.31 -8.91
N ILE B 85 55.40 0.97 -9.11
CA ILE B 85 55.10 2.18 -8.36
C ILE B 85 54.96 1.87 -6.87
N TRP B 86 54.26 0.79 -6.55
CA TRP B 86 54.09 0.41 -5.15
C TRP B 86 55.43 0.06 -4.51
N HIS B 87 56.30 -0.65 -5.24
CA HIS B 87 57.61 -0.97 -4.72
C HIS B 87 58.44 0.28 -4.48
N HIS B 88 58.36 1.24 -5.40
CA HIS B 88 59.05 2.52 -5.20
C HIS B 88 58.46 3.29 -4.03
N THR B 89 57.13 3.26 -3.89
CA THR B 89 56.48 3.99 -2.80
C THR B 89 56.86 3.42 -1.44
N PHE B 90 56.95 2.10 -1.33
CA PHE B 90 57.17 1.46 -0.04
C PHE B 90 58.64 1.37 0.35
N TYR B 91 59.55 1.31 -0.62
CA TYR B 91 60.96 1.10 -0.33
C TYR B 91 61.83 2.33 -0.51
N ASN B 92 61.38 3.32 -1.28
CA ASN B 92 62.17 4.51 -1.54
C ASN B 92 61.56 5.78 -0.98
N GLU B 93 60.29 6.05 -1.29
CA GLU B 93 59.65 7.26 -0.79
C GLU B 93 59.44 7.20 0.72
N LEU B 94 59.09 6.03 1.24
CA LEU B 94 58.83 5.86 2.66
C LEU B 94 59.92 5.10 3.39
N ARG B 95 60.65 4.21 2.71
CA ARG B 95 61.73 3.43 3.31
C ARG B 95 61.25 2.65 4.53
N VAL B 96 60.13 1.95 4.36
CA VAL B 96 59.54 1.17 5.44
C VAL B 96 59.53 -0.30 5.07
N ALA B 97 59.08 -1.16 5.99
CA ALA B 97 58.99 -2.59 5.76
C ALA B 97 57.54 -3.00 5.58
N PRO B 98 57.08 -3.31 4.36
CA PRO B 98 55.68 -3.71 4.17
C PRO B 98 55.31 -4.99 4.89
N GLU B 99 56.28 -5.84 5.23
CA GLU B 99 55.99 -7.09 5.90
C GLU B 99 55.54 -6.91 7.35
N GLU B 100 55.65 -5.70 7.90
CA GLU B 100 55.26 -5.44 9.28
C GLU B 100 54.21 -4.36 9.44
N HIS B 101 53.89 -3.60 8.39
CA HIS B 101 52.96 -2.50 8.48
C HIS B 101 51.72 -2.77 7.64
N PRO B 102 50.54 -2.90 8.24
CA PRO B 102 49.32 -3.02 7.43
C PRO B 102 49.05 -1.73 6.67
N THR B 103 48.41 -1.88 5.51
CA THR B 103 48.15 -0.77 4.61
C THR B 103 46.66 -0.60 4.39
N LEU B 104 46.25 0.64 4.13
CA LEU B 104 44.88 0.99 3.82
C LEU B 104 44.85 1.67 2.46
N LEU B 105 44.11 1.10 1.52
CA LEU B 105 44.06 1.59 0.14
C LEU B 105 42.68 2.17 -0.15
N THR B 106 42.59 2.89 -1.27
CA THR B 106 41.38 3.58 -1.68
C THR B 106 40.98 3.14 -3.08
N GLU B 107 39.70 3.27 -3.38
CA GLU B 107 39.18 2.89 -4.70
C GLU B 107 37.98 3.75 -5.02
N ALA B 108 37.71 3.88 -6.32
CA ALA B 108 36.53 4.62 -6.79
C ALA B 108 35.26 3.86 -6.42
N PRO B 109 34.12 4.55 -6.32
CA PRO B 109 32.87 3.88 -5.92
C PRO B 109 32.46 2.76 -6.86
N LEU B 110 32.30 3.06 -8.14
CA LEU B 110 31.87 2.07 -9.14
C LEU B 110 33.07 1.67 -9.98
N ASN B 111 33.69 0.56 -9.62
CA ASN B 111 34.85 0.01 -10.29
C ASN B 111 34.68 -1.49 -10.46
N PRO B 112 35.37 -2.10 -11.43
CA PRO B 112 35.29 -3.55 -11.59
C PRO B 112 35.76 -4.28 -10.33
N LYS B 113 35.09 -5.39 -10.03
CA LYS B 113 35.45 -6.19 -8.86
C LYS B 113 36.80 -6.87 -8.98
N ALA B 114 37.35 -6.97 -10.18
CA ALA B 114 38.68 -7.53 -10.34
C ALA B 114 39.77 -6.57 -9.91
N ASN B 115 39.45 -5.29 -9.75
CA ASN B 115 40.45 -4.31 -9.32
C ASN B 115 40.90 -4.58 -7.89
N ARG B 116 39.94 -4.75 -6.97
CA ARG B 116 40.31 -4.96 -5.57
C ARG B 116 40.87 -6.35 -5.33
N GLU B 117 40.37 -7.36 -6.05
CA GLU B 117 40.89 -8.72 -5.87
C GLU B 117 42.35 -8.81 -6.26
N LYS B 118 42.73 -8.19 -7.37
CA LYS B 118 44.13 -8.20 -7.78
C LYS B 118 44.99 -7.38 -6.81
N MET B 119 44.46 -6.27 -6.32
CA MET B 119 45.18 -5.49 -5.30
C MET B 119 45.37 -6.30 -4.03
N THR B 120 44.33 -7.02 -3.60
CA THR B 120 44.45 -7.85 -2.41
C THR B 120 45.46 -8.97 -2.60
N GLN B 121 45.44 -9.61 -3.78
CA GLN B 121 46.40 -10.68 -4.05
C GLN B 121 47.83 -10.16 -4.07
N ILE B 122 48.05 -9.00 -4.68
CA ILE B 122 49.40 -8.44 -4.77
C ILE B 122 49.95 -8.10 -3.40
N MET B 123 49.13 -7.46 -2.56
CA MET B 123 49.60 -7.02 -1.25
C MET B 123 49.97 -8.20 -0.36
N PHE B 124 49.16 -9.25 -0.36
CA PHE B 124 49.37 -10.39 0.52
C PHE B 124 50.42 -11.36 0.01
N GLU B 125 50.84 -11.26 -1.25
CA GLU B 125 51.80 -12.17 -1.85
C GLU B 125 53.10 -11.50 -2.22
N THR B 126 53.04 -10.40 -2.97
CA THR B 126 54.26 -9.72 -3.38
C THR B 126 54.91 -8.96 -2.22
N PHE B 127 54.08 -8.32 -1.39
CA PHE B 127 54.59 -7.48 -0.30
C PHE B 127 54.39 -8.08 1.08
N ASN B 128 53.57 -9.11 1.21
CA ASN B 128 53.41 -9.87 2.47
C ASN B 128 52.98 -8.96 3.62
N VAL B 129 51.98 -8.11 3.36
CA VAL B 129 51.44 -7.22 4.38
C VAL B 129 50.65 -8.06 5.39
N PRO B 130 50.63 -7.70 6.67
CA PRO B 130 49.85 -8.48 7.64
C PRO B 130 48.36 -8.21 7.59
N ALA B 131 47.93 -7.04 7.13
CA ALA B 131 46.52 -6.70 7.06
C ALA B 131 46.33 -5.65 5.97
N MET B 132 45.09 -5.50 5.52
CA MET B 132 44.78 -4.59 4.42
C MET B 132 43.30 -4.26 4.46
N TYR B 133 42.94 -3.17 3.78
CA TYR B 133 41.57 -2.70 3.71
C TYR B 133 41.43 -1.75 2.53
N VAL B 134 40.23 -1.74 1.94
CA VAL B 134 39.91 -0.85 0.83
C VAL B 134 38.73 0.02 1.24
N ALA B 135 38.87 1.34 1.06
CA ALA B 135 37.84 2.28 1.44
C ALA B 135 37.49 3.18 0.26
N ILE B 136 36.25 3.65 0.25
CA ILE B 136 35.77 4.54 -0.80
C ILE B 136 36.32 5.94 -0.58
N GLN B 137 36.69 6.60 -1.68
CA GLN B 137 37.30 7.93 -1.59
C GLN B 137 36.30 8.98 -1.10
N ALA B 138 35.03 8.86 -1.46
CA ALA B 138 34.05 9.85 -1.05
C ALA B 138 33.76 9.77 0.45
N VAL B 139 33.72 8.57 1.01
CA VAL B 139 33.49 8.41 2.44
C VAL B 139 34.64 9.01 3.22
N LEU B 140 35.88 8.76 2.78
CA LEU B 140 37.04 9.34 3.46
C LEU B 140 37.07 10.85 3.34
N SER B 141 36.48 11.41 2.28
CA SER B 141 36.38 12.86 2.17
C SER B 141 35.50 13.43 3.28
N LEU B 142 34.41 12.74 3.62
CA LEU B 142 33.55 13.20 4.70
C LEU B 142 34.22 13.03 6.06
N TYR B 143 35.10 12.04 6.20
CA TYR B 143 35.83 11.87 7.46
C TYR B 143 36.72 13.08 7.74
N ALA B 144 37.40 13.59 6.71
CA ALA B 144 38.28 14.73 6.89
C ALA B 144 37.52 16.04 7.03
N SER B 145 36.23 16.05 6.69
CA SER B 145 35.43 17.27 6.80
C SER B 145 34.78 17.43 8.17
N GLY B 146 34.92 16.45 9.05
CA GLY B 146 34.30 16.52 10.36
C GLY B 146 32.79 16.53 10.32
N ARG B 147 32.20 15.70 9.45
CA ARG B 147 30.75 15.65 9.29
C ARG B 147 30.31 14.20 9.09
N THR B 148 29.01 13.97 9.23
CA THR B 148 28.42 12.66 8.97
C THR B 148 27.19 12.77 8.07
N THR B 149 26.99 13.89 7.38
CA THR B 149 25.84 14.09 6.51
C THR B 149 26.20 15.09 5.44
N GLY B 150 25.92 14.74 4.20
CA GLY B 150 26.17 15.62 3.07
C GLY B 150 26.54 14.82 1.83
N ILE B 151 26.46 15.49 0.67
CA ILE B 151 26.82 14.91 -0.61
C ILE B 151 28.19 15.44 -1.01
N VAL B 152 29.07 14.54 -1.43
CA VAL B 152 30.47 14.86 -1.70
C VAL B 152 30.68 14.87 -3.21
N LEU B 153 31.11 16.02 -3.74
CA LEU B 153 31.49 16.16 -5.14
C LEU B 153 33.00 15.96 -5.21
N ASP B 154 33.43 14.71 -5.34
CA ASP B 154 34.84 14.35 -5.31
C ASP B 154 35.34 14.22 -6.74
N SER B 155 35.94 15.29 -7.26
CA SER B 155 36.55 15.28 -8.57
C SER B 155 38.04 15.00 -8.45
N GLY B 156 38.69 14.83 -9.60
CA GLY B 156 40.11 14.53 -9.61
C GLY B 156 40.73 14.50 -10.99
N ASP B 157 41.60 13.52 -11.23
CA ASP B 157 42.28 13.39 -12.51
C ASP B 157 41.62 12.37 -13.44
N GLY B 158 40.87 11.42 -12.90
CA GLY B 158 40.30 10.39 -13.74
C GLY B 158 38.79 10.25 -13.71
N VAL B 159 38.16 10.63 -12.60
CA VAL B 159 36.73 10.38 -12.43
C VAL B 159 36.16 11.39 -11.44
N THR B 160 34.94 11.85 -11.73
CA THR B 160 34.17 12.70 -10.83
C THR B 160 32.93 11.94 -10.40
N HIS B 161 32.73 11.82 -9.09
CA HIS B 161 31.62 11.05 -8.55
C HIS B 161 30.99 11.79 -7.38
N ASN B 162 29.67 11.61 -7.22
CA ASN B 162 28.92 12.17 -6.12
C ASN B 162 28.34 11.04 -5.29
N VAL B 163 28.59 11.06 -3.98
CA VAL B 163 28.06 10.05 -3.07
C VAL B 163 27.30 10.72 -1.94
N PRO B 164 25.99 10.54 -1.84
CA PRO B 164 25.23 11.15 -0.74
C PRO B 164 25.22 10.28 0.52
N ILE B 165 25.52 10.88 1.67
CA ILE B 165 25.55 10.18 2.94
C ILE B 165 24.69 10.95 3.94
N TYR B 166 23.84 10.23 4.67
CA TYR B 166 22.94 10.84 5.64
C TYR B 166 23.09 10.12 6.97
N GLU B 167 23.60 10.83 7.98
CA GLU B 167 23.72 10.31 9.35
C GLU B 167 24.50 9.00 9.38
N GLY B 168 25.55 8.90 8.58
CA GLY B 168 26.37 7.71 8.54
C GLY B 168 25.84 6.59 7.67
N TYR B 169 24.70 6.78 7.02
CA TYR B 169 24.11 5.77 6.13
C TYR B 169 24.25 6.25 4.70
N ALA B 170 24.89 5.43 3.86
CA ALA B 170 25.09 5.76 2.46
C ALA B 170 23.96 5.20 1.62
N LEU B 171 23.54 5.97 0.61
CA LEU B 171 22.51 5.56 -0.32
C LEU B 171 23.17 5.13 -1.62
N PRO B 172 23.42 3.83 -1.84
CA PRO B 172 24.13 3.41 -3.06
C PRO B 172 23.36 3.67 -4.33
N HIS B 173 22.03 3.75 -4.29
CA HIS B 173 21.25 3.94 -5.50
C HIS B 173 21.34 5.35 -6.06
N ALA B 174 21.71 6.33 -5.22
CA ALA B 174 21.82 7.72 -5.64
C ALA B 174 23.24 8.11 -6.03
N ILE B 175 24.18 7.17 -6.04
CA ILE B 175 25.55 7.48 -6.41
C ILE B 175 25.62 7.74 -7.91
N MET B 176 26.22 8.87 -8.28
CA MET B 176 26.41 9.25 -9.66
C MET B 176 27.90 9.35 -9.96
N ARG B 177 28.34 8.70 -11.04
CA ARG B 177 29.73 8.69 -11.43
C ARG B 177 29.87 9.23 -12.85
N LEU B 178 30.85 10.12 -13.04
CA LEU B 178 31.11 10.73 -14.33
C LEU B 178 32.60 10.64 -14.64
N ASP B 179 32.90 10.34 -15.91
CA ASP B 179 34.27 10.13 -16.36
C ASP B 179 34.88 11.38 -16.97
N LEU B 180 34.48 12.56 -16.50
CA LEU B 180 35.07 13.83 -16.92
C LEU B 180 35.84 14.38 -15.73
N ALA B 181 37.14 14.61 -15.92
CA ALA B 181 38.02 15.01 -14.83
C ALA B 181 39.12 15.91 -15.38
N GLY B 182 40.18 16.10 -14.60
CA GLY B 182 41.23 17.04 -14.98
C GLY B 182 41.98 16.62 -16.23
N ARG B 183 42.16 15.32 -16.45
CA ARG B 183 42.89 14.86 -17.62
C ARG B 183 42.18 15.26 -18.91
N ASP B 184 40.86 15.14 -18.94
CA ASP B 184 40.11 15.55 -20.12
C ASP B 184 40.21 17.05 -20.35
N LEU B 185 40.18 17.83 -19.26
CA LEU B 185 40.31 19.28 -19.38
C LEU B 185 41.68 19.67 -19.93
N THR B 186 42.73 18.94 -19.52
CA THR B 186 44.06 19.21 -20.05
C THR B 186 44.11 18.94 -21.55
N ASP B 187 43.49 17.84 -22.01
CA ASP B 187 43.45 17.54 -23.44
C ASP B 187 42.67 18.60 -24.20
N TYR B 188 41.55 19.06 -23.64
CA TYR B 188 40.76 20.08 -24.30
C TYR B 188 41.55 21.39 -24.44
N LEU B 189 42.29 21.77 -23.39
CA LEU B 189 43.14 22.94 -23.49
C LEU B 189 44.25 22.73 -24.52
N MET B 190 44.76 21.50 -24.61
CA MET B 190 45.76 21.19 -25.63
C MET B 190 45.20 21.38 -27.03
N LYS B 191 43.94 20.99 -27.25
CA LYS B 191 43.33 21.13 -28.56
C LYS B 191 43.07 22.59 -28.91
N ILE B 192 42.50 23.35 -27.98
CA ILE B 192 42.14 24.74 -28.26
C ILE B 192 43.35 25.67 -28.24
N LEU B 193 44.51 25.22 -27.77
CA LEU B 193 45.71 26.04 -27.84
C LEU B 193 46.27 26.10 -29.25
N THR B 194 45.86 25.19 -30.13
CA THR B 194 46.24 25.25 -31.53
C THR B 194 45.50 26.35 -32.29
N GLU B 195 44.46 26.94 -31.69
CA GLU B 195 43.74 28.01 -32.35
C GLU B 195 44.62 29.23 -32.58
N ARG B 196 45.48 29.55 -31.61
CA ARG B 196 46.37 30.70 -31.72
C ARG B 196 47.69 30.36 -32.39
N GLY B 197 47.98 29.07 -32.64
CA GLY B 197 49.18 28.65 -33.35
C GLY B 197 50.07 27.72 -32.56
N TYR B 198 50.04 27.82 -31.23
CA TYR B 198 50.89 26.99 -30.39
C TYR B 198 50.44 25.53 -30.46
N SER B 199 51.42 24.63 -30.56
CA SER B 199 51.17 23.21 -30.73
C SER B 199 51.89 22.43 -29.64
N PHE B 200 51.17 21.54 -28.97
CA PHE B 200 51.73 20.62 -27.99
C PHE B 200 51.20 19.23 -28.27
N VAL B 201 52.08 18.31 -28.67
CA VAL B 201 51.70 16.99 -29.14
C VAL B 201 52.26 15.89 -28.24
N THR B 202 53.50 16.04 -27.80
CA THR B 202 54.19 14.97 -27.08
C THR B 202 53.67 14.90 -25.64
N THR B 203 53.83 13.71 -25.04
CA THR B 203 53.45 13.52 -23.64
C THR B 203 54.21 14.48 -22.73
N ALA B 204 55.45 14.81 -23.08
CA ALA B 204 56.20 15.81 -22.32
C ALA B 204 55.52 17.17 -22.41
N GLU B 205 55.04 17.54 -23.61
CA GLU B 205 54.31 18.79 -23.75
C GLU B 205 52.96 18.74 -23.06
N ARG B 206 52.41 17.54 -22.85
CA ARG B 206 51.16 17.42 -22.10
C ARG B 206 51.33 17.88 -20.66
N GLU B 207 52.46 17.55 -20.05
CA GLU B 207 52.75 18.03 -18.70
C GLU B 207 52.87 19.55 -18.66
N ILE B 208 53.48 20.14 -19.70
CA ILE B 208 53.58 21.58 -19.78
C ILE B 208 52.20 22.21 -19.87
N VAL B 209 51.31 21.62 -20.67
CA VAL B 209 49.94 22.13 -20.77
C VAL B 209 49.23 22.01 -19.43
N ARG B 210 49.49 20.94 -18.69
CA ARG B 210 48.88 20.77 -17.38
C ARG B 210 49.33 21.87 -16.42
N ASP B 211 50.61 22.24 -16.47
CA ASP B 211 51.11 23.33 -15.64
C ASP B 211 50.46 24.66 -16.01
N ILE B 212 50.25 24.89 -17.31
CA ILE B 212 49.59 26.12 -17.76
C ILE B 212 48.16 26.17 -17.23
N LYS B 213 47.45 25.05 -17.27
CA LYS B 213 46.08 25.02 -16.78
C LYS B 213 46.03 25.29 -15.27
N GLU B 214 46.96 24.73 -14.52
CA GLU B 214 46.97 24.94 -13.07
C GLU B 214 47.25 26.38 -12.70
N LYS B 215 47.99 27.11 -13.55
CA LYS B 215 48.37 28.47 -13.22
C LYS B 215 47.32 29.48 -13.67
N LEU B 216 46.98 29.47 -14.96
CA LEU B 216 46.10 30.48 -15.54
C LEU B 216 44.84 29.81 -16.08
N CYS B 217 43.86 29.63 -15.19
CA CYS B 217 42.55 29.08 -15.56
C CYS B 217 41.59 29.35 -14.43
N TYR B 218 40.44 29.95 -14.75
CA TYR B 218 39.42 30.25 -13.76
C TYR B 218 38.05 30.01 -14.38
N VAL B 219 37.04 29.90 -13.52
CA VAL B 219 35.67 29.63 -13.94
C VAL B 219 34.93 30.96 -13.99
N ALA B 220 34.49 31.34 -15.19
CA ALA B 220 33.72 32.57 -15.34
C ALA B 220 32.32 32.39 -14.78
N LEU B 221 31.85 33.41 -14.05
CA LEU B 221 30.53 33.34 -13.43
C LEU B 221 29.42 33.33 -14.49
N ASP B 222 29.48 34.26 -15.43
CA ASP B 222 28.49 34.38 -16.50
C ASP B 222 29.21 34.20 -17.83
N PHE B 223 29.09 33.01 -18.41
CA PHE B 223 29.91 32.63 -19.56
C PHE B 223 29.69 33.59 -20.74
N GLU B 224 28.45 33.98 -20.98
CA GLU B 224 28.17 34.88 -22.11
C GLU B 224 28.77 36.25 -21.90
N ASN B 225 28.70 36.78 -20.67
CA ASN B 225 29.17 38.14 -20.43
C ASN B 225 30.69 38.22 -20.40
N GLU B 226 31.37 37.24 -19.77
CA GLU B 226 32.83 37.27 -19.77
C GLU B 226 33.39 37.06 -21.17
N MET B 227 32.66 36.33 -22.04
CA MET B 227 33.07 36.24 -23.43
C MET B 227 32.99 37.59 -24.12
N ALA B 228 31.94 38.37 -23.82
CA ALA B 228 31.81 39.69 -24.43
C ALA B 228 32.94 40.62 -24.03
N THR B 229 33.35 40.57 -22.75
CA THR B 229 34.45 41.41 -22.29
C THR B 229 35.76 41.03 -22.96
N ALA B 230 35.98 39.73 -23.19
CA ALA B 230 37.20 39.29 -23.84
C ALA B 230 37.32 39.83 -25.26
N ALA B 231 36.21 39.85 -25.99
CA ALA B 231 36.24 40.39 -27.35
C ALA B 231 36.40 41.90 -27.34
N SER B 232 35.79 42.59 -26.38
CA SER B 232 35.82 44.05 -26.36
C SER B 232 37.22 44.57 -26.01
N SER B 233 37.83 44.03 -24.97
CA SER B 233 39.10 44.52 -24.47
C SER B 233 40.05 43.36 -24.22
N SER B 234 41.33 43.70 -24.03
CA SER B 234 42.37 42.72 -23.76
C SER B 234 42.75 42.65 -22.29
N SER B 235 41.84 43.03 -21.40
CA SER B 235 42.10 42.99 -19.97
C SER B 235 42.23 41.57 -19.43
N LEU B 236 41.79 40.56 -20.18
CA LEU B 236 41.87 39.17 -19.76
C LEU B 236 43.11 38.46 -20.26
N GLU B 237 44.03 39.17 -20.91
CA GLU B 237 45.21 38.57 -21.52
C GLU B 237 46.29 38.37 -20.47
N LYS B 238 46.67 37.12 -20.25
CA LYS B 238 47.74 36.75 -19.33
C LYS B 238 48.81 35.97 -20.10
N SER B 239 50.07 36.21 -19.75
CA SER B 239 51.19 35.59 -20.44
C SER B 239 51.78 34.45 -19.62
N TYR B 240 52.56 33.60 -20.30
CA TYR B 240 53.20 32.45 -19.68
C TYR B 240 54.48 32.15 -20.45
N GLU B 241 55.51 31.73 -19.72
CA GLU B 241 56.83 31.48 -20.31
C GLU B 241 57.08 29.97 -20.37
N LEU B 242 57.44 29.50 -21.56
CA LEU B 242 57.74 28.09 -21.77
C LEU B 242 59.09 27.73 -21.17
N PRO B 243 59.31 26.44 -20.88
CA PRO B 243 60.62 26.03 -20.36
C PRO B 243 61.78 26.36 -21.28
N ASP B 244 61.57 26.30 -22.60
CA ASP B 244 62.65 26.65 -23.53
C ASP B 244 63.02 28.12 -23.42
N GLY B 245 62.02 28.98 -23.25
CA GLY B 245 62.27 30.41 -23.14
C GLY B 245 61.28 31.24 -23.92
N GLN B 246 60.36 30.58 -24.61
CA GLN B 246 59.34 31.28 -25.39
C GLN B 246 58.21 31.73 -24.48
N VAL B 247 57.43 32.69 -24.98
CA VAL B 247 56.30 33.26 -24.25
C VAL B 247 55.05 33.13 -25.11
N ILE B 248 53.94 32.77 -24.48
CA ILE B 248 52.66 32.62 -25.17
C ILE B 248 51.62 33.45 -24.44
N THR B 249 50.58 33.85 -25.17
CA THR B 249 49.49 34.65 -24.63
C THR B 249 48.17 33.92 -24.87
N ILE B 250 47.38 33.77 -23.81
CA ILE B 250 46.09 33.10 -23.89
C ILE B 250 45.02 34.06 -23.37
N GLY B 251 43.89 34.12 -24.08
CA GLY B 251 42.82 35.04 -23.74
C GLY B 251 41.58 34.36 -23.21
N ASN B 252 40.58 34.17 -24.07
CA ASN B 252 39.35 33.51 -23.65
C ASN B 252 39.55 32.05 -23.30
N GLU B 253 40.71 31.47 -23.65
CA GLU B 253 40.98 30.08 -23.31
C GLU B 253 41.12 29.89 -21.80
N ARG B 254 41.36 30.96 -21.06
CA ARG B 254 41.53 30.85 -19.62
C ARG B 254 40.25 30.37 -18.94
N PHE B 255 39.11 30.90 -19.33
CA PHE B 255 37.83 30.54 -18.73
C PHE B 255 36.99 29.63 -19.61
N ARG B 256 37.53 29.14 -20.73
CA ARG B 256 36.80 28.18 -21.54
C ARG B 256 37.19 26.74 -21.23
N CYS B 257 38.45 26.49 -20.84
CA CYS B 257 38.85 25.16 -20.43
C CYS B 257 38.10 24.66 -19.19
N PRO B 258 37.97 25.44 -18.10
CA PRO B 258 37.19 24.95 -16.96
C PRO B 258 35.69 24.92 -17.20
N GLU B 259 35.20 25.54 -18.28
CA GLU B 259 33.76 25.56 -18.55
C GLU B 259 33.26 24.20 -19.01
N THR B 260 34.14 23.33 -19.49
CA THR B 260 33.73 22.00 -19.93
C THR B 260 33.11 21.19 -18.80
N LEU B 261 33.44 21.51 -17.54
CA LEU B 261 32.82 20.82 -16.42
C LEU B 261 31.32 21.09 -16.35
N PHE B 262 30.92 22.33 -16.62
CA PHE B 262 29.51 22.70 -16.58
C PHE B 262 28.82 22.52 -17.93
N GLN B 263 29.58 22.50 -19.03
CA GLN B 263 29.04 22.27 -20.37
C GLN B 263 29.85 21.16 -21.01
N PRO B 264 29.52 19.89 -20.71
CA PRO B 264 30.30 18.77 -21.28
C PRO B 264 30.17 18.64 -22.78
N SER B 265 29.28 19.41 -23.42
CA SER B 265 29.13 19.35 -24.88
C SER B 265 30.33 19.92 -25.62
N PHE B 266 31.24 20.61 -24.91
CA PHE B 266 32.42 21.16 -25.57
C PHE B 266 33.31 20.05 -26.12
N ILE B 267 33.43 18.93 -25.40
CA ILE B 267 34.21 17.79 -25.85
C ILE B 267 33.31 16.70 -26.44
N GLY B 268 32.10 17.05 -26.86
CA GLY B 268 31.19 16.11 -27.47
C GLY B 268 30.73 15.00 -26.55
N MET B 269 30.36 15.36 -25.33
CA MET B 269 29.90 14.40 -24.34
C MET B 269 28.42 14.64 -24.05
N GLU B 270 27.67 13.54 -23.89
CA GLU B 270 26.23 13.59 -23.70
C GLU B 270 25.83 13.74 -22.24
N SER B 271 26.76 13.63 -21.30
CA SER B 271 26.43 13.74 -19.88
C SER B 271 26.16 15.20 -19.51
N ALA B 272 25.53 15.38 -18.36
CA ALA B 272 25.22 16.71 -17.85
C ALA B 272 26.38 17.27 -17.03
N GLY B 273 26.26 18.54 -16.68
CA GLY B 273 27.29 19.21 -15.92
C GLY B 273 27.32 18.74 -14.46
N ILE B 274 28.34 19.23 -13.75
CA ILE B 274 28.50 18.85 -12.35
C ILE B 274 27.36 19.40 -11.51
N HIS B 275 26.91 20.63 -11.81
CA HIS B 275 25.80 21.21 -11.07
C HIS B 275 24.51 20.42 -11.31
N GLU B 276 24.27 20.00 -12.56
CA GLU B 276 23.09 19.20 -12.84
C GLU B 276 23.19 17.82 -12.22
N THR B 277 24.39 17.22 -12.25
CA THR B 277 24.57 15.90 -11.64
C THR B 277 24.36 15.95 -10.14
N THR B 278 24.87 16.99 -9.49
CA THR B 278 24.67 17.13 -8.04
C THR B 278 23.20 17.31 -7.71
N TYR B 279 22.47 18.10 -8.50
CA TYR B 279 21.04 18.27 -8.28
C TYR B 279 20.29 16.96 -8.51
N ASN B 280 20.68 16.21 -9.54
CA ASN B 280 20.00 14.95 -9.83
C ASN B 280 20.20 13.94 -8.70
N SER B 281 21.42 13.88 -8.15
CA SER B 281 21.67 12.95 -7.05
C SER B 281 20.87 13.32 -5.81
N ILE B 282 20.72 14.62 -5.54
CA ILE B 282 19.94 15.07 -4.38
C ILE B 282 18.48 14.69 -4.56
N MET B 283 17.93 14.92 -5.75
CA MET B 283 16.52 14.63 -6.00
C MET B 283 16.22 13.14 -6.03
N LYS B 284 17.23 12.28 -6.12
CA LYS B 284 17.01 10.84 -6.06
C LYS B 284 16.96 10.32 -4.63
N CYS B 285 17.30 11.14 -3.65
CA CYS B 285 17.25 10.74 -2.25
C CYS B 285 15.85 10.99 -1.68
N ASP B 286 15.68 10.65 -0.41
CA ASP B 286 14.40 10.85 0.25
C ASP B 286 14.10 12.34 0.41
N ILE B 287 12.81 12.66 0.39
CA ILE B 287 12.39 14.06 0.43
C ILE B 287 12.77 14.72 1.76
N ASP B 288 12.73 13.97 2.86
CA ASP B 288 13.00 14.53 4.17
C ASP B 288 14.47 14.90 4.37
N ILE B 289 15.39 14.23 3.66
CA ILE B 289 16.81 14.46 3.84
C ILE B 289 17.40 15.43 2.83
N ARG B 290 16.60 15.90 1.87
CA ARG B 290 17.12 16.83 0.87
C ARG B 290 17.46 18.18 1.47
N LYS B 291 16.77 18.58 2.54
CA LYS B 291 17.08 19.85 3.19
C LYS B 291 18.50 19.83 3.76
N ASP B 292 18.91 18.71 4.35
CA ASP B 292 20.26 18.62 4.90
C ASP B 292 21.30 18.47 3.79
N LEU B 293 20.94 17.76 2.71
CA LEU B 293 21.88 17.58 1.61
C LEU B 293 22.20 18.91 0.93
N TYR B 294 21.21 19.77 0.78
CA TYR B 294 21.43 21.07 0.15
C TYR B 294 22.42 21.91 0.95
N ALA B 295 22.33 21.87 2.28
CA ALA B 295 23.19 22.70 3.10
C ALA B 295 24.64 22.21 3.06
N ASN B 296 24.85 20.89 3.01
CA ASN B 296 26.18 20.30 3.07
C ASN B 296 26.57 19.79 1.69
N ASN B 297 27.42 20.54 1.01
CA ASN B 297 27.98 20.15 -0.29
C ASN B 297 29.50 20.18 -0.16
N VAL B 298 30.10 19.03 0.10
CA VAL B 298 31.55 18.94 0.33
C VAL B 298 32.24 18.80 -1.02
N MET B 299 32.99 19.83 -1.41
CA MET B 299 33.74 19.83 -2.65
C MET B 299 35.19 19.50 -2.34
N SER B 300 35.63 18.32 -2.76
CA SER B 300 36.99 17.86 -2.53
C SER B 300 37.60 17.35 -3.83
N GLY B 301 38.92 17.50 -3.95
CA GLY B 301 39.62 17.05 -5.13
C GLY B 301 40.48 18.12 -5.77
N GLY B 302 41.49 17.71 -6.52
CA GLY B 302 42.38 18.67 -7.16
C GLY B 302 41.69 19.48 -8.24
N THR B 303 40.79 18.85 -9.00
CA THR B 303 40.12 19.55 -10.09
C THR B 303 39.20 20.65 -9.58
N THR B 304 38.66 20.49 -8.37
CA THR B 304 37.75 21.48 -7.79
C THR B 304 38.47 22.69 -7.22
N MET B 305 39.73 22.91 -7.58
CA MET B 305 40.53 24.00 -7.04
C MET B 305 40.57 25.22 -7.96
N TYR B 306 39.73 25.27 -8.98
CA TYR B 306 39.69 26.43 -9.85
C TYR B 306 39.19 27.65 -9.09
N PRO B 307 39.71 28.83 -9.39
CA PRO B 307 39.22 30.05 -8.73
C PRO B 307 37.84 30.45 -9.23
N GLY B 308 36.82 30.25 -8.40
CA GLY B 308 35.46 30.61 -8.73
C GLY B 308 34.52 29.46 -8.98
N ILE B 309 34.99 28.21 -8.89
CA ILE B 309 34.11 27.07 -9.11
C ILE B 309 33.08 26.97 -7.98
N ALA B 310 33.47 27.31 -6.75
CA ALA B 310 32.53 27.28 -5.64
C ALA B 310 31.42 28.30 -5.82
N ASP B 311 31.77 29.50 -6.26
CA ASP B 311 30.76 30.54 -6.51
C ASP B 311 29.86 30.15 -7.68
N ARG B 312 30.45 29.60 -8.74
CA ARG B 312 29.64 29.20 -9.90
C ARG B 312 28.69 28.07 -9.54
N MET B 313 29.16 27.08 -8.79
CA MET B 313 28.30 25.97 -8.40
C MET B 313 27.16 26.43 -7.50
N GLN B 314 27.45 27.36 -6.60
CA GLN B 314 26.41 27.88 -5.71
C GLN B 314 25.31 28.58 -6.50
N LYS B 315 25.69 29.33 -7.55
CA LYS B 315 24.70 30.03 -8.36
C LYS B 315 23.89 29.06 -9.20
N GLU B 316 24.54 28.05 -9.80
CA GLU B 316 23.85 27.12 -10.67
C GLU B 316 22.85 26.26 -9.90
N ILE B 317 23.25 25.76 -8.72
CA ILE B 317 22.35 24.93 -7.92
C ILE B 317 21.18 25.77 -7.41
N THR B 318 21.42 27.04 -7.09
CA THR B 318 20.35 27.90 -6.59
C THR B 318 19.22 28.03 -7.60
N ALA B 319 19.56 28.20 -8.88
CA ALA B 319 18.53 28.31 -9.91
C ALA B 319 17.70 27.03 -10.02
N LEU B 320 18.36 25.87 -9.95
CA LEU B 320 17.64 24.61 -10.03
C LEU B 320 16.80 24.36 -8.77
N ALA B 321 17.37 24.64 -7.60
CA ALA B 321 16.68 24.43 -6.34
C ALA B 321 15.57 25.46 -6.15
N PRO B 322 14.57 25.14 -5.33
CA PRO B 322 13.51 26.11 -5.05
C PRO B 322 14.05 27.33 -4.29
N SER B 323 13.26 28.41 -4.33
CA SER B 323 13.67 29.64 -3.68
C SER B 323 13.74 29.48 -2.16
N THR B 324 12.88 28.65 -1.59
CA THR B 324 12.90 28.44 -0.15
C THR B 324 14.21 27.81 0.31
N MET B 325 14.75 26.88 -0.49
CA MET B 325 15.95 26.15 -0.11
C MET B 325 17.14 27.10 0.02
N LYS B 326 18.03 26.77 0.95
CA LYS B 326 19.27 27.50 1.16
C LYS B 326 20.43 26.62 0.72
N ILE B 327 21.25 27.13 -0.20
CA ILE B 327 22.34 26.38 -0.81
C ILE B 327 23.66 26.86 -0.23
N LYS B 328 24.46 25.92 0.26
CA LYS B 328 25.79 26.22 0.79
C LYS B 328 26.79 25.27 0.15
N ILE B 329 27.90 25.82 -0.34
CA ILE B 329 28.96 25.03 -0.98
C ILE B 329 30.15 25.05 -0.04
N ILE B 330 30.57 23.88 0.43
CA ILE B 330 31.70 23.76 1.33
C ILE B 330 32.93 23.42 0.51
N ALA B 331 33.98 24.23 0.66
CA ALA B 331 35.22 24.05 -0.10
C ALA B 331 36.39 24.50 0.77
N PRO B 332 36.88 23.62 1.65
CA PRO B 332 38.04 23.97 2.45
C PRO B 332 39.27 24.13 1.58
N PRO B 333 40.21 25.01 1.97
CA PRO B 333 41.42 25.20 1.15
C PRO B 333 42.28 23.95 1.01
N GLU B 334 42.15 22.99 1.93
CA GLU B 334 42.92 21.76 1.89
C GLU B 334 42.17 20.62 1.20
N ARG B 335 41.26 20.94 0.27
CA ARG B 335 40.46 19.92 -0.39
C ARG B 335 41.25 19.06 -1.36
N LYS B 336 42.49 19.42 -1.68
CA LYS B 336 43.32 18.62 -2.57
C LYS B 336 43.84 17.35 -1.90
N TYR B 337 43.79 17.26 -0.58
CA TYR B 337 44.24 16.07 0.14
C TYR B 337 43.19 15.55 1.11
N SER B 338 41.91 15.84 0.85
CA SER B 338 40.86 15.44 1.78
C SER B 338 40.74 13.92 1.89
N VAL B 339 40.92 13.21 0.77
CA VAL B 339 40.79 11.76 0.77
C VAL B 339 41.83 11.12 1.67
N TRP B 340 43.08 11.57 1.56
CA TRP B 340 44.15 10.99 2.38
C TRP B 340 43.98 11.35 3.85
N ILE B 341 43.56 12.59 4.14
CA ILE B 341 43.40 13.01 5.52
C ILE B 341 42.34 12.18 6.22
N GLY B 342 41.22 11.93 5.54
CA GLY B 342 40.20 11.06 6.10
C GLY B 342 40.68 9.63 6.27
N GLY B 343 41.52 9.15 5.35
CA GLY B 343 42.06 7.82 5.48
C GLY B 343 42.94 7.66 6.70
N SER B 344 43.76 8.66 6.98
CA SER B 344 44.59 8.62 8.19
C SER B 344 43.74 8.63 9.44
N ILE B 345 42.66 9.43 9.45
CA ILE B 345 41.77 9.48 10.60
C ILE B 345 41.08 8.14 10.81
N LEU B 346 40.59 7.54 9.72
CA LEU B 346 39.86 6.28 9.83
C LEU B 346 40.76 5.16 10.36
N ALA B 347 41.99 5.08 9.86
CA ALA B 347 42.90 4.04 10.29
C ALA B 347 43.31 4.22 11.75
N SER B 348 43.38 5.47 12.23
CA SER B 348 43.75 5.72 13.61
C SER B 348 42.62 5.42 14.58
N LEU B 349 41.39 5.26 14.08
CA LEU B 349 40.26 4.99 14.96
C LEU B 349 40.41 3.64 15.65
N SER B 350 39.99 3.59 16.92
CA SER B 350 40.08 2.35 17.68
C SER B 350 39.07 1.31 17.20
N THR B 351 37.90 1.75 16.74
CA THR B 351 36.88 0.80 16.29
C THR B 351 37.29 0.12 14.98
N PHE B 352 38.02 0.82 14.12
CA PHE B 352 38.38 0.29 12.81
C PHE B 352 39.38 -0.87 12.90
N GLN B 353 40.05 -1.05 14.04
CA GLN B 353 41.07 -2.07 14.16
C GLN B 353 40.51 -3.49 14.13
N GLN B 354 39.19 -3.66 14.23
CA GLN B 354 38.58 -4.99 14.23
C GLN B 354 38.06 -5.41 12.87
N MET B 355 38.26 -4.61 11.82
CA MET B 355 37.76 -4.94 10.49
C MET B 355 38.86 -4.94 9.43
N TRP B 356 40.11 -5.07 9.83
CA TRP B 356 41.19 -5.28 8.87
C TRP B 356 41.12 -6.70 8.33
N ILE B 357 41.48 -6.86 7.06
CA ILE B 357 41.53 -8.16 6.40
C ILE B 357 42.89 -8.77 6.73
N THR B 358 42.90 -9.71 7.66
CA THR B 358 44.14 -10.31 8.12
C THR B 358 44.63 -11.36 7.12
N LYS B 359 45.86 -11.83 7.36
CA LYS B 359 46.46 -12.80 6.46
C LYS B 359 45.72 -14.13 6.48
N GLN B 360 45.26 -14.57 7.66
CA GLN B 360 44.59 -15.87 7.77
C GLN B 360 43.29 -15.89 6.98
N GLU B 361 42.53 -14.79 6.99
CA GLU B 361 41.30 -14.74 6.20
C GLU B 361 41.60 -14.85 4.71
N TYR B 362 42.69 -14.24 4.25
CA TYR B 362 43.11 -14.43 2.87
C TYR B 362 43.59 -15.86 2.62
N ASP B 363 44.16 -16.50 3.64
CA ASP B 363 44.68 -17.86 3.50
C ASP B 363 43.58 -18.88 3.23
N GLU B 364 42.42 -18.74 3.88
CA GLU B 364 41.34 -19.71 3.74
C GLU B 364 40.37 -19.39 2.63
N ALA B 365 40.13 -18.11 2.33
CA ALA B 365 39.14 -17.71 1.33
C ALA B 365 39.76 -17.19 0.04
N GLY B 366 41.07 -17.03 -0.03
CA GLY B 366 41.71 -16.53 -1.22
C GLY B 366 41.47 -15.05 -1.43
N PRO B 367 41.82 -14.53 -2.61
CA PRO B 367 41.62 -13.12 -2.95
C PRO B 367 40.19 -12.78 -3.33
N SER B 368 39.23 -13.25 -2.53
CA SER B 368 37.82 -12.95 -2.76
C SER B 368 37.11 -12.43 -1.53
N ILE B 369 37.76 -12.42 -0.36
CA ILE B 369 37.14 -11.92 0.86
C ILE B 369 37.04 -10.40 0.89
N VAL B 370 37.68 -9.71 -0.05
CA VAL B 370 37.67 -8.25 -0.04
C VAL B 370 36.28 -7.71 -0.30
N HIS B 371 35.43 -8.46 -1.01
CA HIS B 371 34.06 -7.99 -1.26
C HIS B 371 33.20 -8.09 0.00
N ARG B 372 33.33 -9.20 0.73
CA ARG B 372 32.49 -9.40 1.92
C ARG B 372 32.87 -8.43 3.04
N LYS B 373 34.17 -8.21 3.25
CA LYS B 373 34.61 -7.35 4.34
C LYS B 373 34.55 -5.87 3.94
N CYS B 374 35.31 -5.50 2.92
CA CYS B 374 35.33 -4.10 2.48
C CYS B 374 34.04 -3.76 1.74
N PHE B 375 33.50 -2.59 2.03
CA PHE B 375 32.28 -2.13 1.38
C PHE B 375 32.56 -1.70 -0.06
N THR C 6 2.99 6.91 43.65
CA THR C 6 1.80 7.26 42.89
C THR C 6 1.52 6.22 41.81
N ALA C 7 0.46 6.44 41.04
CA ALA C 7 0.05 5.53 39.98
C ALA C 7 0.45 6.08 38.62
N LEU C 8 0.52 5.18 37.64
CA LEU C 8 0.88 5.52 36.28
C LEU C 8 -0.30 5.29 35.36
N VAL C 9 -0.53 6.24 34.45
CA VAL C 9 -1.59 6.16 33.45
C VAL C 9 -0.93 6.16 32.08
N CYS C 10 -1.24 5.15 31.27
CA CYS C 10 -0.66 5.00 29.93
C CYS C 10 -1.78 4.63 28.96
N ASP C 11 -2.24 5.61 28.19
CA ASP C 11 -3.27 5.39 27.18
C ASP C 11 -2.57 4.99 25.89
N ASN C 12 -2.45 3.68 25.68
CA ASN C 12 -1.74 3.15 24.52
C ASN C 12 -2.66 3.21 23.31
N GLY C 13 -2.55 4.28 22.53
CA GLY C 13 -3.30 4.42 21.31
C GLY C 13 -2.62 3.75 20.13
N SER C 14 -3.31 3.78 18.99
CA SER C 14 -2.78 3.20 17.76
C SER C 14 -1.89 4.16 16.99
N GLY C 15 -1.96 5.46 17.27
CA GLY C 15 -1.14 6.43 16.57
C GLY C 15 -0.25 7.25 17.49
N LEU C 16 -0.67 7.40 18.75
CA LEU C 16 0.06 8.18 19.73
C LEU C 16 0.06 7.47 21.07
N VAL C 17 1.09 7.72 21.86
CA VAL C 17 1.20 7.20 23.22
C VAL C 17 1.11 8.37 24.18
N LYS C 18 0.15 8.32 25.10
CA LYS C 18 -0.12 9.40 26.05
C LYS C 18 0.03 8.83 27.46
N ALA C 19 1.23 8.97 28.02
CA ALA C 19 1.52 8.51 29.36
C ALA C 19 1.74 9.69 30.29
N GLY C 20 1.77 9.39 31.58
CA GLY C 20 1.97 10.43 32.57
C GLY C 20 1.67 9.91 33.97
N PHE C 21 1.36 10.84 34.87
CA PHE C 21 1.06 10.52 36.26
C PHE C 21 -0.39 10.91 36.57
N ALA C 22 -0.89 10.35 37.66
CA ALA C 22 -2.23 10.70 38.13
C ALA C 22 -2.23 12.08 38.76
N GLY C 23 -3.40 12.73 38.73
CA GLY C 23 -3.55 14.04 39.31
C GLY C 23 -3.13 15.19 38.43
N ASP C 24 -2.65 14.93 37.22
CA ASP C 24 -2.25 15.97 36.29
C ASP C 24 -3.39 16.28 35.32
N ASP C 25 -3.28 17.44 34.67
CA ASP C 25 -4.29 17.89 33.71
C ASP C 25 -3.91 17.63 32.26
N ALA C 26 -2.65 17.35 31.98
CA ALA C 26 -2.18 17.08 30.64
C ALA C 26 -1.20 15.92 30.67
N PRO C 27 -1.13 15.14 29.58
CA PRO C 27 -0.16 14.04 29.55
C PRO C 27 1.27 14.57 29.51
N ARG C 28 2.18 13.79 30.10
CA ARG C 28 3.58 14.21 30.16
C ARG C 28 4.31 13.90 28.85
N ALA C 29 4.25 12.64 28.41
CA ALA C 29 4.92 12.20 27.19
C ALA C 29 3.88 11.91 26.13
N VAL C 30 3.95 12.63 25.02
CA VAL C 30 3.04 12.46 23.88
C VAL C 30 3.92 12.32 22.64
N PHE C 31 4.18 11.09 22.24
CA PHE C 31 5.05 10.78 21.11
C PHE C 31 4.40 9.73 20.23
N PRO C 32 4.75 9.69 18.94
CA PRO C 32 4.17 8.69 18.05
C PRO C 32 4.59 7.27 18.45
N SER C 33 3.72 6.31 18.15
CA SER C 33 3.97 4.90 18.46
C SER C 33 4.54 4.22 17.21
N ILE C 34 5.83 4.47 16.97
CA ILE C 34 6.52 3.93 15.81
C ILE C 34 7.88 3.39 16.25
N VAL C 35 8.27 2.25 15.68
CA VAL C 35 9.58 1.66 15.90
C VAL C 35 10.22 1.51 14.53
N GLY C 36 11.16 2.39 14.20
CA GLY C 36 11.80 2.40 12.90
C GLY C 36 13.16 1.73 12.94
N ARG C 37 13.50 1.07 11.83
CA ARG C 37 14.78 0.40 11.67
C ARG C 37 15.41 0.82 10.35
N PRO C 38 16.74 0.90 10.29
CA PRO C 38 17.40 1.35 9.06
C PRO C 38 17.21 0.34 7.94
N ARG C 39 17.16 0.87 6.71
CA ARG C 39 17.06 0.05 5.52
C ARG C 39 18.26 0.16 4.60
N HIS C 40 19.16 1.12 4.82
CA HIS C 40 20.36 1.28 4.02
C HIS C 40 21.55 0.64 4.73
N GLN C 41 22.74 0.82 4.16
CA GLN C 41 23.96 0.23 4.69
C GLN C 41 24.85 1.33 5.27
N GLY C 42 25.25 1.17 6.52
CA GLY C 42 26.08 2.18 7.17
C GLY C 42 27.55 1.98 6.83
N VAL C 43 28.24 3.12 6.67
CA VAL C 43 29.66 3.09 6.32
C VAL C 43 30.53 3.89 7.28
N MET C 44 29.98 4.80 8.07
CA MET C 44 30.78 5.61 8.98
C MET C 44 31.07 4.80 10.24
N VAL C 45 32.36 4.49 10.46
CA VAL C 45 32.74 3.75 11.65
C VAL C 45 32.61 4.61 12.89
N GLY C 46 33.04 5.86 12.82
CA GLY C 46 32.98 6.76 13.96
C GLY C 46 31.63 7.41 14.15
N MET C 47 30.62 6.61 14.47
CA MET C 47 29.27 7.11 14.70
C MET C 47 28.47 6.05 15.44
N GLY C 48 27.60 6.52 16.34
CA GLY C 48 26.72 5.62 17.05
C GLY C 48 25.51 5.22 16.21
N GLN C 49 25.40 3.93 15.92
CA GLN C 49 24.35 3.40 15.03
C GLN C 49 23.48 2.43 15.83
N LYS C 50 22.36 2.94 16.35
CA LYS C 50 21.42 2.10 17.06
C LYS C 50 20.69 1.18 16.09
N ASP C 51 20.27 0.02 16.60
CA ASP C 51 19.55 -0.94 15.78
C ASP C 51 18.12 -0.49 15.49
N SER C 52 17.44 0.07 16.49
CA SER C 52 16.06 0.51 16.33
C SER C 52 15.86 1.83 17.06
N TYR C 53 14.91 2.62 16.57
CA TYR C 53 14.58 3.92 17.13
C TYR C 53 13.10 3.95 17.49
N VAL C 54 12.77 4.49 18.65
CA VAL C 54 11.41 4.51 19.18
C VAL C 54 11.02 5.95 19.50
N GLY C 55 9.79 6.31 19.15
CA GLY C 55 9.24 7.59 19.53
C GLY C 55 9.58 8.73 18.58
N ASP C 56 9.85 9.91 19.14
CA ASP C 56 10.16 11.08 18.32
C ASP C 56 11.49 10.94 17.59
N GLU C 57 12.37 10.04 18.05
CA GLU C 57 13.64 9.82 17.36
C GLU C 57 13.41 9.25 15.96
N ALA C 58 12.41 8.37 15.80
CA ALA C 58 12.10 7.83 14.49
C ALA C 58 11.63 8.93 13.54
N GLN C 59 10.81 9.86 14.03
CA GLN C 59 10.32 10.95 13.19
C GLN C 59 11.45 11.85 12.71
N SER C 60 12.43 12.12 13.59
CA SER C 60 13.53 13.00 13.21
C SER C 60 14.37 12.39 12.10
N LYS C 61 14.63 11.08 12.18
CA LYS C 61 15.46 10.38 11.20
C LYS C 61 14.62 9.47 10.30
N ARG C 62 13.41 9.91 9.96
CA ARG C 62 12.49 9.09 9.19
C ARG C 62 12.91 8.94 7.73
N GLY C 63 13.90 9.70 7.27
CA GLY C 63 14.32 9.59 5.88
C GLY C 63 14.94 8.25 5.55
N ILE C 64 15.69 7.68 6.50
CA ILE C 64 16.44 6.45 6.25
C ILE C 64 15.92 5.30 7.10
N LEU C 65 14.70 5.43 7.61
CA LEU C 65 14.11 4.43 8.49
C LEU C 65 12.81 3.91 7.89
N THR C 66 12.47 2.69 8.27
CA THR C 66 11.19 2.07 7.91
C THR C 66 10.29 2.12 9.14
N LEU C 67 9.36 3.07 9.16
CA LEU C 67 8.49 3.24 10.32
C LEU C 67 7.47 2.12 10.38
N LYS C 68 7.30 1.54 11.55
CA LYS C 68 6.38 0.44 11.77
C LYS C 68 5.51 0.73 12.98
N TYR C 69 4.21 0.45 12.86
CA TYR C 69 3.28 0.62 13.97
C TYR C 69 3.00 -0.72 14.60
N PRO C 70 3.40 -0.97 15.84
CA PRO C 70 3.09 -2.25 16.49
C PRO C 70 1.61 -2.45 16.76
N ILE C 71 0.82 -1.38 16.78
CA ILE C 71 -0.61 -1.47 17.08
C ILE C 71 -1.37 -1.07 15.81
N GLU C 72 -2.25 -1.96 15.36
CA GLU C 72 -3.13 -1.64 14.23
C GLU C 72 -4.57 -2.01 14.59
N HIC C 73 -5.49 -1.12 14.24
CA HIC C 73 -6.91 -1.29 14.55
C HIC C 73 -7.16 -1.58 16.02
O HIC C 73 -8.07 -2.34 16.37
CB HIC C 73 -7.51 -2.41 13.68
CG HIC C 73 -7.48 -2.09 12.23
ND1 HIC C 73 -7.79 -0.84 11.76
CD2 HIC C 73 -7.14 -2.91 11.19
CE1 HIC C 73 -7.65 -0.92 10.46
NE2 HIC C 73 -7.27 -2.15 10.06
CZ HIC C 73 -7.02 -2.57 8.70
N GLY C 74 -6.35 -0.97 16.89
CA GLY C 74 -6.52 -1.13 18.32
C GLY C 74 -6.03 -2.45 18.89
N ILE C 75 -5.54 -3.34 18.02
CA ILE C 75 -5.06 -4.65 18.40
C ILE C 75 -3.55 -4.68 18.24
N ILE C 76 -2.86 -5.10 19.29
CA ILE C 76 -1.40 -5.17 19.25
C ILE C 76 -0.95 -6.35 18.40
N THR C 77 -0.11 -6.09 17.41
CA THR C 77 0.36 -7.11 16.48
C THR C 77 1.77 -7.58 16.79
N ASN C 78 2.72 -6.66 16.89
CA ASN C 78 4.11 -7.00 17.19
C ASN C 78 4.34 -6.77 18.69
N TRP C 79 4.47 -7.87 19.44
CA TRP C 79 4.62 -7.77 20.88
C TRP C 79 6.02 -7.35 21.29
N ASP C 80 7.04 -7.76 20.53
CA ASP C 80 8.40 -7.31 20.82
C ASP C 80 8.53 -5.81 20.64
N ASP C 81 7.92 -5.26 19.58
CA ASP C 81 7.93 -3.82 19.39
C ASP C 81 7.15 -3.12 20.49
N MET C 82 6.03 -3.70 20.91
CA MET C 82 5.27 -3.13 22.02
C MET C 82 6.07 -3.16 23.31
N GLU C 83 6.85 -4.21 23.52
CA GLU C 83 7.73 -4.27 24.69
C GLU C 83 8.77 -3.17 24.64
N LYS C 84 9.32 -2.90 23.45
CA LYS C 84 10.27 -1.79 23.30
C LYS C 84 9.62 -0.45 23.59
N ILE C 85 8.39 -0.25 23.09
CA ILE C 85 7.71 1.03 23.27
C ILE C 85 7.44 1.29 24.74
N TRP C 86 6.94 0.28 25.46
CA TRP C 86 6.68 0.45 26.88
C TRP C 86 7.98 0.69 27.66
N HIS C 87 9.05 0.00 27.28
CA HIS C 87 10.34 0.21 27.94
C HIS C 87 10.85 1.63 27.69
N HIS C 88 10.69 2.13 26.47
CA HIS C 88 11.07 3.51 26.17
C HIS C 88 10.21 4.49 26.96
N THR C 89 8.91 4.22 27.07
CA THR C 89 8.00 5.15 27.75
C THR C 89 8.35 5.29 29.22
N PHE C 90 8.65 4.17 29.89
CA PHE C 90 8.87 4.22 31.33
C PHE C 90 10.23 4.78 31.69
N TYR C 91 11.25 4.49 30.89
CA TYR C 91 12.64 4.84 31.23
C TYR C 91 13.10 6.10 30.50
N ASN C 92 13.02 6.12 29.17
CA ASN C 92 13.54 7.24 28.42
C ASN C 92 12.63 8.47 28.48
N GLU C 93 11.31 8.26 28.56
CA GLU C 93 10.37 9.38 28.57
C GLU C 93 9.98 9.80 29.98
N LEU C 94 9.64 8.84 30.84
CA LEU C 94 9.18 9.14 32.19
C LEU C 94 10.27 9.07 33.25
N ARG C 95 11.32 8.28 33.00
CA ARG C 95 12.46 8.16 33.93
C ARG C 95 12.00 7.70 35.31
N VAL C 96 11.15 6.68 35.34
CA VAL C 96 10.63 6.11 36.57
C VAL C 96 10.86 4.60 36.54
N ALA C 97 10.49 3.93 37.63
CA ALA C 97 10.64 2.49 37.76
C ALA C 97 9.27 1.83 37.72
N PRO C 98 9.01 0.95 36.74
CA PRO C 98 7.70 0.28 36.70
C PRO C 98 7.40 -0.55 37.94
N GLU C 99 8.43 -1.05 38.62
CA GLU C 99 8.23 -1.85 39.83
C GLU C 99 7.79 -1.03 41.02
N GLU C 100 7.79 0.30 40.92
CA GLU C 100 7.38 1.18 42.01
C GLU C 100 5.97 1.70 41.86
N HIS C 101 5.55 2.06 40.64
CA HIS C 101 4.24 2.66 40.43
C HIS C 101 3.28 1.66 39.81
N PRO C 102 2.09 1.47 40.37
CA PRO C 102 1.06 0.71 39.66
C PRO C 102 0.62 1.43 38.40
N THR C 103 0.21 0.64 37.40
CA THR C 103 -0.10 1.17 36.08
C THR C 103 -1.57 0.94 35.74
N LEU C 104 -2.14 1.91 35.02
CA LEU C 104 -3.50 1.83 34.50
C LEU C 104 -3.42 1.91 32.98
N LEU C 105 -3.78 0.83 32.31
CA LEU C 105 -3.76 0.75 30.85
C LEU C 105 -5.18 0.74 30.32
N THR C 106 -5.32 1.07 29.04
CA THR C 106 -6.61 1.18 28.39
C THR C 106 -6.70 0.22 27.21
N GLU C 107 -7.90 -0.32 27.00
CA GLU C 107 -8.16 -1.23 25.90
C GLU C 107 -9.47 -0.85 25.24
N ALA C 108 -9.50 -0.92 23.91
CA ALA C 108 -10.70 -0.58 23.17
C ALA C 108 -11.79 -1.64 23.40
N PRO C 109 -13.06 -1.25 23.37
CA PRO C 109 -14.13 -2.23 23.55
C PRO C 109 -14.20 -3.19 22.37
N LEU C 110 -14.74 -4.39 22.65
CA LEU C 110 -14.89 -5.45 21.66
C LEU C 110 -13.55 -5.86 21.07
N ASN C 111 -12.56 -6.02 21.94
CA ASN C 111 -11.21 -6.46 21.57
C ASN C 111 -11.02 -7.93 21.89
N PRO C 112 -10.06 -8.59 21.27
CA PRO C 112 -9.82 -10.02 21.54
C PRO C 112 -9.47 -10.25 23.00
N LYS C 113 -9.90 -11.40 23.52
CA LYS C 113 -9.67 -11.74 24.92
C LYS C 113 -8.17 -11.95 25.20
N ALA C 114 -7.42 -12.42 24.21
CA ALA C 114 -6.00 -12.68 24.41
C ALA C 114 -5.18 -11.40 24.49
N ASN C 115 -5.77 -10.25 24.15
CA ASN C 115 -5.03 -8.99 24.19
C ASN C 115 -4.68 -8.61 25.62
N ARG C 116 -5.66 -8.65 26.52
CA ARG C 116 -5.41 -8.26 27.90
C ARG C 116 -4.68 -9.35 28.68
N GLU C 117 -4.86 -10.62 28.29
CA GLU C 117 -4.13 -11.70 28.95
C GLU C 117 -2.63 -11.57 28.70
N LYS C 118 -2.25 -11.26 27.47
CA LYS C 118 -0.83 -11.07 27.17
C LYS C 118 -0.32 -9.76 27.75
N MET C 119 -1.16 -8.73 27.78
CA MET C 119 -0.76 -7.44 28.34
C MET C 119 -0.47 -7.56 29.83
N THR C 120 -1.32 -8.28 30.56
CA THR C 120 -1.12 -8.42 32.00
C THR C 120 0.04 -9.36 32.32
N GLN C 121 0.32 -10.30 31.42
CA GLN C 121 1.47 -11.19 31.64
C GLN C 121 2.79 -10.42 31.49
N ILE C 122 2.87 -9.56 30.46
CA ILE C 122 4.08 -8.79 30.24
C ILE C 122 4.33 -7.82 31.38
N MET C 123 3.28 -7.12 31.84
CA MET C 123 3.45 -6.13 32.89
C MET C 123 3.89 -6.75 34.21
N PHE C 124 3.36 -7.93 34.54
CA PHE C 124 3.66 -8.57 35.81
C PHE C 124 4.94 -9.38 35.79
N GLU C 125 5.52 -9.62 34.62
CA GLU C 125 6.74 -10.41 34.51
C GLU C 125 7.90 -9.64 33.92
N THR C 126 7.70 -8.95 32.78
CA THR C 126 8.79 -8.22 32.16
C THR C 126 9.14 -6.97 32.96
N PHE C 127 8.13 -6.24 33.43
CA PHE C 127 8.34 -5.01 34.17
C PHE C 127 8.09 -5.15 35.66
N ASN C 128 7.31 -6.16 36.08
CA ASN C 128 7.08 -6.48 37.48
C ASN C 128 6.44 -5.30 38.23
N VAL C 129 5.30 -4.88 37.72
CA VAL C 129 4.53 -3.79 38.36
C VAL C 129 3.87 -4.34 39.62
N PRO C 130 3.77 -3.54 40.69
CA PRO C 130 3.08 -4.03 41.90
C PRO C 130 1.63 -4.35 41.68
N ALA C 131 0.94 -3.59 40.82
CA ALA C 131 -0.47 -3.83 40.54
C ALA C 131 -0.81 -3.17 39.21
N MET C 132 -1.94 -3.58 38.63
CA MET C 132 -2.34 -3.08 37.33
C MET C 132 -3.86 -3.20 37.19
N TYR C 133 -4.39 -2.46 36.20
CA TYR C 133 -5.80 -2.48 35.89
C TYR C 133 -5.98 -2.03 34.45
N VAL C 134 -7.02 -2.55 33.81
CA VAL C 134 -7.35 -2.22 32.42
C VAL C 134 -8.74 -1.62 32.40
N ALA C 135 -8.88 -0.46 31.76
CA ALA C 135 -10.13 0.28 31.73
C ALA C 135 -10.51 0.61 30.29
N ILE C 136 -11.80 0.72 30.05
CA ILE C 136 -12.32 1.04 28.72
C ILE C 136 -12.12 2.52 28.45
N GLN C 137 -11.63 2.84 27.24
CA GLN C 137 -11.34 4.23 26.91
C GLN C 137 -12.59 5.10 26.89
N ALA C 138 -13.70 4.56 26.38
CA ALA C 138 -14.91 5.37 26.22
C ALA C 138 -15.47 5.81 27.57
N VAL C 139 -15.41 4.95 28.58
CA VAL C 139 -15.89 5.32 29.90
C VAL C 139 -15.04 6.45 30.48
N LEU C 140 -13.73 6.40 30.23
CA LEU C 140 -12.86 7.46 30.73
C LEU C 140 -13.11 8.77 30.02
N SER C 141 -13.56 8.71 28.77
CA SER C 141 -13.90 9.94 28.04
C SER C 141 -15.06 10.66 28.70
N LEU C 142 -16.05 9.91 29.20
CA LEU C 142 -17.19 10.54 29.87
C LEU C 142 -16.79 11.10 31.23
N TYR C 143 -15.80 10.48 31.88
CA TYR C 143 -15.34 10.99 33.18
C TYR C 143 -14.72 12.38 33.03
N ALA C 144 -13.95 12.59 31.96
CA ALA C 144 -13.32 13.89 31.75
C ALA C 144 -14.34 14.99 31.54
N SER C 145 -15.41 14.69 30.79
CA SER C 145 -16.44 15.68 30.52
C SER C 145 -17.21 16.07 31.78
N GLY C 146 -17.17 15.25 32.82
CA GLY C 146 -17.86 15.56 34.06
C GLY C 146 -19.34 15.27 34.01
N ARG C 147 -19.70 14.04 33.65
CA ARG C 147 -21.09 13.62 33.61
C ARG C 147 -21.14 12.11 33.78
N THR C 148 -22.35 11.59 33.95
CA THR C 148 -22.58 10.16 34.15
C THR C 148 -23.37 9.51 33.04
N THR C 149 -24.32 10.22 32.44
CA THR C 149 -25.15 9.69 31.37
C THR C 149 -24.79 10.35 30.05
N GLY C 150 -24.74 9.56 28.99
CA GLY C 150 -24.42 10.10 27.67
C GLY C 150 -23.88 9.01 26.78
N ILE C 151 -23.64 9.39 25.54
CA ILE C 151 -23.06 8.51 24.52
C ILE C 151 -21.78 9.15 24.02
N VAL C 152 -20.75 8.32 23.84
CA VAL C 152 -19.40 8.78 23.51
C VAL C 152 -19.04 8.30 22.12
N LEU C 153 -18.58 9.22 21.27
CA LEU C 153 -18.05 8.91 19.95
C LEU C 153 -16.53 9.07 20.03
N ASP C 154 -15.82 7.95 20.22
CA ASP C 154 -14.37 7.96 20.38
C ASP C 154 -13.74 7.56 19.06
N SER C 155 -13.21 8.54 18.33
CA SER C 155 -12.55 8.32 17.05
C SER C 155 -11.12 8.81 17.13
N GLY C 156 -10.17 7.93 16.82
CA GLY C 156 -8.76 8.26 16.88
C GLY C 156 -8.05 7.83 15.61
N ASP C 157 -6.86 7.25 15.78
CA ASP C 157 -6.08 6.71 14.69
C ASP C 157 -6.35 5.24 14.44
N GLY C 158 -7.00 4.55 15.38
CA GLY C 158 -7.27 3.13 15.33
C GLY C 158 -8.70 2.88 14.89
N VAL C 159 -9.59 2.64 15.85
CA VAL C 159 -10.99 2.34 15.56
C VAL C 159 -11.86 3.48 16.07
N THR C 160 -13.09 3.53 15.56
CA THR C 160 -14.12 4.45 16.01
C THR C 160 -15.25 3.64 16.62
N HIS C 161 -15.59 3.93 17.87
CA HIS C 161 -16.58 3.15 18.59
C HIS C 161 -17.55 4.07 19.32
N ASN C 162 -18.76 3.55 19.56
CA ASN C 162 -19.79 4.26 20.30
C ASN C 162 -20.16 3.43 21.53
N VAL C 163 -20.13 4.07 22.70
CA VAL C 163 -20.49 3.39 23.95
C VAL C 163 -21.50 4.25 24.70
N PRO C 164 -22.78 3.87 24.72
CA PRO C 164 -23.77 4.63 25.50
C PRO C 164 -23.71 4.26 26.97
N ILE C 165 -23.31 5.24 27.80
CA ILE C 165 -23.16 5.05 29.24
C ILE C 165 -24.29 5.78 29.93
N TYR C 166 -25.05 5.06 30.75
CA TYR C 166 -26.19 5.62 31.47
C TYR C 166 -25.94 5.45 32.96
N GLU C 167 -25.80 6.58 33.67
CA GLU C 167 -25.55 6.59 35.11
C GLU C 167 -24.32 5.75 35.47
N GLY C 168 -23.28 5.88 34.65
CA GLY C 168 -22.04 5.15 34.89
C GLY C 168 -22.06 3.70 34.44
N TYR C 169 -23.14 3.23 33.84
CA TYR C 169 -23.24 1.87 33.36
C TYR C 169 -23.00 1.84 31.86
N ALA C 170 -21.99 1.10 31.43
CA ALA C 170 -21.68 0.92 30.01
C ALA C 170 -22.49 -0.27 29.50
N LEU C 171 -23.51 0.01 28.68
CA LEU C 171 -24.38 -1.05 28.18
C LEU C 171 -23.63 -1.90 27.16
N PRO C 172 -23.46 -3.19 27.40
CA PRO C 172 -22.66 -4.02 26.49
C PRO C 172 -23.38 -4.40 25.20
N HIS C 173 -24.71 -4.32 25.17
CA HIS C 173 -25.47 -4.75 24.00
C HIS C 173 -25.66 -3.63 22.98
N ALA C 174 -25.19 -2.41 23.27
CA ALA C 174 -25.33 -1.29 22.35
C ALA C 174 -23.98 -0.67 22.01
N ILE C 175 -22.90 -1.44 22.10
CA ILE C 175 -21.56 -0.94 21.80
C ILE C 175 -21.28 -1.18 20.33
N MET C 176 -21.20 -0.09 19.56
CA MET C 176 -20.82 -0.17 18.16
C MET C 176 -19.30 -0.06 18.03
N ARG C 177 -18.81 -0.41 16.84
CA ARG C 177 -17.37 -0.33 16.56
C ARG C 177 -17.18 -0.25 15.07
N LEU C 178 -16.50 0.81 14.61
CA LEU C 178 -16.24 1.04 13.20
C LEU C 178 -14.72 1.17 13.02
N ASP C 179 -14.18 0.44 12.04
CA ASP C 179 -12.74 0.41 11.80
C ASP C 179 -12.28 1.53 10.88
N LEU C 180 -13.05 2.60 10.77
CA LEU C 180 -12.69 3.77 9.96
C LEU C 180 -12.26 4.89 10.90
N ALA C 181 -11.06 5.42 10.68
CA ALA C 181 -10.50 6.41 11.58
C ALA C 181 -9.45 7.22 10.82
N GLY C 182 -8.61 7.96 11.56
CA GLY C 182 -7.69 8.88 10.94
C GLY C 182 -6.68 8.20 10.02
N ARG C 183 -6.25 6.99 10.37
CA ARG C 183 -5.30 6.28 9.52
C ARG C 183 -5.91 5.96 8.16
N ASP C 184 -7.19 5.60 8.13
CA ASP C 184 -7.85 5.33 6.86
C ASP C 184 -8.08 6.62 6.09
N LEU C 185 -8.26 7.74 6.79
CA LEU C 185 -8.40 9.02 6.12
C LEU C 185 -7.08 9.48 5.52
N THR C 186 -5.97 9.18 6.20
CA THR C 186 -4.65 9.51 5.66
C THR C 186 -4.37 8.75 4.38
N ASP C 187 -4.72 7.46 4.34
CA ASP C 187 -4.53 6.68 3.13
C ASP C 187 -5.41 7.18 2.00
N TYR C 188 -6.65 7.57 2.33
CA TYR C 188 -7.55 8.10 1.30
C TYR C 188 -7.01 9.39 0.71
N LEU C 189 -6.49 10.28 1.56
CA LEU C 189 -5.89 11.52 1.06
C LEU C 189 -4.67 11.22 0.20
N MET C 190 -3.90 10.20 0.57
CA MET C 190 -2.75 9.81 -0.23
C MET C 190 -3.17 9.34 -1.62
N LYS C 191 -4.28 8.60 -1.70
CA LYS C 191 -4.73 8.09 -2.99
C LYS C 191 -5.31 9.19 -3.87
N ILE C 192 -6.12 10.07 -3.28
CA ILE C 192 -6.77 11.13 -4.06
C ILE C 192 -5.86 12.33 -4.28
N LEU C 193 -4.66 12.34 -3.71
CA LEU C 193 -3.68 13.38 -4.01
C LEU C 193 -2.98 13.15 -5.34
N THR C 194 -3.09 11.94 -5.91
CA THR C 194 -2.48 11.66 -7.19
C THR C 194 -3.23 12.32 -8.35
N GLU C 195 -4.46 12.77 -8.13
CA GLU C 195 -5.22 13.42 -9.18
C GLU C 195 -4.63 14.76 -9.60
N ARG C 196 -3.75 15.34 -8.80
CA ARG C 196 -3.11 16.60 -9.13
C ARG C 196 -1.62 16.45 -9.48
N GLY C 197 -1.09 15.23 -9.43
CA GLY C 197 0.28 14.96 -9.80
C GLY C 197 1.19 14.64 -8.62
N TYR C 198 0.75 14.90 -7.39
CA TYR C 198 1.57 14.63 -6.22
C TYR C 198 1.48 13.16 -5.84
N SER C 199 2.62 12.50 -5.69
CA SER C 199 2.69 11.08 -5.40
C SER C 199 3.49 10.86 -4.11
N PHE C 200 2.84 10.29 -3.11
CA PHE C 200 3.47 9.95 -1.84
C PHE C 200 3.27 8.46 -1.59
N VAL C 201 4.36 7.70 -1.55
CA VAL C 201 4.30 6.24 -1.53
C VAL C 201 4.93 5.64 -0.29
N THR C 202 6.03 6.20 0.21
CA THR C 202 6.76 5.57 1.29
C THR C 202 6.10 5.86 2.64
N THR C 203 6.59 5.21 3.68
CA THR C 203 6.09 5.47 5.03
C THR C 203 6.45 6.88 5.49
N ALA C 204 7.65 7.35 5.11
CA ALA C 204 8.02 8.73 5.43
C ALA C 204 7.10 9.72 4.73
N GLU C 205 6.69 9.41 3.49
CA GLU C 205 5.74 10.27 2.80
C GLU C 205 4.37 10.24 3.46
N ARG C 206 4.03 9.12 4.12
CA ARG C 206 2.76 9.03 4.82
C ARG C 206 2.70 10.02 5.98
N GLU C 207 3.81 10.19 6.70
CA GLU C 207 3.85 11.15 7.79
C GLU C 207 3.67 12.57 7.28
N ILE C 208 4.23 12.87 6.11
CA ILE C 208 4.06 14.19 5.51
C ILE C 208 2.60 14.42 5.15
N VAL C 209 1.93 13.41 4.58
CA VAL C 209 0.53 13.53 4.22
C VAL C 209 -0.34 13.70 5.45
N ARG C 210 0.03 13.04 6.55
CA ARG C 210 -0.73 13.19 7.79
C ARG C 210 -0.74 14.64 8.27
N ASP C 211 0.39 15.34 8.10
CA ASP C 211 0.43 16.74 8.50
C ASP C 211 -0.45 17.61 7.60
N ILE C 212 -0.54 17.26 6.31
CA ILE C 212 -1.37 18.04 5.39
C ILE C 212 -2.84 17.94 5.80
N LYS C 213 -3.28 16.73 6.16
CA LYS C 213 -4.67 16.53 6.53
C LYS C 213 -5.05 17.31 7.78
N GLU C 214 -4.15 17.35 8.76
CA GLU C 214 -4.45 18.04 10.01
C GLU C 214 -4.59 19.54 9.80
N LYS C 215 -3.75 20.13 8.96
CA LYS C 215 -3.68 21.58 8.82
C LYS C 215 -4.68 22.14 7.82
N LEU C 216 -5.09 21.37 6.82
CA LEU C 216 -5.89 21.90 5.73
C LEU C 216 -7.28 21.30 5.61
N CYS C 217 -7.45 20.01 5.87
CA CYS C 217 -8.74 19.37 5.68
C CYS C 217 -9.77 19.87 6.70
N TYR C 218 -11.00 20.05 6.23
CA TYR C 218 -12.11 20.47 7.09
C TYR C 218 -13.38 19.79 6.60
N VAL C 219 -14.47 20.01 7.34
CA VAL C 219 -15.76 19.38 7.07
C VAL C 219 -16.72 20.44 6.59
N ALA C 220 -17.40 20.16 5.48
CA ALA C 220 -18.39 21.07 4.91
C ALA C 220 -19.78 20.68 5.40
N LEU C 221 -20.59 21.69 5.73
CA LEU C 221 -21.96 21.43 6.17
C LEU C 221 -22.75 20.75 5.07
N ASP C 222 -22.59 21.20 3.83
CA ASP C 222 -23.23 20.62 2.66
C ASP C 222 -22.17 20.17 1.66
N PHE C 223 -22.20 18.89 1.30
CA PHE C 223 -21.17 18.36 0.41
C PHE C 223 -21.41 18.78 -1.04
N GLU C 224 -22.67 18.72 -1.50
CA GLU C 224 -22.96 18.96 -2.92
C GLU C 224 -22.74 20.42 -3.31
N ASN C 225 -23.24 21.35 -2.50
CA ASN C 225 -23.07 22.77 -2.81
C ASN C 225 -21.61 23.19 -2.66
N GLU C 226 -20.88 22.58 -1.73
CA GLU C 226 -19.46 22.85 -1.60
C GLU C 226 -18.70 22.41 -2.85
N MET C 227 -19.05 21.23 -3.39
CA MET C 227 -18.39 20.76 -4.60
C MET C 227 -18.68 21.69 -5.77
N ALA C 228 -19.89 22.23 -5.85
CA ALA C 228 -20.19 23.21 -6.89
C ALA C 228 -19.36 24.47 -6.72
N THR C 229 -19.18 24.93 -5.48
CA THR C 229 -18.35 26.10 -5.22
C THR C 229 -16.89 25.85 -5.59
N ALA C 230 -16.38 24.66 -5.26
CA ALA C 230 -15.00 24.33 -5.58
C ALA C 230 -14.77 24.29 -7.09
N ALA C 231 -15.73 23.75 -7.84
CA ALA C 231 -15.58 23.70 -9.29
C ALA C 231 -15.83 25.06 -9.92
N SER C 232 -16.67 25.89 -9.31
CA SER C 232 -17.01 27.19 -9.90
C SER C 232 -15.82 28.13 -9.91
N SER C 233 -15.14 28.27 -8.77
CA SER C 233 -14.04 29.21 -8.62
C SER C 233 -12.93 28.57 -7.82
N SER C 234 -11.84 29.32 -7.64
CA SER C 234 -10.67 28.86 -6.89
C SER C 234 -10.52 29.57 -5.56
N SER C 235 -11.62 29.87 -4.89
CA SER C 235 -11.58 30.53 -3.59
C SER C 235 -11.29 29.57 -2.44
N LEU C 236 -11.30 28.25 -2.70
CA LEU C 236 -11.03 27.27 -1.66
C LEU C 236 -9.60 26.73 -1.69
N GLU C 237 -8.85 27.01 -2.75
CA GLU C 237 -7.50 26.47 -2.89
C GLU C 237 -6.57 27.07 -1.85
N LYS C 238 -5.73 26.22 -1.26
CA LYS C 238 -4.74 26.64 -0.28
C LYS C 238 -3.41 25.95 -0.60
N SER C 239 -2.32 26.59 -0.17
CA SER C 239 -0.98 26.11 -0.46
C SER C 239 -0.37 25.45 0.77
N TYR C 240 0.72 24.71 0.53
CA TYR C 240 1.43 24.01 1.58
C TYR C 240 2.85 23.71 1.09
N GLU C 241 3.84 24.09 1.88
CA GLU C 241 5.24 23.90 1.51
C GLU C 241 5.72 22.56 2.03
N LEU C 242 6.21 21.71 1.11
CA LEU C 242 6.76 20.43 1.48
C LEU C 242 8.11 20.59 2.18
N PRO C 243 8.57 19.57 2.90
CA PRO C 243 9.89 19.68 3.55
C PRO C 243 11.03 19.92 2.58
N ASP C 244 10.87 19.59 1.30
CA ASP C 244 11.87 19.86 0.27
C ASP C 244 11.77 21.29 -0.26
N GLY C 245 10.78 22.06 0.18
CA GLY C 245 10.57 23.40 -0.32
C GLY C 245 9.60 23.50 -1.48
N GLN C 246 9.09 22.39 -1.97
CA GLN C 246 8.10 22.41 -3.04
C GLN C 246 6.75 22.85 -2.51
N VAL C 247 5.93 23.43 -3.40
CA VAL C 247 4.64 23.99 -3.05
C VAL C 247 3.56 23.14 -3.70
N ILE C 248 2.57 22.72 -2.92
CA ILE C 248 1.43 21.97 -3.41
C ILE C 248 0.16 22.76 -3.13
N THR C 249 -0.88 22.46 -3.90
CA THR C 249 -2.15 23.15 -3.79
C THR C 249 -3.29 22.14 -3.90
N ILE C 250 -4.27 22.27 -3.00
CA ILE C 250 -5.47 21.44 -3.01
C ILE C 250 -6.68 22.33 -2.85
N GLY C 251 -7.69 22.12 -3.70
CA GLY C 251 -8.88 22.96 -3.67
C GLY C 251 -10.14 22.26 -3.21
N ASN C 252 -10.30 20.99 -3.55
CA ASN C 252 -11.48 20.24 -3.15
C ASN C 252 -11.15 18.96 -2.38
N GLU C 253 -9.88 18.57 -2.29
CA GLU C 253 -9.52 17.46 -1.41
C GLU C 253 -9.58 17.86 0.05
N ARG C 254 -9.76 19.16 0.32
CA ARG C 254 -9.83 19.64 1.70
C ARG C 254 -11.06 19.09 2.41
N PHE C 255 -12.23 19.19 1.77
CA PHE C 255 -13.47 18.69 2.36
C PHE C 255 -13.89 17.33 1.81
N ARG C 256 -13.07 16.71 0.97
CA ARG C 256 -13.39 15.38 0.45
C ARG C 256 -12.84 14.28 1.34
N CYS C 257 -11.63 14.46 1.88
CA CYS C 257 -11.07 13.45 2.77
C CYS C 257 -11.89 13.27 4.04
N PRO C 258 -12.26 14.32 4.79
CA PRO C 258 -13.05 14.09 6.01
C PRO C 258 -14.45 13.55 5.74
N GLU C 259 -14.98 13.72 4.53
CA GLU C 259 -16.31 13.21 4.21
C GLU C 259 -16.38 11.69 4.22
N THR C 260 -15.23 11.00 4.18
CA THR C 260 -15.24 9.55 4.26
C THR C 260 -15.82 9.07 5.58
N LEU C 261 -15.71 9.88 6.64
CA LEU C 261 -16.30 9.51 7.92
C LEU C 261 -17.81 9.38 7.82
N PHE C 262 -18.46 10.32 7.13
CA PHE C 262 -19.91 10.28 6.96
C PHE C 262 -20.35 9.39 5.81
N GLN C 263 -19.46 9.14 4.84
CA GLN C 263 -19.76 8.27 3.70
C GLN C 263 -18.64 7.26 3.58
N PRO C 264 -18.67 6.19 4.37
CA PRO C 264 -17.59 5.19 4.30
C PRO C 264 -17.48 4.47 2.97
N SER C 265 -18.47 4.62 2.09
CA SER C 265 -18.40 4.01 0.76
C SER C 265 -17.31 4.61 -0.11
N PHE C 266 -16.73 5.75 0.29
CA PHE C 266 -15.65 6.34 -0.48
C PHE C 266 -14.42 5.45 -0.52
N ILE C 267 -14.21 4.64 0.52
CA ILE C 267 -13.07 3.73 0.56
C ILE C 267 -13.57 2.29 0.43
N GLY C 268 -14.73 2.12 -0.18
CA GLY C 268 -15.29 0.80 -0.40
C GLY C 268 -15.71 0.08 0.87
N MET C 269 -16.36 0.79 1.79
CA MET C 269 -16.84 0.19 3.04
C MET C 269 -18.36 0.27 3.08
N GLU C 270 -19.01 -0.86 3.33
CA GLU C 270 -20.47 -0.91 3.36
C GLU C 270 -21.05 -0.32 4.63
N SER C 271 -20.26 -0.24 5.71
CA SER C 271 -20.78 0.23 6.99
C SER C 271 -21.22 1.68 6.89
N ALA C 272 -22.15 2.05 7.77
CA ALA C 272 -22.73 3.38 7.76
C ALA C 272 -21.77 4.39 8.39
N GLY C 273 -22.13 5.66 8.27
CA GLY C 273 -21.29 6.74 8.77
C GLY C 273 -21.37 6.87 10.28
N ILE C 274 -20.66 7.88 10.79
CA ILE C 274 -20.62 8.11 12.22
C ILE C 274 -21.97 8.60 12.73
N HIS C 275 -22.67 9.43 11.94
CA HIS C 275 -23.97 9.93 12.37
C HIS C 275 -25.01 8.82 12.40
N GLU C 276 -24.95 7.89 11.43
CA GLU C 276 -25.88 6.77 11.43
C GLU C 276 -25.55 5.77 12.53
N THR C 277 -24.25 5.55 12.78
CA THR C 277 -23.85 4.63 13.83
C THR C 277 -24.29 5.13 15.21
N THR C 278 -24.14 6.43 15.46
CA THR C 278 -24.57 6.99 16.74
C THR C 278 -26.08 6.85 16.93
N TYR C 279 -26.85 7.08 15.86
CA TYR C 279 -28.30 6.92 15.94
C TYR C 279 -28.67 5.48 16.23
N ASN C 280 -27.99 4.52 15.58
CA ASN C 280 -28.30 3.11 15.81
C ASN C 280 -28.00 2.71 17.24
N SER C 281 -26.92 3.23 17.83
CA SER C 281 -26.59 2.91 19.20
C SER C 281 -27.65 3.43 20.17
N ILE C 282 -28.19 4.62 19.89
CA ILE C 282 -29.20 5.19 20.77
C ILE C 282 -30.47 4.36 20.75
N MET C 283 -30.91 3.95 19.55
CA MET C 283 -32.13 3.15 19.45
C MET C 283 -31.97 1.76 20.06
N LYS C 284 -30.74 1.25 20.15
CA LYS C 284 -30.55 -0.05 20.77
C LYS C 284 -30.71 0.00 22.29
N CYS C 285 -30.80 1.19 22.87
CA CYS C 285 -30.98 1.35 24.30
C CYS C 285 -32.46 1.40 24.66
N ASP C 286 -32.75 1.44 25.96
CA ASP C 286 -34.11 1.52 26.43
C ASP C 286 -34.74 2.87 26.08
N ILE C 287 -36.04 2.85 25.83
CA ILE C 287 -36.75 4.06 25.42
C ILE C 287 -36.80 5.10 26.52
N ASP C 288 -36.63 4.71 27.78
CA ASP C 288 -36.71 5.65 28.89
C ASP C 288 -35.46 6.50 29.03
N ILE C 289 -34.35 6.12 28.40
CA ILE C 289 -33.09 6.84 28.52
C ILE C 289 -32.64 7.47 27.21
N ARG C 290 -33.42 7.36 26.14
CA ARG C 290 -33.00 7.89 24.85
C ARG C 290 -32.89 9.41 24.88
N LYS C 291 -33.80 10.07 25.60
CA LYS C 291 -33.74 11.54 25.67
C LYS C 291 -32.46 12.00 26.36
N ASP C 292 -32.04 11.29 27.41
CA ASP C 292 -30.79 11.64 28.08
C ASP C 292 -29.59 11.45 27.15
N LEU C 293 -29.60 10.37 26.37
CA LEU C 293 -28.48 10.11 25.46
C LEU C 293 -28.39 11.16 24.36
N TYR C 294 -29.54 11.63 23.86
CA TYR C 294 -29.52 12.66 22.83
C TYR C 294 -28.94 13.96 23.35
N ALA C 295 -29.25 14.33 24.60
CA ALA C 295 -28.76 15.58 25.15
C ALA C 295 -27.25 15.57 25.30
N ASN C 296 -26.69 14.44 25.72
CA ASN C 296 -25.26 14.32 26.02
C ASN C 296 -24.59 13.50 24.91
N ASN C 297 -24.13 14.20 23.88
CA ASN C 297 -23.34 13.60 22.80
C ASN C 297 -21.90 14.09 22.97
N VAL C 298 -21.08 13.29 23.64
CA VAL C 298 -19.71 13.66 23.95
C VAL C 298 -18.80 13.12 22.84
N MET C 299 -18.10 14.01 22.16
CA MET C 299 -17.17 13.64 21.11
C MET C 299 -15.75 13.70 21.66
N SER C 300 -15.02 12.60 21.56
CA SER C 300 -13.66 12.51 22.07
C SER C 300 -12.78 11.85 21.02
N GLY C 301 -11.49 12.16 21.07
CA GLY C 301 -10.51 11.64 20.15
C GLY C 301 -9.95 12.70 19.23
N GLY C 302 -8.93 12.30 18.47
CA GLY C 302 -8.23 13.22 17.59
C GLY C 302 -8.87 13.39 16.22
N THR C 303 -9.58 12.36 15.74
CA THR C 303 -10.16 12.43 14.40
C THR C 303 -11.37 13.35 14.35
N THR C 304 -11.96 13.69 15.51
CA THR C 304 -13.10 14.59 15.56
C THR C 304 -12.70 16.05 15.72
N MET C 305 -11.50 16.41 15.28
CA MET C 305 -10.98 17.77 15.45
C MET C 305 -11.12 18.62 14.19
N TYR C 306 -11.74 18.11 13.14
CA TYR C 306 -11.90 18.90 11.93
C TYR C 306 -12.85 20.06 12.19
N PRO C 307 -12.58 21.24 11.61
CA PRO C 307 -13.53 22.35 11.74
C PRO C 307 -14.88 22.01 11.13
N GLY C 308 -15.94 22.43 11.82
CA GLY C 308 -17.29 22.22 11.33
C GLY C 308 -17.83 20.82 11.50
N ILE C 309 -17.12 19.93 12.19
CA ILE C 309 -17.62 18.57 12.36
C ILE C 309 -18.75 18.54 13.39
N ALA C 310 -18.74 19.46 14.35
CA ALA C 310 -19.80 19.49 15.34
C ALA C 310 -21.11 19.98 14.73
N ASP C 311 -21.04 21.03 13.90
CA ASP C 311 -22.23 21.53 13.24
C ASP C 311 -22.79 20.52 12.24
N ARG C 312 -21.91 19.85 11.50
CA ARG C 312 -22.36 18.82 10.56
C ARG C 312 -23.03 17.67 11.28
N MET C 313 -22.43 17.23 12.39
CA MET C 313 -23.02 16.13 13.16
C MET C 313 -24.34 16.54 13.78
N GLN C 314 -24.46 17.81 14.17
CA GLN C 314 -25.70 18.28 14.77
C GLN C 314 -26.87 18.20 13.79
N LYS C 315 -26.63 18.61 12.54
CA LYS C 315 -27.71 18.61 11.56
C LYS C 315 -28.00 17.21 11.04
N GLU C 316 -27.01 16.32 11.06
CA GLU C 316 -27.22 14.96 10.58
C GLU C 316 -28.07 14.16 11.57
N ILE C 317 -27.74 14.26 12.86
CA ILE C 317 -28.53 13.56 13.87
C ILE C 317 -29.92 14.17 13.98
N THR C 318 -30.05 15.49 13.82
CA THR C 318 -31.36 16.12 13.94
C THR C 318 -32.33 15.59 12.90
N ALA C 319 -31.87 15.38 11.68
CA ALA C 319 -32.72 14.79 10.65
C ALA C 319 -33.13 13.37 11.02
N LEU C 320 -32.19 12.58 11.56
CA LEU C 320 -32.50 11.21 11.92
C LEU C 320 -33.37 11.12 13.17
N ALA C 321 -33.13 11.99 14.14
CA ALA C 321 -33.83 11.98 15.41
C ALA C 321 -35.24 12.53 15.25
N PRO C 322 -36.14 12.21 16.18
CA PRO C 322 -37.48 12.82 16.15
C PRO C 322 -37.40 14.33 16.30
N SER C 323 -38.39 15.01 15.71
CA SER C 323 -38.38 16.47 15.70
C SER C 323 -38.50 17.04 17.11
N THR C 324 -39.27 16.39 17.98
CA THR C 324 -39.47 16.90 19.33
C THR C 324 -38.17 16.90 20.13
N MET C 325 -37.35 15.87 19.97
CA MET C 325 -36.13 15.76 20.75
C MET C 325 -35.14 16.87 20.41
N LYS C 326 -34.44 17.35 21.43
CA LYS C 326 -33.42 18.38 21.26
C LYS C 326 -32.05 17.73 21.26
N ILE C 327 -31.23 18.07 20.25
CA ILE C 327 -29.93 17.44 20.04
C ILE C 327 -28.85 18.43 20.44
N LYS C 328 -27.90 17.96 21.25
CA LYS C 328 -26.78 18.77 21.70
C LYS C 328 -25.50 17.96 21.55
N ILE C 329 -24.63 18.36 20.64
CA ILE C 329 -23.35 17.70 20.42
C ILE C 329 -22.30 18.41 21.26
N ILE C 330 -21.77 17.71 22.27
CA ILE C 330 -20.75 18.27 23.13
C ILE C 330 -19.38 17.97 22.53
N ALA C 331 -18.64 19.02 22.18
CA ALA C 331 -17.32 18.90 21.58
C ALA C 331 -16.36 19.83 22.31
N PRO C 332 -15.80 19.39 23.44
CA PRO C 332 -14.87 20.25 24.16
C PRO C 332 -13.65 20.55 23.32
N PRO C 333 -13.07 21.75 23.47
CA PRO C 333 -11.85 22.05 22.70
C PRO C 333 -10.70 21.11 22.98
N GLU C 334 -10.57 20.65 24.23
CA GLU C 334 -9.51 19.71 24.61
C GLU C 334 -10.00 18.26 24.55
N ARG C 335 -10.57 17.87 23.42
CA ARG C 335 -11.12 16.53 23.25
C ARG C 335 -10.12 15.56 22.61
N LYS C 336 -8.84 15.93 22.56
CA LYS C 336 -7.81 15.03 22.08
C LYS C 336 -7.15 14.21 23.19
N TYR C 337 -7.19 14.70 24.42
CA TYR C 337 -6.61 14.00 25.57
C TYR C 337 -7.66 13.66 26.62
N SER C 338 -8.93 13.57 26.23
CA SER C 338 -10.00 13.29 27.19
C SER C 338 -9.85 11.90 27.79
N VAL C 339 -9.40 10.93 27.00
CA VAL C 339 -9.26 9.56 27.49
C VAL C 339 -8.23 9.51 28.62
N TRP C 340 -7.09 10.17 28.43
CA TRP C 340 -6.09 10.20 29.48
C TRP C 340 -6.55 11.01 30.69
N ILE C 341 -7.23 12.14 30.44
CA ILE C 341 -7.66 13.01 31.53
C ILE C 341 -8.65 12.28 32.42
N GLY C 342 -9.61 11.58 31.81
CA GLY C 342 -10.57 10.81 32.60
C GLY C 342 -9.90 9.68 33.35
N GLY C 343 -8.96 8.98 32.71
CA GLY C 343 -8.22 7.94 33.40
C GLY C 343 -7.35 8.49 34.52
N SER C 344 -6.81 9.69 34.33
CA SER C 344 -6.03 10.33 35.39
C SER C 344 -6.91 10.62 36.60
N ILE C 345 -8.13 11.08 36.37
CA ILE C 345 -9.06 11.34 37.48
C ILE C 345 -9.42 10.04 38.17
N LEU C 346 -9.69 8.99 37.39
CA LEU C 346 -10.14 7.72 37.97
C LEU C 346 -9.09 7.13 38.90
N ALA C 347 -7.83 7.16 38.48
CA ALA C 347 -6.75 6.62 39.32
C ALA C 347 -6.54 7.48 40.56
N SER C 348 -6.89 8.77 40.49
CA SER C 348 -6.73 9.64 41.64
C SER C 348 -7.80 9.41 42.70
N LEU C 349 -8.94 8.86 42.31
CA LEU C 349 -10.02 8.60 43.27
C LEU C 349 -9.62 7.52 44.26
N SER C 350 -10.02 7.70 45.51
CA SER C 350 -9.73 6.71 46.55
C SER C 350 -10.60 5.47 46.42
N THR C 351 -11.80 5.61 45.87
CA THR C 351 -12.68 4.45 45.71
C THR C 351 -12.13 3.46 44.70
N PHE C 352 -11.47 3.96 43.64
CA PHE C 352 -10.92 3.08 42.61
C PHE C 352 -9.78 2.21 43.11
N GLN C 353 -9.18 2.55 44.26
CA GLN C 353 -7.99 1.86 44.73
C GLN C 353 -8.27 0.42 45.15
N GLN C 354 -9.53 0.02 45.26
CA GLN C 354 -9.88 -1.35 45.62
C GLN C 354 -9.97 -2.29 44.42
N MET C 355 -9.90 -1.76 43.20
CA MET C 355 -10.03 -2.57 42.00
C MET C 355 -8.69 -2.88 41.33
N TRP C 356 -7.57 -2.50 41.95
CA TRP C 356 -6.28 -2.87 41.41
C TRP C 356 -6.06 -4.37 41.49
N ILE C 357 -5.43 -4.94 40.46
CA ILE C 357 -5.10 -6.35 40.44
C ILE C 357 -3.68 -6.50 40.99
N THR C 358 -3.57 -7.07 42.19
CA THR C 358 -2.29 -7.13 42.88
C THR C 358 -1.41 -8.23 42.31
N LYS C 359 -0.15 -8.22 42.73
CA LYS C 359 0.82 -9.20 42.24
C LYS C 359 0.50 -10.60 42.74
N GLN C 360 0.13 -10.71 44.02
CA GLN C 360 -0.17 -12.04 44.58
C GLN C 360 -1.43 -12.63 43.96
N GLU C 361 -2.39 -11.79 43.59
CA GLU C 361 -3.61 -12.28 42.95
C GLU C 361 -3.31 -12.92 41.60
N TYR C 362 -2.40 -12.31 40.83
CA TYR C 362 -2.04 -12.89 39.54
C TYR C 362 -1.21 -14.16 39.72
N ASP C 363 -0.42 -14.22 40.79
CA ASP C 363 0.42 -15.39 41.03
C ASP C 363 -0.37 -16.60 41.48
N GLU C 364 -1.65 -16.44 41.82
CA GLU C 364 -2.50 -17.54 42.25
C GLU C 364 -3.65 -17.83 41.29
N ALA C 365 -3.80 -17.04 40.23
CA ALA C 365 -4.89 -17.25 39.29
C ALA C 365 -4.46 -17.16 37.83
N GLY C 366 -3.20 -16.84 37.53
CA GLY C 366 -2.71 -16.79 36.17
C GLY C 366 -3.17 -15.54 35.45
N PRO C 367 -2.85 -15.44 34.16
CA PRO C 367 -3.27 -14.27 33.37
C PRO C 367 -4.78 -14.12 33.26
N SER C 368 -5.55 -15.18 33.50
CA SER C 368 -7.00 -15.12 33.36
C SER C 368 -7.67 -14.29 34.45
N ILE C 369 -6.92 -13.85 35.47
CA ILE C 369 -7.50 -13.07 36.55
C ILE C 369 -8.07 -11.76 36.05
N VAL C 370 -7.55 -11.24 34.93
CA VAL C 370 -7.97 -9.92 34.45
C VAL C 370 -9.44 -9.95 34.02
N HIS C 371 -9.90 -11.06 33.45
CA HIS C 371 -11.29 -11.15 33.02
C HIS C 371 -12.25 -11.07 34.20
N ARG C 372 -11.95 -11.78 35.29
CA ARG C 372 -12.83 -11.73 36.46
C ARG C 372 -12.79 -10.37 37.14
N LYS C 373 -11.59 -9.82 37.32
CA LYS C 373 -11.48 -8.52 37.99
C LYS C 373 -12.06 -7.41 37.12
N CYS C 374 -11.80 -7.44 35.82
CA CYS C 374 -12.31 -6.41 34.92
C CYS C 374 -13.52 -6.91 34.12
N THR D 6 -54.48 -26.77 -9.32
CA THR D 6 -53.55 -27.09 -8.25
C THR D 6 -53.17 -25.85 -7.45
N ALA D 7 -53.43 -25.89 -6.14
CA ALA D 7 -53.10 -24.77 -5.28
C ALA D 7 -51.60 -24.69 -5.04
N LEU D 8 -51.13 -23.48 -4.74
CA LEU D 8 -49.72 -23.22 -4.45
C LEU D 8 -49.61 -22.77 -3.00
N VAL D 9 -48.99 -23.61 -2.17
CA VAL D 9 -48.76 -23.26 -0.77
C VAL D 9 -47.44 -22.52 -0.70
N CYS D 10 -47.49 -21.19 -0.63
CA CYS D 10 -46.31 -20.34 -0.59
C CYS D 10 -46.16 -19.79 0.82
N ASP D 11 -45.31 -20.44 1.61
CA ASP D 11 -45.01 -20.00 2.97
C ASP D 11 -43.75 -19.16 2.88
N ASN D 12 -43.91 -17.84 2.93
CA ASN D 12 -42.80 -16.91 2.85
C ASN D 12 -42.45 -16.41 4.24
N GLY D 13 -41.20 -16.61 4.65
CA GLY D 13 -40.73 -16.21 5.96
C GLY D 13 -39.67 -15.12 5.87
N SER D 14 -39.16 -14.74 7.04
CA SER D 14 -38.14 -13.71 7.10
C SER D 14 -36.84 -14.17 6.45
N GLY D 15 -36.43 -15.40 6.70
CA GLY D 15 -35.16 -15.89 6.19
C GLY D 15 -35.26 -16.73 4.94
N LEU D 16 -36.19 -17.68 4.91
CA LEU D 16 -36.32 -18.63 3.82
C LEU D 16 -37.73 -18.58 3.24
N VAL D 17 -37.83 -18.77 1.93
CA VAL D 17 -39.11 -18.82 1.23
C VAL D 17 -39.38 -20.27 0.84
N LYS D 18 -40.51 -20.80 1.29
CA LYS D 18 -40.90 -22.19 1.04
C LYS D 18 -42.11 -22.20 0.11
N ALA D 19 -41.92 -22.75 -1.08
CA ALA D 19 -42.98 -22.84 -2.08
C ALA D 19 -43.00 -24.23 -2.70
N GLY D 20 -44.19 -24.65 -3.12
CA GLY D 20 -44.34 -25.94 -3.75
C GLY D 20 -45.80 -26.21 -4.04
N PHE D 21 -46.02 -27.21 -4.89
CA PHE D 21 -47.38 -27.60 -5.26
C PHE D 21 -48.09 -28.26 -4.07
N ALA D 22 -49.42 -28.21 -4.11
CA ALA D 22 -50.22 -28.88 -3.10
C ALA D 22 -50.16 -30.40 -3.32
N GLY D 23 -50.27 -31.14 -2.21
CA GLY D 23 -50.25 -32.58 -2.25
C GLY D 23 -48.89 -33.21 -2.18
N ASP D 24 -47.82 -32.42 -2.13
CA ASP D 24 -46.47 -32.94 -2.04
C ASP D 24 -46.07 -33.08 -0.57
N ASP D 25 -44.80 -33.38 -0.31
CA ASP D 25 -44.29 -33.52 1.04
C ASP D 25 -43.07 -32.66 1.33
N ALA D 26 -42.59 -31.89 0.36
CA ALA D 26 -41.44 -31.02 0.56
C ALA D 26 -41.53 -29.86 -0.41
N PRO D 27 -41.24 -28.63 0.04
CA PRO D 27 -41.26 -27.49 -0.89
C PRO D 27 -40.24 -27.66 -2.01
N ARG D 28 -40.64 -27.24 -3.21
CA ARG D 28 -39.73 -27.34 -4.36
C ARG D 28 -38.60 -26.32 -4.26
N ALA D 29 -38.93 -25.06 -3.95
CA ALA D 29 -37.97 -23.97 -3.98
C ALA D 29 -37.82 -23.39 -2.58
N VAL D 30 -36.74 -23.75 -1.90
CA VAL D 30 -36.39 -23.20 -0.59
C VAL D 30 -35.14 -22.35 -0.81
N PHE D 31 -35.33 -21.05 -0.91
CA PHE D 31 -34.25 -20.11 -1.21
C PHE D 31 -34.33 -18.94 -0.26
N PRO D 32 -33.21 -18.26 -0.01
CA PRO D 32 -33.23 -17.11 0.89
C PRO D 32 -34.07 -15.97 0.32
N SER D 33 -34.69 -15.22 1.22
CA SER D 33 -35.54 -14.08 0.85
C SER D 33 -34.72 -12.79 0.92
N ILE D 34 -33.81 -12.65 -0.04
CA ILE D 34 -32.92 -11.49 -0.11
C ILE D 34 -32.98 -10.90 -1.51
N VAL D 35 -32.91 -9.57 -1.58
CA VAL D 35 -32.81 -8.84 -2.84
C VAL D 35 -31.56 -7.98 -2.76
N GLY D 36 -30.58 -8.27 -3.62
CA GLY D 36 -29.31 -7.58 -3.62
C GLY D 36 -29.17 -6.64 -4.80
N ARG D 37 -28.46 -5.53 -4.58
CA ARG D 37 -28.20 -4.54 -5.61
C ARG D 37 -26.72 -4.23 -5.65
N PRO D 38 -26.19 -3.88 -6.82
CA PRO D 38 -24.74 -3.60 -6.92
C PRO D 38 -24.33 -2.42 -6.08
N ARG D 39 -23.10 -2.50 -5.55
CA ARG D 39 -22.52 -1.42 -4.76
C ARG D 39 -21.17 -0.96 -5.27
N HIS D 40 -20.76 -1.41 -6.45
CA HIS D 40 -19.50 -1.02 -7.07
C HIS D 40 -19.78 -0.41 -8.44
N GLN D 41 -18.72 -0.11 -9.17
CA GLN D 41 -18.82 0.51 -10.49
C GLN D 41 -18.57 -0.53 -11.57
N GLY D 42 -19.52 -0.65 -12.49
CA GLY D 42 -19.39 -1.62 -13.58
C GLY D 42 -18.51 -1.08 -14.68
N VAL D 43 -17.50 -1.85 -15.07
CA VAL D 43 -16.56 -1.46 -16.11
C VAL D 43 -16.84 -2.18 -17.42
N MET D 44 -17.09 -3.48 -17.37
CA MET D 44 -17.35 -4.24 -18.59
C MET D 44 -18.71 -3.89 -19.17
N VAL D 45 -18.81 -3.94 -20.50
CA VAL D 45 -20.04 -3.65 -21.20
C VAL D 45 -20.74 -4.95 -21.55
N GLY D 46 -20.00 -6.05 -21.54
CA GLY D 46 -20.57 -7.36 -21.79
C GLY D 46 -21.62 -7.74 -20.77
N MET D 47 -22.80 -8.14 -21.25
CA MET D 47 -23.94 -8.53 -20.42
C MET D 47 -24.53 -7.32 -19.70
N GLY D 48 -25.85 -7.31 -19.51
CA GLY D 48 -26.51 -6.16 -18.91
C GLY D 48 -26.17 -5.94 -17.45
N GLN D 49 -25.63 -6.95 -16.77
CA GLN D 49 -25.27 -6.82 -15.36
C GLN D 49 -26.49 -6.43 -14.53
N LYS D 50 -27.45 -7.35 -14.43
CA LYS D 50 -28.75 -7.09 -13.79
C LYS D 50 -28.60 -6.25 -12.53
N ASP D 51 -29.49 -5.26 -12.40
CA ASP D 51 -29.43 -4.30 -11.31
C ASP D 51 -30.05 -4.82 -10.02
N SER D 52 -30.64 -6.01 -10.03
CA SER D 52 -31.23 -6.58 -8.82
C SER D 52 -31.26 -8.09 -8.95
N TYR D 53 -30.66 -8.78 -7.97
CA TYR D 53 -30.65 -10.23 -7.93
C TYR D 53 -31.50 -10.72 -6.77
N VAL D 54 -32.25 -11.79 -7.02
CA VAL D 54 -33.21 -12.33 -6.06
C VAL D 54 -32.92 -13.81 -5.84
N GLY D 55 -32.90 -14.23 -4.58
CA GLY D 55 -32.81 -15.65 -4.28
C GLY D 55 -31.37 -16.14 -4.30
N ASP D 56 -31.18 -17.34 -4.85
CA ASP D 56 -29.85 -17.95 -4.85
C ASP D 56 -28.88 -17.18 -5.74
N GLU D 57 -29.38 -16.41 -6.70
CA GLU D 57 -28.49 -15.59 -7.52
C GLU D 57 -27.79 -14.54 -6.68
N ALA D 58 -28.50 -13.93 -5.73
CA ALA D 58 -27.88 -12.96 -4.84
C ALA D 58 -26.89 -13.64 -3.88
N GLN D 59 -27.21 -14.85 -3.44
CA GLN D 59 -26.32 -15.57 -2.53
C GLN D 59 -25.00 -15.90 -3.21
N SER D 60 -25.05 -16.33 -4.48
CA SER D 60 -23.83 -16.69 -5.19
C SER D 60 -22.94 -15.48 -5.42
N LYS D 61 -23.54 -14.33 -5.75
CA LYS D 61 -22.80 -13.09 -6.03
C LYS D 61 -22.87 -12.12 -4.85
N ARG D 62 -22.88 -12.63 -3.62
CA ARG D 62 -23.02 -11.78 -2.45
C ARG D 62 -21.80 -10.93 -2.17
N GLY D 63 -20.67 -11.20 -2.84
CA GLY D 63 -19.47 -10.42 -2.59
C GLY D 63 -19.60 -8.98 -3.04
N ILE D 64 -20.31 -8.75 -4.16
CA ILE D 64 -20.40 -7.42 -4.76
C ILE D 64 -21.81 -6.88 -4.65
N LEU D 65 -22.54 -7.31 -3.62
CA LEU D 65 -23.93 -6.90 -3.44
C LEU D 65 -24.18 -6.56 -1.98
N THR D 66 -25.20 -5.73 -1.75
CA THR D 66 -25.70 -5.42 -0.41
C THR D 66 -27.03 -6.14 -0.25
N LEU D 67 -27.02 -7.26 0.46
CA LEU D 67 -28.22 -8.05 0.64
C LEU D 67 -29.23 -7.30 1.52
N LYS D 68 -30.49 -7.36 1.13
CA LYS D 68 -31.57 -6.71 1.86
C LYS D 68 -32.71 -7.69 2.08
N TYR D 69 -33.36 -7.57 3.23
CA TYR D 69 -34.45 -8.46 3.60
C TYR D 69 -35.77 -7.71 3.54
N PRO D 70 -36.67 -8.05 2.61
CA PRO D 70 -37.97 -7.35 2.57
C PRO D 70 -38.80 -7.53 3.82
N ILE D 71 -38.66 -8.65 4.52
CA ILE D 71 -39.43 -8.95 5.72
C ILE D 71 -38.56 -8.70 6.93
N GLU D 72 -39.03 -7.86 7.85
CA GLU D 72 -38.33 -7.62 9.10
C GLU D 72 -39.16 -8.13 10.27
N HIC D 73 -38.76 -9.29 10.81
CA HIC D 73 -39.43 -9.91 11.95
C HIC D 73 -40.92 -10.15 11.69
O HIC D 73 -41.78 -9.58 12.36
CB HIC D 73 -39.26 -9.04 13.20
CG HIC D 73 -37.85 -9.02 13.70
ND1 HIC D 73 -36.93 -9.94 13.28
CD2 HIC D 73 -37.27 -8.17 14.60
CE1 HIC D 73 -35.82 -9.64 13.90
NE2 HIC D 73 -35.97 -8.58 14.71
CZ HIC D 73 -34.96 -7.98 15.55
N GLY D 74 -41.20 -11.00 10.72
CA GLY D 74 -42.57 -11.39 10.40
C GLY D 74 -43.45 -10.28 9.87
N ILE D 75 -42.84 -9.14 9.55
CA ILE D 75 -43.55 -7.97 9.05
C ILE D 75 -42.92 -7.57 7.72
N ILE D 76 -43.77 -7.36 6.71
CA ILE D 76 -43.30 -6.94 5.39
C ILE D 76 -42.98 -5.45 5.45
N THR D 77 -41.73 -5.10 5.12
CA THR D 77 -41.28 -3.72 5.18
C THR D 77 -41.13 -3.08 3.81
N ASN D 78 -40.39 -3.70 2.90
CA ASN D 78 -40.20 -3.19 1.55
C ASN D 78 -41.17 -3.92 0.63
N TRP D 79 -42.23 -3.22 0.23
CA TRP D 79 -43.26 -3.84 -0.60
C TRP D 79 -42.76 -4.06 -2.02
N ASP D 80 -41.93 -3.14 -2.53
CA ASP D 80 -41.36 -3.32 -3.86
C ASP D 80 -40.47 -4.55 -3.91
N ASP D 81 -39.64 -4.75 -2.88
CA ASP D 81 -38.80 -5.94 -2.83
C ASP D 81 -39.64 -7.21 -2.66
N MET D 82 -40.72 -7.12 -1.90
CA MET D 82 -41.61 -8.28 -1.74
C MET D 82 -42.25 -8.67 -3.06
N GLU D 83 -42.65 -7.67 -3.85
CA GLU D 83 -43.24 -7.96 -5.16
C GLU D 83 -42.22 -8.63 -6.08
N LYS D 84 -40.96 -8.20 -6.02
CA LYS D 84 -39.92 -8.83 -6.82
C LYS D 84 -39.72 -10.29 -6.42
N ILE D 85 -39.71 -10.56 -5.11
CA ILE D 85 -39.50 -11.93 -4.65
C ILE D 85 -40.68 -12.82 -5.04
N TRP D 86 -41.90 -12.32 -4.87
CA TRP D 86 -43.07 -13.09 -5.28
C TRP D 86 -43.05 -13.34 -6.79
N HIS D 87 -42.64 -12.35 -7.57
CA HIS D 87 -42.49 -12.54 -9.01
C HIS D 87 -41.43 -13.60 -9.31
N HIS D 88 -40.31 -13.56 -8.57
CA HIS D 88 -39.25 -14.54 -8.80
C HIS D 88 -39.72 -15.96 -8.46
N THR D 89 -40.48 -16.11 -7.38
CA THR D 89 -40.94 -17.44 -6.98
C THR D 89 -41.90 -18.02 -8.02
N PHE D 90 -42.79 -17.20 -8.55
CA PHE D 90 -43.80 -17.70 -9.48
C PHE D 90 -43.20 -18.10 -10.81
N TYR D 91 -42.29 -17.28 -11.35
CA TYR D 91 -41.78 -17.47 -12.70
C TYR D 91 -40.44 -18.21 -12.73
N ASN D 92 -39.45 -17.74 -11.98
CA ASN D 92 -38.13 -18.36 -12.03
C ASN D 92 -38.07 -19.68 -11.26
N GLU D 93 -38.78 -19.78 -10.14
CA GLU D 93 -38.71 -20.98 -9.31
C GLU D 93 -39.81 -21.98 -9.65
N LEU D 94 -41.07 -21.56 -9.50
CA LEU D 94 -42.18 -22.47 -9.77
C LEU D 94 -42.43 -22.66 -11.26
N ARG D 95 -42.12 -21.65 -12.08
CA ARG D 95 -42.30 -21.69 -13.53
C ARG D 95 -43.76 -21.91 -13.91
N VAL D 96 -44.69 -21.41 -13.09
CA VAL D 96 -46.11 -21.52 -13.34
C VAL D 96 -46.74 -20.14 -13.23
N ALA D 97 -47.69 -19.85 -14.11
CA ALA D 97 -48.37 -18.56 -14.07
C ALA D 97 -49.25 -18.46 -12.83
N PRO D 98 -49.35 -17.27 -12.22
CA PRO D 98 -50.18 -17.11 -11.03
C PRO D 98 -51.68 -17.15 -11.31
N GLU D 99 -52.11 -16.84 -12.53
CA GLU D 99 -53.53 -16.78 -12.84
C GLU D 99 -54.16 -18.15 -13.05
N GLU D 100 -53.37 -19.22 -13.08
CA GLU D 100 -53.89 -20.57 -13.28
C GLU D 100 -53.81 -21.42 -12.02
N HIS D 101 -53.61 -20.79 -10.85
CA HIS D 101 -53.47 -21.54 -9.61
C HIS D 101 -54.01 -20.74 -8.43
N PRO D 102 -54.82 -21.36 -7.56
CA PRO D 102 -55.30 -20.71 -6.32
C PRO D 102 -54.26 -20.77 -5.20
N THR D 103 -53.35 -19.80 -5.20
CA THR D 103 -52.24 -19.81 -4.26
C THR D 103 -52.71 -19.70 -2.82
N LEU D 104 -51.97 -20.33 -1.92
CA LEU D 104 -52.21 -20.26 -0.48
C LEU D 104 -50.99 -19.67 0.19
N LEU D 105 -51.20 -18.69 1.07
CA LEU D 105 -50.13 -17.99 1.75
C LEU D 105 -50.27 -18.17 3.26
N THR D 106 -49.15 -17.97 3.96
CA THR D 106 -49.10 -18.09 5.42
C THR D 106 -48.49 -16.82 5.99
N GLU D 107 -49.26 -16.10 6.79
CA GLU D 107 -48.80 -14.88 7.43
C GLU D 107 -48.64 -15.09 8.94
N ALA D 108 -47.81 -14.24 9.53
CA ALA D 108 -47.52 -14.34 10.96
C ALA D 108 -48.76 -14.00 11.78
N PRO D 109 -48.89 -14.58 12.98
CA PRO D 109 -50.01 -14.25 13.84
C PRO D 109 -50.00 -12.78 14.24
N LEU D 110 -51.19 -12.23 14.43
CA LEU D 110 -51.40 -10.83 14.81
C LEU D 110 -50.80 -9.89 13.77
N ASN D 111 -51.20 -10.11 12.52
CA ASN D 111 -50.79 -9.29 11.39
C ASN D 111 -51.74 -8.10 11.23
N PRO D 112 -51.22 -6.91 10.96
CA PRO D 112 -52.09 -5.75 10.79
C PRO D 112 -53.05 -5.94 9.63
N LYS D 113 -54.25 -5.34 9.77
CA LYS D 113 -55.26 -5.48 8.73
C LYS D 113 -54.81 -4.87 7.41
N ALA D 114 -54.14 -3.71 7.47
CA ALA D 114 -53.62 -3.10 6.25
C ALA D 114 -52.56 -3.99 5.60
N ASN D 115 -51.76 -4.67 6.42
CA ASN D 115 -50.75 -5.59 5.88
C ASN D 115 -51.41 -6.73 5.10
N ARG D 116 -52.49 -7.28 5.64
CA ARG D 116 -53.17 -8.38 4.96
C ARG D 116 -53.95 -7.89 3.75
N GLU D 117 -54.59 -6.72 3.86
CA GLU D 117 -55.32 -6.17 2.72
C GLU D 117 -54.38 -5.82 1.57
N LYS D 118 -53.23 -5.23 1.90
CA LYS D 118 -52.26 -4.90 0.86
C LYS D 118 -51.73 -6.16 0.17
N MET D 119 -51.48 -7.21 0.94
CA MET D 119 -51.03 -8.48 0.36
C MET D 119 -52.11 -9.05 -0.57
N THR D 120 -53.37 -9.02 -0.13
CA THR D 120 -54.45 -9.51 -0.96
C THR D 120 -54.63 -8.65 -2.21
N GLN D 121 -54.55 -7.33 -2.05
CA GLN D 121 -54.74 -6.42 -3.19
C GLN D 121 -53.65 -6.61 -4.23
N ILE D 122 -52.39 -6.71 -3.78
CA ILE D 122 -51.29 -6.90 -4.71
C ILE D 122 -51.41 -8.25 -5.42
N MET D 123 -51.74 -9.31 -4.66
CA MET D 123 -51.83 -10.64 -5.25
C MET D 123 -52.94 -10.72 -6.30
N PHE D 124 -54.09 -10.11 -6.01
CA PHE D 124 -55.22 -10.18 -6.93
C PHE D 124 -55.03 -9.32 -8.17
N GLU D 125 -54.28 -8.24 -8.07
CA GLU D 125 -54.10 -7.30 -9.19
C GLU D 125 -52.81 -7.57 -9.95
N THR D 126 -51.67 -7.54 -9.28
CA THR D 126 -50.39 -7.72 -9.96
C THR D 126 -50.23 -9.13 -10.52
N PHE D 127 -50.74 -10.15 -9.81
CA PHE D 127 -50.59 -11.53 -10.24
C PHE D 127 -51.87 -12.14 -10.79
N ASN D 128 -53.02 -11.51 -10.56
CA ASN D 128 -54.30 -11.94 -11.14
C ASN D 128 -54.63 -13.39 -10.75
N VAL D 129 -54.42 -13.71 -9.49
CA VAL D 129 -54.73 -15.04 -8.97
C VAL D 129 -56.24 -15.21 -8.89
N PRO D 130 -56.78 -16.38 -9.27
CA PRO D 130 -58.24 -16.58 -9.13
C PRO D 130 -58.73 -16.47 -7.69
N ALA D 131 -57.96 -16.95 -6.73
CA ALA D 131 -58.36 -16.92 -5.33
C ALA D 131 -57.13 -17.17 -4.47
N MET D 132 -57.24 -16.82 -3.19
CA MET D 132 -56.15 -17.04 -2.24
C MET D 132 -56.69 -17.04 -0.83
N TYR D 133 -56.04 -17.80 0.04
CA TYR D 133 -56.36 -17.86 1.45
C TYR D 133 -55.08 -17.72 2.27
N VAL D 134 -55.18 -17.00 3.39
CA VAL D 134 -54.04 -16.77 4.28
C VAL D 134 -54.34 -17.46 5.61
N ALA D 135 -53.44 -18.34 6.03
CA ALA D 135 -53.60 -19.11 7.25
C ALA D 135 -52.46 -18.82 8.22
N ILE D 136 -52.70 -19.15 9.49
CA ILE D 136 -51.72 -18.93 10.54
C ILE D 136 -50.59 -19.94 10.40
N GLN D 137 -49.35 -19.47 10.57
CA GLN D 137 -48.19 -20.35 10.45
C GLN D 137 -48.20 -21.43 11.52
N ALA D 138 -48.50 -21.06 12.77
CA ALA D 138 -48.41 -22.01 13.87
C ALA D 138 -49.49 -23.08 13.78
N VAL D 139 -50.68 -22.74 13.30
CA VAL D 139 -51.77 -23.72 13.21
C VAL D 139 -51.39 -24.84 12.25
N LEU D 140 -50.80 -24.48 11.10
CA LEU D 140 -50.43 -25.49 10.12
C LEU D 140 -49.36 -26.45 10.64
N SER D 141 -48.49 -25.97 11.53
CA SER D 141 -47.52 -26.86 12.15
C SER D 141 -48.20 -27.95 12.96
N LEU D 142 -49.25 -27.59 13.71
CA LEU D 142 -50.01 -28.59 14.44
C LEU D 142 -50.77 -29.51 13.48
N TYR D 143 -51.25 -28.97 12.36
CA TYR D 143 -51.95 -29.80 11.38
C TYR D 143 -51.03 -30.86 10.79
N ALA D 144 -49.78 -30.49 10.49
CA ALA D 144 -48.84 -31.47 9.94
C ALA D 144 -48.52 -32.56 10.96
N SER D 145 -48.62 -32.25 12.25
CA SER D 145 -48.37 -33.23 13.29
C SER D 145 -49.59 -34.09 13.59
N GLY D 146 -50.72 -33.82 12.97
CA GLY D 146 -51.93 -34.60 13.21
C GLY D 146 -52.49 -34.46 14.61
N ARG D 147 -52.52 -33.23 15.14
CA ARG D 147 -53.01 -32.99 16.49
C ARG D 147 -53.87 -31.74 16.48
N THR D 148 -54.67 -31.58 17.54
CA THR D 148 -55.45 -30.38 17.79
C THR D 148 -55.33 -29.97 19.25
N THR D 149 -54.16 -30.21 19.85
CA THR D 149 -53.98 -29.96 21.27
C THR D 149 -53.71 -28.50 21.57
N GLY D 150 -52.61 -27.96 21.05
CA GLY D 150 -52.26 -26.57 21.23
C GLY D 150 -50.79 -26.42 21.52
N ILE D 151 -50.45 -25.24 22.07
CA ILE D 151 -49.10 -24.81 22.43
C ILE D 151 -48.08 -25.24 21.38
N VAL D 152 -48.11 -24.58 20.23
CA VAL D 152 -47.19 -24.86 19.13
C VAL D 152 -46.10 -23.79 19.16
N LEU D 153 -44.90 -24.18 19.56
CA LEU D 153 -43.76 -23.26 19.63
C LEU D 153 -43.14 -23.16 18.24
N ASP D 154 -43.38 -22.03 17.57
CA ASP D 154 -42.87 -21.79 16.22
C ASP D 154 -41.80 -20.70 16.31
N SER D 155 -40.54 -21.09 16.13
CA SER D 155 -39.41 -20.17 16.17
C SER D 155 -38.67 -20.25 14.85
N GLY D 156 -38.53 -19.12 14.17
CA GLY D 156 -37.87 -19.07 12.88
C GLY D 156 -36.75 -18.05 12.89
N ASP D 157 -36.65 -17.30 11.80
CA ASP D 157 -35.60 -16.30 11.64
C ASP D 157 -35.98 -14.95 12.25
N GLY D 158 -37.24 -14.53 12.10
CA GLY D 158 -37.64 -13.23 12.58
C GLY D 158 -38.28 -13.21 13.96
N VAL D 159 -39.27 -14.08 14.18
CA VAL D 159 -40.07 -14.06 15.40
C VAL D 159 -40.14 -15.46 15.98
N THR D 160 -40.59 -15.53 17.23
CA THR D 160 -40.80 -16.78 17.96
C THR D 160 -42.17 -16.72 18.62
N HIS D 161 -43.08 -17.58 18.18
CA HIS D 161 -44.44 -17.62 18.70
C HIS D 161 -44.75 -18.97 19.31
N ASN D 162 -45.69 -18.98 20.26
CA ASN D 162 -46.25 -20.20 20.84
C ASN D 162 -47.76 -20.03 20.87
N VAL D 163 -48.42 -20.39 19.77
CA VAL D 163 -49.86 -20.22 19.63
C VAL D 163 -50.58 -21.47 20.15
N PRO D 164 -51.49 -21.34 21.11
CA PRO D 164 -52.29 -22.49 21.51
C PRO D 164 -53.55 -22.66 20.67
N ILE D 165 -53.75 -23.86 20.13
CA ILE D 165 -54.91 -24.16 19.29
C ILE D 165 -55.61 -25.38 19.89
N TYR D 166 -56.76 -25.17 20.51
CA TYR D 166 -57.53 -26.24 21.13
C TYR D 166 -58.65 -26.66 20.19
N GLU D 167 -58.64 -27.94 19.78
CA GLU D 167 -59.68 -28.51 18.92
C GLU D 167 -59.87 -27.69 17.65
N GLY D 168 -58.75 -27.24 17.07
CA GLY D 168 -58.79 -26.44 15.87
C GLY D 168 -59.11 -24.98 16.07
N TYR D 169 -59.34 -24.55 17.32
CA TYR D 169 -59.63 -23.16 17.63
C TYR D 169 -58.39 -22.54 18.25
N ALA D 170 -57.81 -21.56 17.56
CA ALA D 170 -56.60 -20.88 18.04
C ALA D 170 -57.00 -19.84 19.06
N LEU D 171 -56.62 -20.06 20.32
CA LEU D 171 -56.90 -19.13 21.40
C LEU D 171 -56.16 -17.82 21.16
N PRO D 172 -56.86 -16.73 20.86
CA PRO D 172 -56.14 -15.50 20.50
C PRO D 172 -55.52 -14.78 21.69
N HIS D 173 -56.17 -14.81 22.85
CA HIS D 173 -55.67 -14.08 24.00
C HIS D 173 -54.40 -14.71 24.56
N ALA D 174 -54.28 -16.03 24.50
CA ALA D 174 -53.16 -16.76 25.09
C ALA D 174 -51.97 -16.88 24.16
N ILE D 175 -51.85 -16.00 23.18
CA ILE D 175 -50.74 -16.03 22.23
C ILE D 175 -49.62 -15.15 22.76
N MET D 176 -48.51 -15.77 23.15
CA MET D 176 -47.31 -15.05 23.55
C MET D 176 -46.39 -14.87 22.34
N ARG D 177 -45.65 -13.76 22.33
CA ARG D 177 -44.73 -13.47 21.25
C ARG D 177 -43.38 -13.06 21.83
N LEU D 178 -42.31 -13.63 21.27
CA LEU D 178 -40.95 -13.28 21.66
C LEU D 178 -40.19 -12.86 20.41
N ASP D 179 -39.57 -11.68 20.47
CA ASP D 179 -38.87 -11.13 19.32
C ASP D 179 -37.56 -11.85 19.03
N LEU D 180 -36.99 -12.54 20.01
CA LEU D 180 -35.74 -13.26 19.81
C LEU D 180 -35.95 -14.44 18.86
N ALA D 181 -35.06 -14.59 17.90
CA ALA D 181 -35.20 -15.62 16.88
C ALA D 181 -33.82 -15.91 16.29
N GLY D 182 -33.78 -16.61 15.16
CA GLY D 182 -32.52 -17.03 14.58
C GLY D 182 -31.63 -15.86 14.15
N ARG D 183 -32.24 -14.79 13.64
CA ARG D 183 -31.46 -13.64 13.19
C ARG D 183 -30.70 -13.00 14.35
N ASP D 184 -31.35 -12.90 15.52
CA ASP D 184 -30.67 -12.34 16.68
C ASP D 184 -29.55 -13.26 17.17
N LEU D 185 -29.74 -14.57 17.05
CA LEU D 185 -28.67 -15.50 17.40
C LEU D 185 -27.48 -15.36 16.48
N THR D 186 -27.74 -15.10 15.19
CA THR D 186 -26.66 -14.85 14.25
C THR D 186 -25.89 -13.59 14.61
N ASP D 187 -26.61 -12.52 14.99
CA ASP D 187 -25.95 -11.29 15.41
C ASP D 187 -25.15 -11.50 16.68
N TYR D 188 -25.68 -12.27 17.63
CA TYR D 188 -24.97 -12.53 18.87
C TYR D 188 -23.68 -13.28 18.62
N LEU D 189 -23.70 -14.27 17.72
CA LEU D 189 -22.49 -15.00 17.39
C LEU D 189 -21.46 -14.10 16.70
N MET D 190 -21.93 -13.17 15.88
CA MET D 190 -21.02 -12.23 15.23
C MET D 190 -20.32 -11.36 16.26
N LYS D 191 -21.03 -10.96 17.31
CA LYS D 191 -20.45 -10.09 18.33
C LYS D 191 -19.42 -10.83 19.17
N ILE D 192 -19.72 -12.07 19.57
CA ILE D 192 -18.83 -12.82 20.46
C ILE D 192 -17.79 -13.62 19.69
N LEU D 193 -17.78 -13.57 18.37
CA LEU D 193 -16.70 -14.14 17.58
C LEU D 193 -15.48 -13.23 17.52
N THR D 194 -15.59 -12.00 18.01
CA THR D 194 -14.46 -11.08 18.08
C THR D 194 -13.55 -11.36 19.25
N GLU D 195 -13.97 -12.21 20.20
CA GLU D 195 -13.11 -12.55 21.32
C GLU D 195 -11.87 -13.31 20.86
N ARG D 196 -12.02 -14.17 19.86
CA ARG D 196 -10.92 -14.97 19.35
C ARG D 196 -10.18 -14.32 18.20
N GLY D 197 -10.55 -13.08 17.83
CA GLY D 197 -9.85 -12.33 16.81
C GLY D 197 -10.55 -12.27 15.47
N TYR D 198 -11.51 -13.15 15.22
CA TYR D 198 -12.23 -13.14 13.95
C TYR D 198 -13.22 -11.97 13.90
N SER D 199 -13.27 -11.31 12.75
CA SER D 199 -14.09 -10.12 12.57
C SER D 199 -15.00 -10.32 11.37
N PHE D 200 -16.31 -10.21 11.59
CA PHE D 200 -17.30 -10.30 10.53
C PHE D 200 -18.22 -9.09 10.63
N VAL D 201 -18.32 -8.32 9.55
CA VAL D 201 -19.02 -7.03 9.61
C VAL D 201 -20.11 -6.93 8.55
N THR D 202 -19.76 -7.11 7.29
CA THR D 202 -20.69 -6.81 6.20
C THR D 202 -21.80 -7.86 6.11
N THR D 203 -22.74 -7.62 5.20
CA THR D 203 -23.88 -8.52 5.05
C THR D 203 -23.44 -9.88 4.52
N ALA D 204 -22.38 -9.91 3.70
CA ALA D 204 -21.86 -11.18 3.20
C ALA D 204 -21.31 -12.02 4.34
N GLU D 205 -20.64 -11.40 5.30
CA GLU D 205 -20.12 -12.14 6.45
C GLU D 205 -21.24 -12.68 7.32
N ARG D 206 -22.40 -12.02 7.32
CA ARG D 206 -23.53 -12.51 8.10
C ARG D 206 -23.97 -13.89 7.63
N GLU D 207 -23.98 -14.11 6.32
CA GLU D 207 -24.29 -15.44 5.79
C GLU D 207 -23.24 -16.46 6.18
N ILE D 208 -21.96 -16.04 6.18
CA ILE D 208 -20.89 -16.95 6.57
C ILE D 208 -21.03 -17.34 8.04
N VAL D 209 -21.32 -16.37 8.91
CA VAL D 209 -21.51 -16.65 10.33
C VAL D 209 -22.76 -17.50 10.53
N ARG D 210 -23.79 -17.24 9.74
CA ARG D 210 -25.03 -18.03 9.85
C ARG D 210 -24.77 -19.50 9.56
N ASP D 211 -23.94 -19.79 8.56
CA ASP D 211 -23.62 -21.17 8.24
C ASP D 211 -22.79 -21.82 9.35
N ILE D 212 -21.97 -21.02 10.04
CA ILE D 212 -21.18 -21.55 11.15
C ILE D 212 -22.10 -21.96 12.30
N LYS D 213 -23.10 -21.13 12.59
CA LYS D 213 -24.01 -21.41 13.70
C LYS D 213 -24.81 -22.69 13.45
N GLU D 214 -25.28 -22.88 12.22
CA GLU D 214 -26.08 -24.07 11.91
C GLU D 214 -25.26 -25.34 12.05
N LYS D 215 -24.02 -25.32 11.57
CA LYS D 215 -23.22 -26.55 11.52
C LYS D 215 -22.65 -26.94 12.87
N LEU D 216 -22.24 -25.99 13.70
CA LEU D 216 -21.45 -26.28 14.89
C LEU D 216 -22.17 -26.02 16.20
N CYS D 217 -22.97 -24.96 16.31
CA CYS D 217 -23.59 -24.60 17.58
C CYS D 217 -24.61 -25.64 18.00
N TYR D 218 -24.64 -25.92 19.31
CA TYR D 218 -25.57 -26.88 19.88
C TYR D 218 -26.07 -26.34 21.22
N VAL D 219 -26.94 -27.12 21.86
CA VAL D 219 -27.58 -26.72 23.12
C VAL D 219 -27.10 -27.65 24.22
N ALA D 220 -26.65 -27.08 25.32
CA ALA D 220 -26.17 -27.82 26.48
C ALA D 220 -27.23 -27.79 27.57
N LEU D 221 -27.61 -28.98 28.07
CA LEU D 221 -28.62 -29.05 29.11
C LEU D 221 -28.15 -28.41 30.41
N ASP D 222 -26.86 -28.47 30.70
CA ASP D 222 -26.29 -27.86 31.89
C ASP D 222 -25.21 -26.83 31.52
N PHE D 223 -25.60 -25.55 31.54
CA PHE D 223 -24.71 -24.49 31.08
C PHE D 223 -23.49 -24.35 31.97
N GLU D 224 -23.68 -24.39 33.29
CA GLU D 224 -22.56 -24.16 34.20
C GLU D 224 -21.52 -25.27 34.11
N ASN D 225 -21.97 -26.52 34.04
CA ASN D 225 -21.03 -27.64 33.92
C ASN D 225 -20.35 -27.63 32.56
N GLU D 226 -21.09 -27.29 31.51
CA GLU D 226 -20.50 -27.22 30.18
C GLU D 226 -19.43 -26.14 30.11
N MET D 227 -19.68 -25.00 30.75
CA MET D 227 -18.69 -23.93 30.76
C MET D 227 -17.41 -24.37 31.45
N ALA D 228 -17.53 -25.08 32.58
CA ALA D 228 -16.35 -25.54 33.30
C ALA D 228 -15.55 -26.53 32.46
N THR D 229 -16.22 -27.46 31.79
CA THR D 229 -15.52 -28.43 30.95
C THR D 229 -14.85 -27.76 29.77
N ALA D 230 -15.51 -26.77 29.17
CA ALA D 230 -14.93 -26.08 28.01
C ALA D 230 -13.67 -25.31 28.39
N ALA D 231 -13.64 -24.72 29.59
CA ALA D 231 -12.46 -23.98 30.04
C ALA D 231 -11.38 -24.89 30.59
N SER D 232 -11.67 -26.18 30.81
CA SER D 232 -10.72 -27.12 31.36
C SER D 232 -10.28 -28.18 30.36
N SER D 233 -10.80 -28.16 29.14
CA SER D 233 -10.45 -29.16 28.13
C SER D 233 -10.62 -28.57 26.75
N SER D 234 -9.96 -29.20 25.78
CA SER D 234 -10.03 -28.78 24.38
C SER D 234 -10.84 -29.76 23.52
N SER D 235 -11.60 -30.65 24.16
CA SER D 235 -12.39 -31.61 23.39
C SER D 235 -13.57 -30.94 22.69
N LEU D 236 -14.12 -29.88 23.28
CA LEU D 236 -15.29 -29.21 22.71
C LEU D 236 -14.95 -28.38 21.48
N GLU D 237 -13.71 -27.97 21.32
CA GLU D 237 -13.34 -27.09 20.22
C GLU D 237 -13.47 -27.80 18.88
N LYS D 238 -13.99 -27.08 17.89
CA LYS D 238 -14.18 -27.60 16.54
C LYS D 238 -13.50 -26.67 15.55
N SER D 239 -13.48 -27.09 14.28
CA SER D 239 -12.83 -26.35 13.22
C SER D 239 -13.80 -26.12 12.07
N TYR D 240 -13.61 -25.02 11.36
CA TYR D 240 -14.46 -24.66 10.22
C TYR D 240 -13.61 -23.88 9.23
N GLU D 241 -13.58 -24.32 7.98
CA GLU D 241 -12.78 -23.66 6.96
C GLU D 241 -13.57 -22.54 6.30
N LEU D 242 -12.99 -21.35 6.29
CA LEU D 242 -13.63 -20.19 5.67
C LEU D 242 -13.63 -20.33 4.15
N PRO D 243 -14.50 -19.59 3.46
CA PRO D 243 -14.54 -19.69 2.00
C PRO D 243 -13.22 -19.37 1.31
N ASP D 244 -12.40 -18.50 1.90
CA ASP D 244 -11.13 -18.13 1.30
C ASP D 244 -9.98 -19.03 1.75
N GLY D 245 -10.27 -20.10 2.50
CA GLY D 245 -9.27 -21.07 2.90
C GLY D 245 -8.80 -20.97 4.32
N GLN D 246 -9.12 -19.88 5.02
CA GLN D 246 -8.69 -19.74 6.41
C GLN D 246 -9.45 -20.72 7.31
N VAL D 247 -8.77 -21.18 8.36
CA VAL D 247 -9.33 -22.13 9.32
C VAL D 247 -9.53 -21.39 10.64
N ILE D 248 -10.74 -21.50 11.18
CA ILE D 248 -11.08 -20.88 12.46
C ILE D 248 -11.47 -21.98 13.44
N THR D 249 -11.27 -21.70 14.73
CA THR D 249 -11.57 -22.63 15.80
C THR D 249 -12.41 -21.93 16.85
N ILE D 250 -13.51 -22.56 17.25
CA ILE D 250 -14.40 -22.02 18.27
C ILE D 250 -14.56 -23.06 19.37
N GLY D 251 -14.58 -22.60 20.62
CA GLY D 251 -14.69 -23.49 21.77
C GLY D 251 -16.02 -23.36 22.48
N ASN D 252 -16.05 -22.60 23.57
CA ASN D 252 -17.28 -22.41 24.33
C ASN D 252 -18.31 -21.58 23.57
N GLU D 253 -17.93 -20.97 22.44
CA GLU D 253 -18.90 -20.24 21.63
C GLU D 253 -19.94 -21.16 21.02
N ARG D 254 -19.67 -22.46 20.98
CA ARG D 254 -20.58 -23.40 20.34
C ARG D 254 -21.89 -23.51 21.12
N PHE D 255 -21.81 -23.69 22.44
CA PHE D 255 -22.99 -23.85 23.27
C PHE D 255 -23.40 -22.57 23.98
N ARG D 256 -22.78 -21.44 23.64
CA ARG D 256 -23.15 -20.16 24.24
C ARG D 256 -24.14 -19.38 23.38
N CYS D 257 -23.96 -19.41 22.06
CA CYS D 257 -24.88 -18.68 21.18
C CYS D 257 -26.32 -19.19 21.27
N PRO D 258 -26.60 -20.50 21.18
CA PRO D 258 -28.00 -20.94 21.34
C PRO D 258 -28.55 -20.77 22.74
N GLU D 259 -27.70 -20.56 23.74
CA GLU D 259 -28.17 -20.37 25.11
C GLU D 259 -28.96 -19.08 25.28
N THR D 260 -28.85 -18.15 24.32
CA THR D 260 -29.61 -16.91 24.42
C THR D 260 -31.11 -17.15 24.37
N LEU D 261 -31.54 -18.26 23.77
CA LEU D 261 -32.97 -18.55 23.68
C LEU D 261 -33.59 -18.72 25.06
N PHE D 262 -32.89 -19.42 25.96
CA PHE D 262 -33.39 -19.63 27.32
C PHE D 262 -33.07 -18.46 28.24
N GLN D 263 -32.02 -17.68 27.93
CA GLN D 263 -31.62 -16.54 28.73
C GLN D 263 -31.47 -15.34 27.79
N PRO D 264 -32.58 -14.65 27.50
CA PRO D 264 -32.51 -13.51 26.56
C PRO D 264 -31.68 -12.35 27.06
N SER D 265 -31.24 -12.36 28.32
CA SER D 265 -30.42 -11.27 28.84
C SER D 265 -29.05 -11.20 28.17
N PHE D 266 -28.64 -12.25 27.46
CA PHE D 266 -27.33 -12.24 26.79
C PHE D 266 -27.28 -11.18 25.70
N ILE D 267 -28.42 -10.83 25.11
CA ILE D 267 -28.47 -9.80 24.07
C ILE D 267 -29.24 -8.57 24.56
N GLY D 268 -29.28 -8.36 25.87
CA GLY D 268 -29.96 -7.20 26.43
C GLY D 268 -31.46 -7.20 26.24
N MET D 269 -32.10 -8.35 26.39
CA MET D 269 -33.55 -8.47 26.31
C MET D 269 -34.11 -8.78 27.70
N GLU D 270 -35.10 -8.00 28.13
CA GLU D 270 -35.67 -8.14 29.46
C GLU D 270 -36.85 -9.09 29.50
N SER D 271 -37.20 -9.73 28.38
CA SER D 271 -38.31 -10.67 28.36
C SER D 271 -37.89 -12.01 28.94
N ALA D 272 -38.80 -12.97 28.92
CA ALA D 272 -38.54 -14.30 29.43
C ALA D 272 -38.02 -15.21 28.31
N GLY D 273 -37.57 -16.40 28.71
CA GLY D 273 -37.07 -17.37 27.77
C GLY D 273 -38.18 -18.13 27.07
N ILE D 274 -37.78 -19.03 26.19
CA ILE D 274 -38.75 -19.83 25.45
C ILE D 274 -39.48 -20.79 26.39
N HIS D 275 -38.79 -21.32 27.38
CA HIS D 275 -39.42 -22.23 28.34
C HIS D 275 -40.38 -21.48 29.26
N GLU D 276 -40.00 -20.27 29.70
CA GLU D 276 -40.90 -19.50 30.55
C GLU D 276 -42.09 -18.95 29.78
N THR D 277 -41.87 -18.55 28.53
CA THR D 277 -42.99 -18.02 27.75
C THR D 277 -43.94 -19.12 27.31
N THR D 278 -43.47 -20.36 27.26
CA THR D 278 -44.37 -21.49 27.01
C THR D 278 -45.20 -21.80 28.25
N TYR D 279 -44.56 -21.78 29.42
CA TYR D 279 -45.29 -22.03 30.67
C TYR D 279 -46.32 -20.95 30.94
N ASN D 280 -45.96 -19.69 30.69
CA ASN D 280 -46.90 -18.60 30.90
C ASN D 280 -48.11 -18.71 29.98
N SER D 281 -47.88 -19.07 28.71
CA SER D 281 -48.97 -19.18 27.76
C SER D 281 -49.95 -20.28 28.13
N ILE D 282 -49.43 -21.42 28.61
CA ILE D 282 -50.28 -22.57 28.90
C ILE D 282 -51.21 -22.26 30.06
N MET D 283 -50.67 -21.69 31.15
CA MET D 283 -51.50 -21.42 32.32
C MET D 283 -52.52 -20.33 32.04
N LYS D 284 -52.32 -19.53 31.00
CA LYS D 284 -53.32 -18.53 30.64
C LYS D 284 -54.57 -19.16 30.03
N CYS D 285 -54.49 -20.43 29.61
CA CYS D 285 -55.64 -21.12 29.07
C CYS D 285 -56.48 -21.71 30.19
N ASP D 286 -57.50 -22.50 29.82
CA ASP D 286 -58.39 -23.09 30.79
C ASP D 286 -57.67 -24.19 31.58
N ILE D 287 -58.20 -24.48 32.77
CA ILE D 287 -57.57 -25.45 33.66
C ILE D 287 -57.57 -26.84 33.03
N ASP D 288 -58.68 -27.23 32.41
CA ASP D 288 -58.75 -28.54 31.78
C ASP D 288 -57.79 -28.64 30.60
N ILE D 289 -57.60 -27.55 29.86
CA ILE D 289 -56.71 -27.57 28.70
C ILE D 289 -55.26 -27.72 29.13
N ARG D 290 -54.92 -27.27 30.34
CA ARG D 290 -53.51 -27.28 30.77
C ARG D 290 -52.92 -28.68 30.76
N LYS D 291 -53.70 -29.67 31.18
CA LYS D 291 -53.21 -31.05 31.11
C LYS D 291 -53.00 -31.50 29.67
N ASP D 292 -53.90 -31.09 28.78
CA ASP D 292 -53.78 -31.45 27.36
C ASP D 292 -52.53 -30.84 26.75
N LEU D 293 -52.27 -29.56 27.03
CA LEU D 293 -51.11 -28.90 26.46
C LEU D 293 -49.80 -29.47 27.04
N TYR D 294 -49.81 -29.83 28.32
CA TYR D 294 -48.59 -30.32 28.96
C TYR D 294 -48.11 -31.61 28.31
N ALA D 295 -49.02 -32.53 28.01
CA ALA D 295 -48.63 -33.82 27.44
C ALA D 295 -48.25 -33.70 25.96
N ASN D 296 -48.83 -32.75 25.24
CA ASN D 296 -48.63 -32.62 23.79
C ASN D 296 -48.12 -31.21 23.49
N ASN D 297 -46.80 -31.04 23.50
CA ASN D 297 -46.15 -29.79 23.15
C ASN D 297 -45.36 -29.99 21.87
N VAL D 298 -45.56 -29.10 20.91
CA VAL D 298 -45.00 -29.22 19.57
C VAL D 298 -43.94 -28.15 19.37
N MET D 299 -42.75 -28.56 18.93
CA MET D 299 -41.67 -27.66 18.59
C MET D 299 -41.53 -27.61 17.07
N SER D 300 -41.63 -26.41 16.50
CA SER D 300 -41.57 -26.23 15.06
C SER D 300 -40.56 -25.14 14.74
N GLY D 301 -40.35 -24.90 13.45
CA GLY D 301 -39.43 -23.89 12.98
C GLY D 301 -38.02 -24.43 12.81
N GLY D 302 -37.18 -23.59 12.21
CA GLY D 302 -35.80 -23.97 11.94
C GLY D 302 -34.84 -23.65 13.07
N THR D 303 -35.18 -22.66 13.88
CA THR D 303 -34.33 -22.27 15.00
C THR D 303 -34.23 -23.36 16.05
N THR D 304 -35.29 -24.17 16.22
CA THR D 304 -35.33 -25.23 17.23
C THR D 304 -34.69 -26.52 16.74
N MET D 305 -33.79 -26.46 15.76
CA MET D 305 -33.16 -27.64 15.19
C MET D 305 -31.83 -27.98 15.85
N TYR D 306 -31.44 -27.25 16.90
CA TYR D 306 -30.18 -27.55 17.57
C TYR D 306 -30.23 -28.92 18.24
N PRO D 307 -29.10 -29.63 18.29
CA PRO D 307 -29.08 -30.91 19.01
C PRO D 307 -29.34 -30.71 20.50
N GLY D 308 -30.11 -31.64 21.07
CA GLY D 308 -30.39 -31.60 22.49
C GLY D 308 -31.36 -30.53 22.93
N ILE D 309 -32.05 -29.86 22.00
CA ILE D 309 -32.97 -28.79 22.39
C ILE D 309 -34.17 -29.38 23.12
N ALA D 310 -34.64 -30.56 22.72
CA ALA D 310 -35.79 -31.17 23.36
C ALA D 310 -35.49 -31.56 24.80
N ASP D 311 -34.31 -32.13 25.04
CA ASP D 311 -33.95 -32.54 26.39
C ASP D 311 -33.82 -31.34 27.32
N ARG D 312 -33.21 -30.26 26.84
CA ARG D 312 -33.14 -29.03 27.64
C ARG D 312 -34.53 -28.46 27.91
N MET D 313 -35.38 -28.43 26.88
CA MET D 313 -36.73 -27.93 27.05
C MET D 313 -37.54 -28.82 27.99
N GLN D 314 -37.36 -30.14 27.87
CA GLN D 314 -38.07 -31.06 28.75
C GLN D 314 -37.67 -30.84 30.21
N LYS D 315 -36.38 -30.66 30.46
CA LYS D 315 -35.91 -30.40 31.82
C LYS D 315 -36.43 -29.04 32.32
N GLU D 316 -36.43 -28.03 31.45
CA GLU D 316 -36.86 -26.70 31.86
C GLU D 316 -38.33 -26.69 32.24
N ILE D 317 -39.20 -27.22 31.38
CA ILE D 317 -40.63 -27.19 31.64
C ILE D 317 -40.96 -28.04 32.87
N THR D 318 -40.25 -29.14 33.08
CA THR D 318 -40.50 -29.98 34.26
C THR D 318 -40.21 -29.20 35.54
N ALA D 319 -39.28 -28.25 35.49
CA ALA D 319 -38.99 -27.43 36.66
C ALA D 319 -40.19 -26.56 37.02
N LEU D 320 -40.81 -25.94 36.03
CA LEU D 320 -42.04 -25.17 36.24
C LEU D 320 -43.24 -26.03 35.89
N ALA D 321 -43.40 -27.10 36.66
CA ALA D 321 -44.47 -28.07 36.46
C ALA D 321 -44.99 -28.48 37.82
N PRO D 322 -46.23 -28.97 37.90
CA PRO D 322 -46.77 -29.43 39.19
C PRO D 322 -46.11 -30.71 39.72
N SER D 323 -45.09 -31.23 39.04
CA SER D 323 -44.33 -32.41 39.40
C SER D 323 -45.16 -33.69 39.38
N THR D 324 -46.42 -33.63 38.95
CA THR D 324 -47.26 -34.80 38.82
C THR D 324 -47.76 -35.04 37.40
N MET D 325 -47.92 -33.99 36.60
CA MET D 325 -48.33 -34.15 35.21
C MET D 325 -47.15 -34.56 34.35
N LYS D 326 -47.45 -35.21 33.23
CA LYS D 326 -46.42 -35.72 32.32
C LYS D 326 -46.10 -34.62 31.31
N ILE D 327 -44.84 -34.22 31.25
CA ILE D 327 -44.38 -33.21 30.30
C ILE D 327 -43.69 -33.91 29.15
N LYS D 328 -44.21 -33.72 27.94
CA LYS D 328 -43.65 -34.34 26.75
C LYS D 328 -43.58 -33.32 25.63
N ILE D 329 -42.44 -33.27 24.95
CA ILE D 329 -42.22 -32.36 23.83
C ILE D 329 -42.14 -33.17 22.54
N ILE D 330 -42.82 -32.70 21.51
CA ILE D 330 -42.83 -33.35 20.21
C ILE D 330 -41.89 -32.59 19.28
N ALA D 331 -40.87 -33.27 18.78
CA ALA D 331 -39.88 -32.68 17.88
C ALA D 331 -39.74 -33.56 16.65
N PRO D 332 -40.64 -33.42 15.67
CA PRO D 332 -40.56 -34.25 14.48
C PRO D 332 -39.31 -33.95 13.69
N PRO D 333 -38.74 -34.94 13.00
CA PRO D 333 -37.53 -34.70 12.18
C PRO D 333 -37.74 -33.71 11.05
N GLU D 334 -38.97 -33.51 10.59
CA GLU D 334 -39.28 -32.59 9.51
C GLU D 334 -39.77 -31.24 10.02
N ARG D 335 -39.37 -30.86 11.23
CA ARG D 335 -39.88 -29.64 11.86
C ARG D 335 -39.45 -28.37 11.13
N LYS D 336 -38.45 -28.46 10.24
CA LYS D 336 -38.03 -27.28 9.48
C LYS D 336 -39.06 -26.88 8.44
N TYR D 337 -39.80 -27.83 7.88
CA TYR D 337 -40.81 -27.55 6.87
C TYR D 337 -42.21 -27.92 7.35
N SER D 338 -42.44 -27.93 8.65
CA SER D 338 -43.73 -28.36 9.19
C SER D 338 -44.84 -27.38 8.80
N VAL D 339 -44.51 -26.09 8.74
CA VAL D 339 -45.52 -25.09 8.38
C VAL D 339 -46.04 -25.33 6.97
N TRP D 340 -45.12 -25.61 6.03
CA TRP D 340 -45.54 -25.85 4.66
C TRP D 340 -46.21 -27.21 4.51
N ILE D 341 -45.72 -28.22 5.22
CA ILE D 341 -46.31 -29.56 5.14
C ILE D 341 -47.75 -29.53 5.62
N GLY D 342 -48.01 -28.83 6.73
CA GLY D 342 -49.38 -28.69 7.20
C GLY D 342 -50.25 -27.92 6.23
N GLY D 343 -49.69 -26.87 5.62
CA GLY D 343 -50.43 -26.12 4.62
C GLY D 343 -50.74 -26.94 3.39
N SER D 344 -49.80 -27.80 2.98
CA SER D 344 -50.05 -28.68 1.83
C SER D 344 -51.18 -29.65 2.12
N ILE D 345 -51.20 -30.22 3.33
CA ILE D 345 -52.27 -31.16 3.70
C ILE D 345 -53.61 -30.45 3.73
N LEU D 346 -53.66 -29.24 4.31
CA LEU D 346 -54.91 -28.49 4.38
C LEU D 346 -55.43 -28.15 2.99
N ALA D 347 -54.53 -27.74 2.09
CA ALA D 347 -54.95 -27.43 0.73
C ALA D 347 -55.46 -28.67 0.01
N SER D 348 -54.83 -29.82 0.24
CA SER D 348 -55.25 -31.05 -0.42
C SER D 348 -56.63 -31.51 0.07
N LEU D 349 -57.08 -31.02 1.22
CA LEU D 349 -58.37 -31.43 1.75
C LEU D 349 -59.50 -30.93 0.87
N SER D 350 -60.39 -31.84 0.47
CA SER D 350 -61.53 -31.46 -0.36
C SER D 350 -62.51 -30.59 0.40
N THR D 351 -62.69 -30.85 1.70
CA THR D 351 -63.60 -30.04 2.50
C THR D 351 -63.10 -28.60 2.63
N PHE D 352 -61.78 -28.40 2.55
CA PHE D 352 -61.21 -27.07 2.63
C PHE D 352 -61.40 -26.26 1.35
N GLN D 353 -61.75 -26.92 0.25
CA GLN D 353 -61.88 -26.23 -1.03
C GLN D 353 -63.05 -25.26 -1.08
N GLN D 354 -63.96 -25.30 -0.09
CA GLN D 354 -65.02 -24.32 -0.03
C GLN D 354 -64.54 -22.98 0.50
N MET D 355 -63.42 -22.96 1.23
CA MET D 355 -62.88 -21.73 1.82
C MET D 355 -61.77 -21.19 0.92
N TRP D 356 -62.14 -20.23 0.08
CA TRP D 356 -61.17 -19.51 -0.75
C TRP D 356 -61.74 -18.12 -1.01
N ILE D 357 -60.96 -17.08 -0.69
CA ILE D 357 -61.39 -15.71 -0.94
C ILE D 357 -61.35 -15.49 -2.45
N THR D 358 -62.52 -15.40 -3.07
CA THR D 358 -62.62 -15.32 -4.50
C THR D 358 -62.44 -13.88 -4.99
N LYS D 359 -62.14 -13.75 -6.30
CA LYS D 359 -61.74 -12.46 -6.85
C LYS D 359 -62.87 -11.42 -6.82
N GLN D 360 -64.08 -11.80 -7.25
CA GLN D 360 -65.18 -10.83 -7.24
C GLN D 360 -65.57 -10.45 -5.82
N GLU D 361 -65.43 -11.37 -4.86
CA GLU D 361 -65.58 -10.96 -3.47
C GLU D 361 -64.53 -9.95 -3.05
N TYR D 362 -63.37 -9.95 -3.70
CA TYR D 362 -62.36 -8.92 -3.42
C TYR D 362 -62.73 -7.60 -4.09
N ASP D 363 -63.31 -7.65 -5.29
CA ASP D 363 -63.58 -6.44 -6.06
C ASP D 363 -64.99 -5.90 -5.83
N GLU D 364 -66.01 -6.73 -6.03
CA GLU D 364 -67.38 -6.27 -5.84
C GLU D 364 -67.64 -5.88 -4.39
N ALA D 365 -66.90 -6.46 -3.45
CA ALA D 365 -66.94 -6.08 -2.05
C ALA D 365 -65.62 -5.39 -1.69
N GLY D 366 -65.48 -5.07 -0.41
CA GLY D 366 -64.29 -4.42 0.08
C GLY D 366 -63.08 -5.33 0.05
N PRO D 367 -61.88 -4.75 0.00
CA PRO D 367 -60.67 -5.57 0.04
C PRO D 367 -60.50 -6.34 1.33
N SER D 368 -61.19 -5.94 2.39
CA SER D 368 -61.16 -6.61 3.69
C SER D 368 -61.97 -7.90 3.71
N ILE D 369 -62.42 -8.40 2.56
CA ILE D 369 -63.21 -9.63 2.52
C ILE D 369 -62.39 -10.81 3.02
N VAL D 370 -61.06 -10.74 2.90
CA VAL D 370 -60.20 -11.80 3.41
C VAL D 370 -60.34 -11.93 4.93
N HIS D 371 -60.48 -10.80 5.62
CA HIS D 371 -60.67 -10.82 7.07
C HIS D 371 -62.07 -11.30 7.43
PB ADP E . 4.47 -0.49 -22.91
O1B ADP E . 4.45 -0.90 -21.46
O2B ADP E . 3.29 -1.01 -23.71
O3B ADP E . 4.81 0.96 -23.15
PA ADP E . 5.67 -2.89 -23.73
O1A ADP E . 4.65 -3.43 -22.76
O2A ADP E . 5.54 -3.19 -25.20
O3A ADP E . 5.72 -1.29 -23.54
O5' ADP E . 7.15 -3.34 -23.25
C5' ADP E . 8.07 -2.36 -22.79
C4' ADP E . 9.23 -3.01 -22.03
O4' ADP E . 9.13 -4.44 -22.04
C3' ADP E . 10.57 -2.67 -22.64
O3' ADP E . 11.22 -1.66 -21.88
C2' ADP E . 11.37 -3.95 -22.60
O2' ADP E . 12.53 -3.78 -21.77
C1' ADP E . 10.45 -4.99 -21.99
N9 ADP E . 10.53 -6.27 -22.74
C8 ADP E . 10.04 -6.50 -23.96
N7 ADP E . 10.29 -7.78 -24.36
C5 ADP E . 10.95 -8.37 -23.36
C6 ADP E . 11.52 -9.73 -23.13
N6 ADP E . 11.42 -10.71 -24.06
N1 ADP E . 12.15 -9.95 -21.95
C2 ADP E . 12.25 -8.99 -21.02
N3 ADP E . 11.75 -7.74 -21.16
C4 ADP E . 11.12 -7.38 -22.30
MG MG F . 1.08 -0.97 -21.63
P PO4 G . 2.52 1.52 -19.41
O1 PO4 G . 1.16 2.02 -18.82
O2 PO4 G . 2.29 0.94 -20.86
O3 PO4 G . 3.52 2.72 -19.49
O4 PO4 G . 3.11 0.39 -18.50
PB ADP H . 44.11 12.47 -8.20
O1B ADP H . 43.61 12.19 -6.81
O2B ADP H . 43.02 12.74 -9.20
O3B ADP H . 45.17 11.50 -8.69
PA ADP H . 44.25 15.14 -7.33
O1A ADP H . 42.81 14.80 -7.02
O2A ADP H . 45.19 15.55 -6.22
O3A ADP H . 44.90 13.87 -8.08
O5' ADP H . 44.28 16.28 -8.46
C5' ADP H . 44.79 15.99 -9.77
C4' ADP H . 44.39 17.10 -10.75
O4' ADP H . 44.08 18.32 -10.08
C3' ADP H . 45.51 17.41 -11.73
O3' ADP H . 45.21 16.84 -13.00
C2' ADP H . 45.55 18.91 -11.83
O2' ADP H . 45.35 19.32 -13.19
C1' ADP H . 44.40 19.40 -10.96
N9 ADP H . 44.80 20.62 -10.21
C8 ADP H . 45.57 20.67 -9.11
N7 ADP H . 45.74 21.94 -8.67
C5 ADP H . 45.07 22.75 -9.52
C6 ADP H . 44.83 24.21 -9.64
N6 ADP H . 45.37 25.08 -8.76
N1 ADP H . 44.07 24.63 -10.68
C2 ADP H . 43.54 23.77 -11.56
N3 ADP H . 43.71 22.44 -11.51
C4 ADP H . 44.45 21.87 -10.53
MG MG I . 41.57 11.57 -5.85
P PO4 J . 40.72 9.51 -9.17
O1 PO4 J . 40.11 8.26 -8.46
O2 PO4 J . 41.89 10.10 -8.29
O3 PO4 J . 41.29 9.09 -10.57
O4 PO4 J . 39.62 10.60 -9.35
PB ADP K . -4.81 7.56 19.23
O1B ADP K . -5.22 7.67 20.68
O2B ADP K . -5.95 7.28 18.29
O3B ADP K . -3.58 6.73 18.98
PA ADP K . -5.31 10.32 19.10
O1A ADP K . -6.65 9.78 19.56
O2A ADP K . -4.58 11.32 19.96
O3A ADP K . -4.34 9.06 18.85
O5' ADP K . -5.47 10.94 17.63
C5' ADP K . -4.71 10.41 16.54
C4' ADP K . -5.28 10.88 15.21
O4' ADP K . -5.89 12.17 15.34
C3' ADP K . -4.18 11.04 14.16
O3' ADP K . -4.24 9.95 13.23
C2' ADP K . -4.50 12.34 13.44
O2' ADP K . -4.74 12.09 12.06
C1' ADP K . -5.76 12.88 14.11
N9 ADP K . -5.63 14.34 14.34
C8 ADP K . -4.87 14.92 15.29
N7 ADP K . -4.98 16.28 15.24
C5 ADP K . -5.83 16.57 14.24
C6 ADP K . -6.39 17.81 13.65
N6 ADP K . -6.05 19.04 14.13
N1 ADP K . -7.24 17.68 12.61
C2 ADP K . -7.59 16.47 12.13
N3 ADP K . -7.11 15.31 12.61
C4 ADP K . -6.25 15.29 13.65
MG MG L . -7.09 6.62 22.08
P PO4 M . -7.76 4.17 19.51
O1 PO4 M . -9.30 3.89 19.61
O2 PO4 M . -7.33 5.17 20.64
O3 PO4 M . -6.97 2.82 19.70
O4 PO4 M . -7.42 4.78 18.11
MG MG N . -42.02 -19.51 8.76
PG ATP O . -40.29 -17.03 10.06
O1G ATP O . -41.55 -17.52 9.44
O2G ATP O . -39.96 -15.58 9.68
O3G ATP O . -40.26 -17.17 11.57
PB ATP O . -38.51 -18.59 8.22
O1B ATP O . -39.57 -19.36 7.55
O2B ATP O . -37.84 -17.52 7.37
O3B ATP O . -39.04 -17.87 9.54
PA ATP O . -37.17 -21.08 9.08
O1A ATP O . -37.20 -21.88 7.85
O2A ATP O . -38.22 -21.48 10.13
O3A ATP O . -37.36 -19.53 8.79
O5' ATP O . -35.75 -21.14 9.76
C5' ATP O . -34.61 -20.48 9.16
C4' ATP O . -33.74 -19.92 10.25
O4' ATP O . -33.23 -21.00 11.08
C3' ATP O . -32.51 -19.15 9.78
O3' ATP O . -32.16 -18.12 10.70
C2' ATP O . -31.44 -20.25 9.73
O2' ATP O . -30.13 -19.71 9.89
C1' ATP O . -31.82 -21.10 10.93
N9 ATP O . -31.48 -22.51 10.79
C8 ATP O . -31.75 -23.33 9.73
N7 ATP O . -31.32 -24.56 9.87
C5 ATP O . -30.73 -24.55 11.13
C6 ATP O . -30.08 -25.55 11.87
N6 ATP O . -29.91 -26.81 11.46
N1 ATP O . -29.59 -25.21 13.09
C2 ATP O . -29.74 -23.95 13.52
N3 ATP O . -30.34 -22.93 12.89
C4 ATP O . -30.81 -23.29 11.70
#